data_1K8L
# 
_entry.id   1K8L 
# 
_audit_conform.dict_name       mmcif_pdbx.dic 
_audit_conform.dict_version    5.392 
_audit_conform.dict_location   http://mmcif.pdb.org/dictionaries/ascii/mmcif_pdbx.dic 
# 
loop_
_database_2.database_id 
_database_2.database_code 
_database_2.pdbx_database_accession 
_database_2.pdbx_DOI 
PDB   1K8L         pdb_00001k8l 10.2210/pdb1k8l/pdb 
RCSB  RCSB014695   ?            ?                   
WWPDB D_1000014695 ?            ?                   
# 
loop_
_pdbx_audit_revision_history.ordinal 
_pdbx_audit_revision_history.data_content_type 
_pdbx_audit_revision_history.major_revision 
_pdbx_audit_revision_history.minor_revision 
_pdbx_audit_revision_history.revision_date 
1 'Structure model' 1 0 2003-04-15 
2 'Structure model' 1 1 2008-04-27 
3 'Structure model' 1 2 2011-07-13 
4 'Structure model' 1 3 2022-02-23 
5 'Structure model' 1 4 2022-06-22 
6 'Structure model' 1 5 2024-05-22 
# 
_pdbx_audit_revision_details.ordinal             1 
_pdbx_audit_revision_details.revision_ordinal    1 
_pdbx_audit_revision_details.data_content_type   'Structure model' 
_pdbx_audit_revision_details.provider            repository 
_pdbx_audit_revision_details.type                'Initial release' 
_pdbx_audit_revision_details.description         ? 
_pdbx_audit_revision_details.details             ? 
# 
loop_
_pdbx_audit_revision_group.ordinal 
_pdbx_audit_revision_group.revision_ordinal 
_pdbx_audit_revision_group.data_content_type 
_pdbx_audit_revision_group.group 
1 2 'Structure model' 'Version format compliance' 
2 3 'Structure model' 'Version format compliance' 
3 4 'Structure model' 'Data collection'           
4 4 'Structure model' 'Database references'       
5 4 'Structure model' 'Derived calculations'      
6 5 'Structure model' 'Derived calculations'      
7 6 'Structure model' 'Data collection'           
# 
loop_
_pdbx_audit_revision_category.ordinal 
_pdbx_audit_revision_category.revision_ordinal 
_pdbx_audit_revision_category.data_content_type 
_pdbx_audit_revision_category.category 
1 4 'Structure model' chem_comp               
2 4 'Structure model' database_2              
3 4 'Structure model' pdbx_nmr_software       
4 4 'Structure model' pdbx_struct_assembly    
5 4 'Structure model' pdbx_struct_oper_list   
6 4 'Structure model' struct_conn             
7 5 'Structure model' pdbx_struct_mod_residue 
8 6 'Structure model' chem_comp_atom          
9 6 'Structure model' chem_comp_bond          
# 
loop_
_pdbx_audit_revision_item.ordinal 
_pdbx_audit_revision_item.revision_ordinal 
_pdbx_audit_revision_item.data_content_type 
_pdbx_audit_revision_item.item 
1 4 'Structure model' '_chem_comp.type'                         
2 4 'Structure model' '_database_2.pdbx_DOI'                    
3 4 'Structure model' '_database_2.pdbx_database_accession'     
4 4 'Structure model' '_pdbx_nmr_software.name'                 
5 4 'Structure model' '_struct_conn.pdbx_leaving_atom_flag'     
6 5 'Structure model' '_pdbx_struct_mod_residue.parent_comp_id' 
# 
_pdbx_database_status.status_code                     REL 
_pdbx_database_status.entry_id                        1K8L 
_pdbx_database_status.recvd_initial_deposition_date   2001-10-24 
_pdbx_database_status.deposit_site                    RCSB 
_pdbx_database_status.process_site                    RCSB 
_pdbx_database_status.status_code_mr                  REL 
_pdbx_database_status.status_code_sf                  ? 
_pdbx_database_status.SG_entry                        ? 
_pdbx_database_status.pdb_format_compatible           Y 
_pdbx_database_status.status_code_cs                  ? 
_pdbx_database_status.status_code_nmr_data            ? 
_pdbx_database_status.methods_development_category    ? 
# 
loop_
_pdbx_database_related.db_name 
_pdbx_database_related.db_id 
_pdbx_database_related.details 
_pdbx_database_related.content_type 
PDB 1K8J 'NMR Structure of CK14, the non-thioated analog of XBY6'      unspecified 
PDB 1K8N 'NMR Structure of CK14, an analog with 2 phosphorodithioates' unspecified 
# 
loop_
_audit_author.name 
_audit_author.pdbx_ordinal 
'Volk, D.E.'        1 
'Yang, X.'          2 
'Fennewald, S.M.'   3 
'King, D.J.'        4 
'Bassett, S.E.'     5 
'Venkitachalam, S.' 6 
'Herzog, N.'        7 
'Luxon, B.A.'       8 
'Gorenstein, D.G.'  9 
# 
_citation.id                        primary 
_citation.title                     
'Solution structure and design of dithiophosphate backbone aptamers targeting transcription factor NF-kappaB' 
_citation.journal_abbrev            Bioorg.Chem. 
_citation.journal_volume            30 
_citation.page_first                396 
_citation.page_last                 419 
_citation.year                      2002 
_citation.journal_id_ASTM           BOCMBM 
_citation.country                   US 
_citation.journal_id_ISSN           0045-2068 
_citation.journal_id_CSD            0368 
_citation.book_publisher            ? 
_citation.pdbx_database_id_PubMed   12642125 
_citation.pdbx_database_id_DOI      '10.1016/S0045-2068(02)00510-2' 
# 
loop_
_citation_author.citation_id 
_citation_author.name 
_citation_author.ordinal 
_citation_author.identifier_ORCID 
primary 'Volk, D.E.'        1 ? 
primary 'Yang, X.'          2 ? 
primary 'Fennewald, S.M.'   3 ? 
primary 'King, D.J.'        4 ? 
primary 'Bassett, S.E.'     5 ? 
primary 'Venkitachalam, S.' 6 ? 
primary 'Herzog, N.'        7 ? 
primary 'Luxon, B.A.'       8 ? 
primary 'Gorenstein, D.G.'  9 ? 
# 
loop_
_entity.id 
_entity.type 
_entity.src_method 
_entity.pdbx_description 
_entity.formula_weight 
_entity.pdbx_number_of_molecules 
_entity.pdbx_ec 
_entity.pdbx_mutation 
_entity.pdbx_fragment 
_entity.details 
1 polymer syn 'FIRST STRAND OF CK14 DNA DUPLEX'  4314.044 1 ? 'DITHIOATED AT T10, C11'           'DITHIOATED AT T10, C11' 
'CK14 IS A SUBUNIT OF THE NF-KB BINDING SITE CK1' 
2 polymer syn 'SECOND STRAND OF CK14 DNA DUPLEX' 4440.326 1 ? 'DITHIOATED AT G17, C22, C24, G27' 
'DITHIOATED AT G17, C22, C24, G27' 'CK14 IS A SUBUNIT OF THE NF-KB BINDING SITE CK1' 
# 
loop_
_entity_poly.entity_id 
_entity_poly.type 
_entity_poly.nstd_linkage 
_entity_poly.nstd_monomer 
_entity_poly.pdbx_seq_one_letter_code 
_entity_poly.pdbx_seq_one_letter_code_can 
_entity_poly.pdbx_strand_id 
_entity_poly.pdbx_target_identifier 
1 polydeoxyribonucleotide no yes '(DC)(DC)(DA)(DG)(DG)(DA)(DG)(DA)(DT)(T2S)(C2S)(DC)(DA)(DC)'   CCAGGAGATTCCAC A ? 
2 polydeoxyribonucleotide no yes '(DG)(DT)(G2S)(DG)(DA)(DA)(DT)(C2S)(DT)(C2S)(DC)(DT)(G2S)(DG)' GTGGAATCTCCTGG B ? 
# 
loop_
_entity_poly_seq.entity_id 
_entity_poly_seq.num 
_entity_poly_seq.mon_id 
_entity_poly_seq.hetero 
1 1  DC  n 
1 2  DC  n 
1 3  DA  n 
1 4  DG  n 
1 5  DG  n 
1 6  DA  n 
1 7  DG  n 
1 8  DA  n 
1 9  DT  n 
1 10 T2S n 
1 11 C2S n 
1 12 DC  n 
1 13 DA  n 
1 14 DC  n 
2 1  DG  n 
2 2  DT  n 
2 3  G2S n 
2 4  DG  n 
2 5  DA  n 
2 6  DA  n 
2 7  DT  n 
2 8  C2S n 
2 9  DT  n 
2 10 C2S n 
2 11 DC  n 
2 12 DT  n 
2 13 G2S n 
2 14 DG  n 
# 
loop_
_pdbx_entity_src_syn.entity_id 
_pdbx_entity_src_syn.pdbx_src_id 
_pdbx_entity_src_syn.pdbx_alt_source_flag 
_pdbx_entity_src_syn.pdbx_beg_seq_num 
_pdbx_entity_src_syn.pdbx_end_seq_num 
_pdbx_entity_src_syn.organism_scientific 
_pdbx_entity_src_syn.organism_common_name 
_pdbx_entity_src_syn.ncbi_taxonomy_id 
_pdbx_entity_src_syn.details 
1 1 sample ? ? ? ? ? 'SYNTHESIZED WITH BOTH NORMAL PHOSPHOROAMIDITE CHEMISTRY AND THIOPHOSPHORAMIDITE CHEMISTRY' 
2 1 sample ? ? ? ? ? 'SYNTHESIZED WITH BOTH NORMAL PHOSPHOROAMIDITE CHEMISTRY AND THIOPHOSPHORAMIDITE CHEMISTRY' 
# 
loop_
_chem_comp.id 
_chem_comp.type 
_chem_comp.mon_nstd_flag 
_chem_comp.name 
_chem_comp.pdbx_synonyms 
_chem_comp.formula 
_chem_comp.formula_weight 
C2S 'DNA linking' n "CYTIDINE-5'-DITHIOPHOSPHORATE"      ? 'C9 H14 N3 O5 P S2'  339.328 
DA  'DNA linking' y "2'-DEOXYADENOSINE-5'-MONOPHOSPHATE" ? 'C10 H14 N5 O6 P'    331.222 
DC  'DNA linking' y "2'-DEOXYCYTIDINE-5'-MONOPHOSPHATE"  ? 'C9 H14 N3 O7 P'     307.197 
DG  'DNA linking' y "2'-DEOXYGUANOSINE-5'-MONOPHOSPHATE" ? 'C10 H14 N5 O7 P'    347.221 
DT  'DNA linking' y "THYMIDINE-5'-MONOPHOSPHATE"         ? 'C10 H15 N2 O8 P'    322.208 
G2S 'DNA linking' n "GUANOSINE-5'-DITHIOPHOSPHORATE"     ? 'C10 H14 N5 O5 P S2' 379.352 
T2S 'DNA linking' n "THYMIDINE-5'-DITHIOPHOSPHORATE"     ? 'C10 H15 N2 O6 P S2' 354.340 
# 
loop_
_pdbx_poly_seq_scheme.asym_id 
_pdbx_poly_seq_scheme.entity_id 
_pdbx_poly_seq_scheme.seq_id 
_pdbx_poly_seq_scheme.mon_id 
_pdbx_poly_seq_scheme.ndb_seq_num 
_pdbx_poly_seq_scheme.pdb_seq_num 
_pdbx_poly_seq_scheme.auth_seq_num 
_pdbx_poly_seq_scheme.pdb_mon_id 
_pdbx_poly_seq_scheme.auth_mon_id 
_pdbx_poly_seq_scheme.pdb_strand_id 
_pdbx_poly_seq_scheme.pdb_ins_code 
_pdbx_poly_seq_scheme.hetero 
A 1 1  DC  1  1  1  DC  C   A . n 
A 1 2  DC  2  2  2  DC  C   A . n 
A 1 3  DA  3  3  3  DA  A   A . n 
A 1 4  DG  4  4  4  DG  G   A . n 
A 1 5  DG  5  5  5  DG  G   A . n 
A 1 6  DA  6  6  6  DA  A   A . n 
A 1 7  DG  7  7  7  DG  G   A . n 
A 1 8  DA  8  8  8  DA  A   A . n 
A 1 9  DT  9  9  9  DT  T   A . n 
A 1 10 T2S 10 10 10 T2S T2S A . n 
A 1 11 C2S 11 11 11 C2S C2S A . n 
A 1 12 DC  12 12 12 DC  C   A . n 
A 1 13 DA  13 13 13 DA  A   A . n 
A 1 14 DC  14 14 14 DC  C   A . n 
B 2 1  DG  1  15 15 DG  G   B . n 
B 2 2  DT  2  16 16 DT  T   B . n 
B 2 3  G2S 3  17 17 G2S G2S B . n 
B 2 4  DG  4  18 18 DG  G   B . n 
B 2 5  DA  5  19 19 DA  A   B . n 
B 2 6  DA  6  20 20 DA  A   B . n 
B 2 7  DT  7  21 21 DT  T   B . n 
B 2 8  C2S 8  22 22 C2S C2S B . n 
B 2 9  DT  9  23 23 DT  T   B . n 
B 2 10 C2S 10 24 24 C2S C2S B . n 
B 2 11 DC  11 25 25 DC  C   B . n 
B 2 12 DT  12 26 26 DT  T   B . n 
B 2 13 G2S 13 27 27 G2S G2S B . n 
B 2 14 DG  14 28 28 DG  G   B . n 
# 
_exptl.entry_id          1K8L 
_exptl.method            'SOLUTION NMR' 
_exptl.crystals_number   ? 
# 
_struct.entry_id                  1K8L 
_struct.title                     'XBY6: An analog of CK14 containing 6 dithiophosphate groups' 
_struct.pdbx_model_details        ? 
_struct.pdbx_CASP_flag            ? 
_struct.pdbx_model_type_details   'minimized average' 
# 
_struct_keywords.entry_id        1K8L 
_struct_keywords.pdbx_keywords   DNA 
_struct_keywords.text            'XBY6, CK14, CK1, PHOSPHORODITHIOATE, NF-KB, DNA' 
# 
loop_
_struct_asym.id 
_struct_asym.pdbx_blank_PDB_chainid_flag 
_struct_asym.pdbx_modified 
_struct_asym.entity_id 
_struct_asym.details 
A N N 1 ? 
B N N 2 ? 
# 
loop_
_struct_ref.id 
_struct_ref.entity_id 
_struct_ref.db_name 
_struct_ref.db_code 
_struct_ref.pdbx_db_accession 
_struct_ref.pdbx_db_isoform 
_struct_ref.pdbx_seq_one_letter_code 
_struct_ref.pdbx_align_begin 
1 1 PDB 1K8L 1K8L ? ? ? 
2 2 PDB 1K8L 1K8L ? ? ? 
# 
loop_
_struct_ref_seq.align_id 
_struct_ref_seq.ref_id 
_struct_ref_seq.pdbx_PDB_id_code 
_struct_ref_seq.pdbx_strand_id 
_struct_ref_seq.seq_align_beg 
_struct_ref_seq.pdbx_seq_align_beg_ins_code 
_struct_ref_seq.seq_align_end 
_struct_ref_seq.pdbx_seq_align_end_ins_code 
_struct_ref_seq.pdbx_db_accession 
_struct_ref_seq.db_align_beg 
_struct_ref_seq.pdbx_db_align_beg_ins_code 
_struct_ref_seq.db_align_end 
_struct_ref_seq.pdbx_db_align_end_ins_code 
_struct_ref_seq.pdbx_auth_seq_align_beg 
_struct_ref_seq.pdbx_auth_seq_align_end 
1 1 1K8L A 1 ? 14 ? 1K8L 1  ? 14 ? 1  14 
2 2 1K8L B 1 ? 14 ? 1K8L 15 ? 28 ? 15 28 
# 
_pdbx_struct_assembly.id                   1 
_pdbx_struct_assembly.details              author_defined_assembly 
_pdbx_struct_assembly.method_details       ? 
_pdbx_struct_assembly.oligomeric_details   dimeric 
_pdbx_struct_assembly.oligomeric_count     2 
# 
_pdbx_struct_assembly_gen.assembly_id       1 
_pdbx_struct_assembly_gen.oper_expression   1 
_pdbx_struct_assembly_gen.asym_id_list      A,B 
# 
_pdbx_struct_oper_list.id                   1 
_pdbx_struct_oper_list.type                 'identity operation' 
_pdbx_struct_oper_list.name                 1_555 
_pdbx_struct_oper_list.symmetry_operation   x,y,z 
_pdbx_struct_oper_list.matrix[1][1]         1.0000000000 
_pdbx_struct_oper_list.matrix[1][2]         0.0000000000 
_pdbx_struct_oper_list.matrix[1][3]         0.0000000000 
_pdbx_struct_oper_list.vector[1]            0.0000000000 
_pdbx_struct_oper_list.matrix[2][1]         0.0000000000 
_pdbx_struct_oper_list.matrix[2][2]         1.0000000000 
_pdbx_struct_oper_list.matrix[2][3]         0.0000000000 
_pdbx_struct_oper_list.vector[2]            0.0000000000 
_pdbx_struct_oper_list.matrix[3][1]         0.0000000000 
_pdbx_struct_oper_list.matrix[3][2]         0.0000000000 
_pdbx_struct_oper_list.matrix[3][3]         1.0000000000 
_pdbx_struct_oper_list.vector[3]            0.0000000000 
# 
_struct_biol.id   1 
# 
loop_
_struct_conn.id 
_struct_conn.conn_type_id 
_struct_conn.pdbx_leaving_atom_flag 
_struct_conn.pdbx_PDB_id 
_struct_conn.ptnr1_label_asym_id 
_struct_conn.ptnr1_label_comp_id 
_struct_conn.ptnr1_label_seq_id 
_struct_conn.ptnr1_label_atom_id 
_struct_conn.pdbx_ptnr1_label_alt_id 
_struct_conn.pdbx_ptnr1_PDB_ins_code 
_struct_conn.pdbx_ptnr1_standard_comp_id 
_struct_conn.ptnr1_symmetry 
_struct_conn.ptnr2_label_asym_id 
_struct_conn.ptnr2_label_comp_id 
_struct_conn.ptnr2_label_seq_id 
_struct_conn.ptnr2_label_atom_id 
_struct_conn.pdbx_ptnr2_label_alt_id 
_struct_conn.pdbx_ptnr2_PDB_ins_code 
_struct_conn.ptnr1_auth_asym_id 
_struct_conn.ptnr1_auth_comp_id 
_struct_conn.ptnr1_auth_seq_id 
_struct_conn.ptnr2_auth_asym_id 
_struct_conn.ptnr2_auth_comp_id 
_struct_conn.ptnr2_auth_seq_id 
_struct_conn.ptnr2_symmetry 
_struct_conn.pdbx_ptnr3_label_atom_id 
_struct_conn.pdbx_ptnr3_label_seq_id 
_struct_conn.pdbx_ptnr3_label_comp_id 
_struct_conn.pdbx_ptnr3_label_asym_id 
_struct_conn.pdbx_ptnr3_label_alt_id 
_struct_conn.pdbx_ptnr3_PDB_ins_code 
_struct_conn.details 
_struct_conn.pdbx_dist_value 
_struct_conn.pdbx_value_order 
_struct_conn.pdbx_role 
covale1  covale both ? A DT  9  "O3'" ? ? ? 1_555 A T2S 10 P  ? ? A DT  9  A T2S 10 1_555 ? ? ? ? ? ? ?            1.623 ? ? 
covale2  covale both ? A T2S 10 "O3'" ? ? ? 1_555 A C2S 11 P  ? ? A T2S 10 A C2S 11 1_555 ? ? ? ? ? ? ?            1.618 ? ? 
covale3  covale both ? A C2S 11 "O3'" ? ? ? 1_555 A DC  12 P  ? ? A C2S 11 A DC  12 1_555 ? ? ? ? ? ? ?            1.618 ? ? 
covale4  covale both ? B DT  2  "O3'" ? ? ? 1_555 B G2S 3  P  ? ? B DT  16 B G2S 17 1_555 ? ? ? ? ? ? ?            1.617 ? ? 
covale5  covale both ? B G2S 3  "O3'" ? ? ? 1_555 B DG  4  P  ? ? B G2S 17 B DG  18 1_555 ? ? ? ? ? ? ?            1.616 ? ? 
covale6  covale both ? B DT  7  "O3'" ? ? ? 1_555 B C2S 8  P  ? ? B DT  21 B C2S 22 1_555 ? ? ? ? ? ? ?            1.622 ? ? 
covale7  covale both ? B C2S 8  "O3'" ? ? ? 1_555 B DT  9  P  ? ? B C2S 22 B DT  23 1_555 ? ? ? ? ? ? ?            1.616 ? ? 
covale8  covale both ? B DT  9  "O3'" ? ? ? 1_555 B C2S 10 P  ? ? B DT  23 B C2S 24 1_555 ? ? ? ? ? ? ?            1.620 ? ? 
covale9  covale both ? B C2S 10 "O3'" ? ? ? 1_555 B DC  11 P  ? ? B C2S 24 B DC  25 1_555 ? ? ? ? ? ? ?            1.617 ? ? 
covale10 covale both ? B DT  12 "O3'" ? ? ? 1_555 B G2S 13 P  ? ? B DT  26 B G2S 27 1_555 ? ? ? ? ? ? ?            1.617 ? ? 
covale11 covale both ? B G2S 13 "O3'" ? ? ? 1_555 B DG  14 P  ? ? B G2S 27 B DG  28 1_555 ? ? ? ? ? ? ?            1.611 ? ? 
hydrog1  hydrog ?    ? A DC  1  N3    ? ? ? 1_555 B DG  14 N1 ? ? A DC  1  B DG  28 1_555 ? ? ? ? ? ? WATSON-CRICK ?     ? ? 
hydrog2  hydrog ?    ? A DC  1  N4    ? ? ? 1_555 B DG  14 O6 ? ? A DC  1  B DG  28 1_555 ? ? ? ? ? ? WATSON-CRICK ?     ? ? 
hydrog3  hydrog ?    ? A DC  1  O2    ? ? ? 1_555 B DG  14 N2 ? ? A DC  1  B DG  28 1_555 ? ? ? ? ? ? WATSON-CRICK ?     ? ? 
hydrog4  hydrog ?    ? A DC  2  N3    ? ? ? 1_555 B G2S 13 N1 ? ? A DC  2  B G2S 27 1_555 ? ? ? ? ? ? WATSON-CRICK ?     ? ? 
hydrog5  hydrog ?    ? A DC  2  N4    ? ? ? 1_555 B G2S 13 O6 ? ? A DC  2  B G2S 27 1_555 ? ? ? ? ? ? WATSON-CRICK ?     ? ? 
hydrog6  hydrog ?    ? A DC  2  O2    ? ? ? 1_555 B G2S 13 N2 ? ? A DC  2  B G2S 27 1_555 ? ? ? ? ? ? WATSON-CRICK ?     ? ? 
hydrog7  hydrog ?    ? A DA  3  N1    ? ? ? 1_555 B DT  12 N3 ? ? A DA  3  B DT  26 1_555 ? ? ? ? ? ? WATSON-CRICK ?     ? ? 
hydrog8  hydrog ?    ? A DA  3  N6    ? ? ? 1_555 B DT  12 O4 ? ? A DA  3  B DT  26 1_555 ? ? ? ? ? ? WATSON-CRICK ?     ? ? 
hydrog9  hydrog ?    ? A DG  4  N1    ? ? ? 1_555 B DC  11 N3 ? ? A DG  4  B DC  25 1_555 ? ? ? ? ? ? WATSON-CRICK ?     ? ? 
hydrog10 hydrog ?    ? A DG  4  N2    ? ? ? 1_555 B DC  11 O2 ? ? A DG  4  B DC  25 1_555 ? ? ? ? ? ? WATSON-CRICK ?     ? ? 
hydrog11 hydrog ?    ? A DG  4  O6    ? ? ? 1_555 B DC  11 N4 ? ? A DG  4  B DC  25 1_555 ? ? ? ? ? ? WATSON-CRICK ?     ? ? 
hydrog12 hydrog ?    ? A DG  5  N1    ? ? ? 1_555 B C2S 10 N3 ? ? A DG  5  B C2S 24 1_555 ? ? ? ? ? ? WATSON-CRICK ?     ? ? 
hydrog13 hydrog ?    ? A DG  5  N2    ? ? ? 1_555 B C2S 10 O2 ? ? A DG  5  B C2S 24 1_555 ? ? ? ? ? ? WATSON-CRICK ?     ? ? 
hydrog14 hydrog ?    ? A DG  5  O6    ? ? ? 1_555 B C2S 10 N4 ? ? A DG  5  B C2S 24 1_555 ? ? ? ? ? ? WATSON-CRICK ?     ? ? 
hydrog15 hydrog ?    ? A DA  6  N1    ? ? ? 1_555 B DT  9  N3 ? ? A DA  6  B DT  23 1_555 ? ? ? ? ? ? WATSON-CRICK ?     ? ? 
hydrog16 hydrog ?    ? A DA  6  N6    ? ? ? 1_555 B DT  9  O4 ? ? A DA  6  B DT  23 1_555 ? ? ? ? ? ? WATSON-CRICK ?     ? ? 
hydrog17 hydrog ?    ? A DG  7  N1    ? ? ? 1_555 B C2S 8  N3 ? ? A DG  7  B C2S 22 1_555 ? ? ? ? ? ? WATSON-CRICK ?     ? ? 
hydrog18 hydrog ?    ? A DG  7  N2    ? ? ? 1_555 B C2S 8  O2 ? ? A DG  7  B C2S 22 1_555 ? ? ? ? ? ? WATSON-CRICK ?     ? ? 
hydrog19 hydrog ?    ? A DG  7  O6    ? ? ? 1_555 B C2S 8  N4 ? ? A DG  7  B C2S 22 1_555 ? ? ? ? ? ? WATSON-CRICK ?     ? ? 
hydrog20 hydrog ?    ? A DA  8  N1    ? ? ? 1_555 B DT  7  N3 ? ? A DA  8  B DT  21 1_555 ? ? ? ? ? ? WATSON-CRICK ?     ? ? 
hydrog21 hydrog ?    ? A DA  8  N6    ? ? ? 1_555 B DT  7  O4 ? ? A DA  8  B DT  21 1_555 ? ? ? ? ? ? WATSON-CRICK ?     ? ? 
hydrog22 hydrog ?    ? A DT  9  N3    ? ? ? 1_555 B DA  6  N1 ? ? A DT  9  B DA  20 1_555 ? ? ? ? ? ? WATSON-CRICK ?     ? ? 
hydrog23 hydrog ?    ? A DT  9  O4    ? ? ? 1_555 B DA  6  N6 ? ? A DT  9  B DA  20 1_555 ? ? ? ? ? ? WATSON-CRICK ?     ? ? 
hydrog24 hydrog ?    ? A T2S 10 N3    ? ? ? 1_555 B DA  5  N1 ? ? A T2S 10 B DA  19 1_555 ? ? ? ? ? ? WATSON-CRICK ?     ? ? 
hydrog25 hydrog ?    ? A T2S 10 O4    ? ? ? 1_555 B DA  5  N6 ? ? A T2S 10 B DA  19 1_555 ? ? ? ? ? ? WATSON-CRICK ?     ? ? 
hydrog26 hydrog ?    ? A C2S 11 N3    ? ? ? 1_555 B DG  4  N1 ? ? A C2S 11 B DG  18 1_555 ? ? ? ? ? ? WATSON-CRICK ?     ? ? 
hydrog27 hydrog ?    ? A C2S 11 N4    ? ? ? 1_555 B DG  4  O6 ? ? A C2S 11 B DG  18 1_555 ? ? ? ? ? ? WATSON-CRICK ?     ? ? 
hydrog28 hydrog ?    ? A C2S 11 O2    ? ? ? 1_555 B DG  4  N2 ? ? A C2S 11 B DG  18 1_555 ? ? ? ? ? ? WATSON-CRICK ?     ? ? 
hydrog29 hydrog ?    ? A DC  12 N3    ? ? ? 1_555 B G2S 3  N1 ? ? A DC  12 B G2S 17 1_555 ? ? ? ? ? ? WATSON-CRICK ?     ? ? 
hydrog30 hydrog ?    ? A DC  12 N4    ? ? ? 1_555 B G2S 3  O6 ? ? A DC  12 B G2S 17 1_555 ? ? ? ? ? ? WATSON-CRICK ?     ? ? 
hydrog31 hydrog ?    ? A DC  12 O2    ? ? ? 1_555 B G2S 3  N2 ? ? A DC  12 B G2S 17 1_555 ? ? ? ? ? ? WATSON-CRICK ?     ? ? 
hydrog32 hydrog ?    ? A DA  13 N1    ? ? ? 1_555 B DT  2  N3 ? ? A DA  13 B DT  16 1_555 ? ? ? ? ? ? WATSON-CRICK ?     ? ? 
hydrog33 hydrog ?    ? A DA  13 N6    ? ? ? 1_555 B DT  2  O4 ? ? A DA  13 B DT  16 1_555 ? ? ? ? ? ? WATSON-CRICK ?     ? ? 
hydrog34 hydrog ?    ? A DC  14 N3    ? ? ? 1_555 B DG  1  N1 ? ? A DC  14 B DG  15 1_555 ? ? ? ? ? ? WATSON-CRICK ?     ? ? 
hydrog35 hydrog ?    ? A DC  14 N4    ? ? ? 1_555 B DG  1  O6 ? ? A DC  14 B DG  15 1_555 ? ? ? ? ? ? WATSON-CRICK ?     ? ? 
hydrog36 hydrog ?    ? A DC  14 O2    ? ? ? 1_555 B DG  1  N2 ? ? A DC  14 B DG  15 1_555 ? ? ? ? ? ? WATSON-CRICK ?     ? ? 
# 
loop_
_struct_conn_type.id 
_struct_conn_type.criteria 
_struct_conn_type.reference 
covale ? ? 
hydrog ? ? 
# 
_pdbx_validate_close_contact.id               1 
_pdbx_validate_close_contact.PDB_model_num    1 
_pdbx_validate_close_contact.auth_atom_id_1   "HO5'" 
_pdbx_validate_close_contact.auth_asym_id_1   A 
_pdbx_validate_close_contact.auth_comp_id_1   DC 
_pdbx_validate_close_contact.auth_seq_id_1    1 
_pdbx_validate_close_contact.PDB_ins_code_1   ? 
_pdbx_validate_close_contact.label_alt_id_1   ? 
_pdbx_validate_close_contact.auth_atom_id_2   OP2 
_pdbx_validate_close_contact.auth_asym_id_2   A 
_pdbx_validate_close_contact.auth_comp_id_2   DC 
_pdbx_validate_close_contact.auth_seq_id_2    2 
_pdbx_validate_close_contact.PDB_ins_code_2   ? 
_pdbx_validate_close_contact.label_alt_id_2   ? 
_pdbx_validate_close_contact.dist             1.40 
# 
loop_
_pdbx_validate_rmsd_angle.id 
_pdbx_validate_rmsd_angle.PDB_model_num 
_pdbx_validate_rmsd_angle.auth_atom_id_1 
_pdbx_validate_rmsd_angle.auth_asym_id_1 
_pdbx_validate_rmsd_angle.auth_comp_id_1 
_pdbx_validate_rmsd_angle.auth_seq_id_1 
_pdbx_validate_rmsd_angle.PDB_ins_code_1 
_pdbx_validate_rmsd_angle.label_alt_id_1 
_pdbx_validate_rmsd_angle.auth_atom_id_2 
_pdbx_validate_rmsd_angle.auth_asym_id_2 
_pdbx_validate_rmsd_angle.auth_comp_id_2 
_pdbx_validate_rmsd_angle.auth_seq_id_2 
_pdbx_validate_rmsd_angle.PDB_ins_code_2 
_pdbx_validate_rmsd_angle.label_alt_id_2 
_pdbx_validate_rmsd_angle.auth_atom_id_3 
_pdbx_validate_rmsd_angle.auth_asym_id_3 
_pdbx_validate_rmsd_angle.auth_comp_id_3 
_pdbx_validate_rmsd_angle.auth_seq_id_3 
_pdbx_validate_rmsd_angle.PDB_ins_code_3 
_pdbx_validate_rmsd_angle.label_alt_id_3 
_pdbx_validate_rmsd_angle.angle_value 
_pdbx_validate_rmsd_angle.angle_target_value 
_pdbx_validate_rmsd_angle.angle_deviation 
_pdbx_validate_rmsd_angle.angle_standard_deviation 
_pdbx_validate_rmsd_angle.linker_flag 
1  1 "C1'" A DC 1  ? ? "O4'" A DC 1  ? ? "C4'" A DC 1  ? ? 103.59 110.10 -6.51 1.00 N 
2  1 "C3'" A DC 1  ? ? "C2'" A DC 1  ? ? "C1'" A DC 1  ? ? 97.19  102.40 -5.21 0.80 N 
3  1 "O4'" A DC 1  ? ? "C1'" A DC 1  ? ? "C2'" A DC 1  ? ? 100.44 105.90 -5.46 0.80 N 
4  1 "O4'" A DC 1  ? ? "C1'" A DC 1  ? ? N1    A DC 1  ? ? 115.13 108.30 6.83  0.30 N 
5  1 N3    A DC 1  ? ? C2    A DC 1  ? ? O2    A DC 1  ? ? 117.65 121.90 -4.25 0.70 N 
6  1 "O4'" A DC 2  ? ? "C1'" A DC 2  ? ? N1    A DC 2  ? ? 112.27 108.30 3.97  0.30 N 
7  1 C5    A DA 3  ? ? C6    A DA 3  ? ? N1    A DA 3  ? ? 120.92 117.70 3.22  0.50 N 
8  1 "O4'" A DG 4  ? ? "C1'" A DG 4  ? ? N9    A DG 4  ? ? 111.17 108.30 2.87  0.30 N 
9  1 "O4'" A DG 5  ? ? "C1'" A DG 5  ? ? N9    A DG 5  ? ? 110.22 108.30 1.92  0.30 N 
10 1 "O4'" A DG 7  ? ? "C1'" A DG 7  ? ? N9    A DG 7  ? ? 112.14 108.30 3.84  0.30 N 
11 1 "O4'" A DT 9  ? ? "C1'" A DT 9  ? ? N1    A DT 9  ? ? 112.30 108.30 4.00  0.30 N 
12 1 C6    A DT 9  ? ? C5    A DT 9  ? ? C7    A DT 9  ? ? 119.16 122.90 -3.74 0.60 N 
13 1 "O4'" B DG 15 ? ? "C1'" B DG 15 ? ? N9    B DG 15 ? ? 111.13 108.30 2.83  0.30 N 
14 1 "O4'" B DA 19 ? ? "C1'" B DA 19 ? ? N9    B DA 19 ? ? 110.62 108.30 2.32  0.30 N 
15 1 "O4'" B DT 21 ? ? "C1'" B DT 21 ? ? N1    B DT 21 ? ? 113.10 108.30 4.80  0.30 N 
16 1 C6    B DT 21 ? ? C5    B DT 21 ? ? C7    B DT 21 ? ? 119.09 122.90 -3.81 0.60 N 
17 1 "O4'" B DT 23 ? ? "C1'" B DT 23 ? ? N1    B DT 23 ? ? 110.16 108.30 1.86  0.30 N 
18 1 C6    B DT 23 ? ? C5    B DT 23 ? ? C7    B DT 23 ? ? 118.90 122.90 -4.00 0.60 N 
19 1 "O4'" B DG 28 ? ? "C1'" B DG 28 ? ? N9    B DG 28 ? ? 110.36 108.30 2.06  0.30 N 
# 
loop_
_pdbx_struct_mod_residue.id 
_pdbx_struct_mod_residue.label_asym_id 
_pdbx_struct_mod_residue.label_comp_id 
_pdbx_struct_mod_residue.label_seq_id 
_pdbx_struct_mod_residue.auth_asym_id 
_pdbx_struct_mod_residue.auth_comp_id 
_pdbx_struct_mod_residue.auth_seq_id 
_pdbx_struct_mod_residue.PDB_ins_code 
_pdbx_struct_mod_residue.parent_comp_id 
_pdbx_struct_mod_residue.details 
1 A T2S 10 A T2S 10 ? DT "THYMIDINE-5'-DITHIOPHOSPHORATE" 
2 A C2S 11 A C2S 11 ? DC "CYTIDINE-5'-DITHIOPHOSPHORATE"  
3 B G2S 3  B G2S 17 ? DG "GUANOSINE-5'-DITHIOPHOSPHORATE" 
4 B C2S 8  B C2S 22 ? DC "CYTIDINE-5'-DITHIOPHOSPHORATE"  
5 B C2S 10 B C2S 24 ? DC "CYTIDINE-5'-DITHIOPHOSPHORATE"  
6 B G2S 13 B G2S 27 ? DG "GUANOSINE-5'-DITHIOPHOSPHORATE" 
# 
_pdbx_nmr_ensemble.entry_id                                      1K8L 
_pdbx_nmr_ensemble.conformers_calculated_total_number            10 
_pdbx_nmr_ensemble.conformers_submitted_total_number             1 
_pdbx_nmr_ensemble.conformer_selection_criteria                  'structures with the lowest energy' 
_pdbx_nmr_ensemble.average_constraints_per_residue               ? 
_pdbx_nmr_ensemble.average_constraint_violations_per_residue     ? 
_pdbx_nmr_ensemble.maximum_distance_constraint_violation         ? 
_pdbx_nmr_ensemble.average_distance_constraint_violation         ? 
_pdbx_nmr_ensemble.maximum_upper_distance_constraint_violation   ? 
_pdbx_nmr_ensemble.maximum_lower_distance_constraint_violation   ? 
_pdbx_nmr_ensemble.distance_constraint_violation_method          ? 
_pdbx_nmr_ensemble.maximum_torsion_angle_constraint_violation    ? 
_pdbx_nmr_ensemble.average_torsion_angle_constraint_violation    ? 
_pdbx_nmr_ensemble.torsion_angle_constraint_violation_method     ? 
# 
_pdbx_nmr_representative.entry_id             1K8L 
_pdbx_nmr_representative.conformer_id         1 
_pdbx_nmr_representative.selection_criteria   'minimized average structure' 
# 
loop_
_pdbx_nmr_sample_details.solution_id 
_pdbx_nmr_sample_details.contents 
_pdbx_nmr_sample_details.solvent_system 
1 '1 mM duplex, 12 mM Na2HPO4, 8 mM NaH2PO4, 56 mM NaCl, 50 uM NaN3' '90% H2O/10% D2O' 
2 '1 mM duplex, 12 mM Na2HPO4, 8 mM NaH2PO4, 56mM NaCl, 50 uM NaN3'  '99.96% D2O'      
# 
loop_
_pdbx_nmr_exptl_sample_conditions.conditions_id 
_pdbx_nmr_exptl_sample_conditions.temperature 
_pdbx_nmr_exptl_sample_conditions.pressure 
_pdbx_nmr_exptl_sample_conditions.pH 
_pdbx_nmr_exptl_sample_conditions.ionic_strength 
_pdbx_nmr_exptl_sample_conditions.pressure_units 
_pdbx_nmr_exptl_sample_conditions.temperature_units 
1 278 ambient 6.7 '100 mM' ? K 
2 288 ambient 6.7 '100 mM' ? K 
# 
loop_
_pdbx_nmr_exptl.experiment_id 
_pdbx_nmr_exptl.solution_id 
_pdbx_nmr_exptl.conditions_id 
_pdbx_nmr_exptl.type 
1 1 1 '2D NOESY' 
2 2 1 '2D NOESY' 
3 2 2 DQF-COSY   
# 
_pdbx_nmr_details.entry_id   1K8L 
_pdbx_nmr_details.text       
;This structure was determined using standard 2D homonuclear techniques. 
Proton resonances were assigned using COSY, TOCSY, and NOESY data
;
# 
_pdbx_nmr_refine.entry_id           1K8L 
_pdbx_nmr_refine.method             'molecular dynamics' 
_pdbx_nmr_refine.details            
;Distance restraints were derived by MORASS 2.5 using a total relaxation 
matrix approach. 

AMBER 5 was used for MD and minimization. The deposited structure represents 
the average of ten final structures
;
_pdbx_nmr_refine.software_ordinal   1 
# 
loop_
_pdbx_nmr_software.name 
_pdbx_nmr_software.version 
_pdbx_nmr_software.classification 
_pdbx_nmr_software.authors 
_pdbx_nmr_software.ordinal 
MORASS 2.5 'iterative matrix relaxation' Gorenstein            1 
Amber  5   'structure solution'          'Case,Kollman, et al' 2 
Amber  5   refinement                    'Case,Kollman, et al' 3 
# 
loop_
_chem_comp_atom.comp_id 
_chem_comp_atom.atom_id 
_chem_comp_atom.type_symbol 
_chem_comp_atom.pdbx_aromatic_flag 
_chem_comp_atom.pdbx_stereo_config 
_chem_comp_atom.pdbx_ordinal 
C2S OP3    O N N 1   
C2S P      P N S 2   
C2S S1P    S N N 3   
C2S S2P    S N N 4   
C2S "O5'"  O N N 5   
C2S "C5'"  C N N 6   
C2S "C4'"  C N R 7   
C2S "O4'"  O N N 8   
C2S "C3'"  C N S 9   
C2S "O3'"  O N N 10  
C2S "C2'"  C N N 11  
C2S "C1'"  C N R 12  
C2S N1     N N N 13  
C2S C2     C N N 14  
C2S O2     O N N 15  
C2S N3     N N N 16  
C2S C4     C N N 17  
C2S N4     N N N 18  
C2S C5     C N N 19  
C2S C6     C N N 20  
C2S HOP3   H N N 21  
C2S HOP2   H N N 22  
C2S "H5'"  H N N 23  
C2S "H5''" H N N 24  
C2S "H4'"  H N N 25  
C2S "H3'"  H N N 26  
C2S "HO3'" H N N 27  
C2S "H2'1" H N N 28  
C2S "H1'"  H N N 29  
C2S H41    H N N 30  
C2S H42    H N N 31  
C2S H5     H N N 32  
C2S H6     H N N 33  
C2S "H2'2" H N N 34  
DA  OP3    O N N 35  
DA  P      P N N 36  
DA  OP1    O N N 37  
DA  OP2    O N N 38  
DA  "O5'"  O N N 39  
DA  "C5'"  C N N 40  
DA  "C4'"  C N R 41  
DA  "O4'"  O N N 42  
DA  "C3'"  C N S 43  
DA  "O3'"  O N N 44  
DA  "C2'"  C N N 45  
DA  "C1'"  C N R 46  
DA  N9     N Y N 47  
DA  C8     C Y N 48  
DA  N7     N Y N 49  
DA  C5     C Y N 50  
DA  C6     C Y N 51  
DA  N6     N N N 52  
DA  N1     N Y N 53  
DA  C2     C Y N 54  
DA  N3     N Y N 55  
DA  C4     C Y N 56  
DA  HOP3   H N N 57  
DA  HOP2   H N N 58  
DA  "H5'"  H N N 59  
DA  "H5''" H N N 60  
DA  "H4'"  H N N 61  
DA  "H3'"  H N N 62  
DA  "HO3'" H N N 63  
DA  "H2'"  H N N 64  
DA  "H2''" H N N 65  
DA  "H1'"  H N N 66  
DA  H8     H N N 67  
DA  H61    H N N 68  
DA  H62    H N N 69  
DA  H2     H N N 70  
DC  OP3    O N N 71  
DC  P      P N N 72  
DC  OP1    O N N 73  
DC  OP2    O N N 74  
DC  "O5'"  O N N 75  
DC  "C5'"  C N N 76  
DC  "C4'"  C N R 77  
DC  "O4'"  O N N 78  
DC  "C3'"  C N S 79  
DC  "O3'"  O N N 80  
DC  "C2'"  C N N 81  
DC  "C1'"  C N R 82  
DC  N1     N N N 83  
DC  C2     C N N 84  
DC  O2     O N N 85  
DC  N3     N N N 86  
DC  C4     C N N 87  
DC  N4     N N N 88  
DC  C5     C N N 89  
DC  C6     C N N 90  
DC  HOP3   H N N 91  
DC  HOP2   H N N 92  
DC  "H5'"  H N N 93  
DC  "H5''" H N N 94  
DC  "H4'"  H N N 95  
DC  "H3'"  H N N 96  
DC  "HO3'" H N N 97  
DC  "H2'"  H N N 98  
DC  "H2''" H N N 99  
DC  "H1'"  H N N 100 
DC  H41    H N N 101 
DC  H42    H N N 102 
DC  H5     H N N 103 
DC  H6     H N N 104 
DG  OP3    O N N 105 
DG  P      P N N 106 
DG  OP1    O N N 107 
DG  OP2    O N N 108 
DG  "O5'"  O N N 109 
DG  "C5'"  C N N 110 
DG  "C4'"  C N R 111 
DG  "O4'"  O N N 112 
DG  "C3'"  C N S 113 
DG  "O3'"  O N N 114 
DG  "C2'"  C N N 115 
DG  "C1'"  C N R 116 
DG  N9     N Y N 117 
DG  C8     C Y N 118 
DG  N7     N Y N 119 
DG  C5     C Y N 120 
DG  C6     C N N 121 
DG  O6     O N N 122 
DG  N1     N N N 123 
DG  C2     C N N 124 
DG  N2     N N N 125 
DG  N3     N N N 126 
DG  C4     C Y N 127 
DG  HOP3   H N N 128 
DG  HOP2   H N N 129 
DG  "H5'"  H N N 130 
DG  "H5''" H N N 131 
DG  "H4'"  H N N 132 
DG  "H3'"  H N N 133 
DG  "HO3'" H N N 134 
DG  "H2'"  H N N 135 
DG  "H2''" H N N 136 
DG  "H1'"  H N N 137 
DG  H8     H N N 138 
DG  H1     H N N 139 
DG  H21    H N N 140 
DG  H22    H N N 141 
DT  OP3    O N N 142 
DT  P      P N N 143 
DT  OP1    O N N 144 
DT  OP2    O N N 145 
DT  "O5'"  O N N 146 
DT  "C5'"  C N N 147 
DT  "C4'"  C N R 148 
DT  "O4'"  O N N 149 
DT  "C3'"  C N S 150 
DT  "O3'"  O N N 151 
DT  "C2'"  C N N 152 
DT  "C1'"  C N R 153 
DT  N1     N N N 154 
DT  C2     C N N 155 
DT  O2     O N N 156 
DT  N3     N N N 157 
DT  C4     C N N 158 
DT  O4     O N N 159 
DT  C5     C N N 160 
DT  C7     C N N 161 
DT  C6     C N N 162 
DT  HOP3   H N N 163 
DT  HOP2   H N N 164 
DT  "H5'"  H N N 165 
DT  "H5''" H N N 166 
DT  "H4'"  H N N 167 
DT  "H3'"  H N N 168 
DT  "HO3'" H N N 169 
DT  "H2'"  H N N 170 
DT  "H2''" H N N 171 
DT  "H1'"  H N N 172 
DT  H3     H N N 173 
DT  H71    H N N 174 
DT  H72    H N N 175 
DT  H73    H N N 176 
DT  H6     H N N 177 
G2S OP3    O N N 178 
G2S P      P N R 179 
G2S S1P    S N N 180 
G2S S2P    S N N 181 
G2S "O5'"  O N N 182 
G2S "C5'"  C N N 183 
G2S "C4'"  C N R 184 
G2S "O4'"  O N N 185 
G2S "C3'"  C N S 186 
G2S "O3'"  O N N 187 
G2S "C2'"  C N N 188 
G2S "C1'"  C N R 189 
G2S N9     N Y N 190 
G2S C8     C Y N 191 
G2S N7     N Y N 192 
G2S C5     C Y N 193 
G2S C6     C N N 194 
G2S O6     O N N 195 
G2S N1     N N N 196 
G2S C2     C N N 197 
G2S N2     N N N 198 
G2S N3     N N N 199 
G2S C4     C Y N 200 
G2S HOP3   H N N 201 
G2S HOP2   H N N 202 
G2S "H5'"  H N N 203 
G2S "H5''" H N N 204 
G2S "H4'"  H N N 205 
G2S "H3'"  H N N 206 
G2S "HO3'" H N N 207 
G2S "H2'1" H N N 208 
G2S "H1'"  H N N 209 
G2S H8     H N N 210 
G2S H1     H N N 211 
G2S H21    H N N 212 
G2S H22    H N N 213 
G2S "H2'2" H N N 214 
T2S OP3    O N N 215 
T2S P      P N S 216 
T2S S1P    S N N 217 
T2S S2P    S N N 218 
T2S "O5'"  O N N 219 
T2S "C5'"  C N N 220 
T2S "C4'"  C N R 221 
T2S "O4'"  O N N 222 
T2S "C3'"  C N S 223 
T2S "O3'"  O N N 224 
T2S "C2'"  C N N 225 
T2S "C1'"  C N R 226 
T2S N1     N N N 227 
T2S C2     C N N 228 
T2S O2     O N N 229 
T2S N3     N N N 230 
T2S C4     C N N 231 
T2S O4     O N N 232 
T2S C5     C N N 233 
T2S C5M    C N N 234 
T2S C6     C N N 235 
T2S HOP3   H N N 236 
T2S HOP2   H N N 237 
T2S "H5'"  H N N 238 
T2S "H5''" H N N 239 
T2S "H4'"  H N N 240 
T2S "H3'"  H N N 241 
T2S "HO3'" H N N 242 
T2S "H2'"  H N N 243 
T2S "H2''" H N N 244 
T2S "H1'"  H N N 245 
T2S H3     H N N 246 
T2S H71    H N N 247 
T2S H72    H N N 248 
T2S H73    H N N 249 
T2S H6     H N N 250 
# 
loop_
_chem_comp_bond.comp_id 
_chem_comp_bond.atom_id_1 
_chem_comp_bond.atom_id_2 
_chem_comp_bond.value_order 
_chem_comp_bond.pdbx_aromatic_flag 
_chem_comp_bond.pdbx_stereo_config 
_chem_comp_bond.pdbx_ordinal 
C2S OP3   P      sing N N 1   
C2S OP3   HOP3   sing N N 2   
C2S P     S1P    doub N N 3   
C2S P     S2P    sing N N 4   
C2S P     "O5'"  sing N N 5   
C2S S2P   HOP2   sing N N 6   
C2S "O5'" "C5'"  sing N N 7   
C2S "C5'" "C4'"  sing N N 8   
C2S "C5'" "H5'"  sing N N 9   
C2S "C5'" "H5''" sing N N 10  
C2S "C4'" "O4'"  sing N N 11  
C2S "C4'" "C3'"  sing N N 12  
C2S "C4'" "H4'"  sing N N 13  
C2S "O4'" "C1'"  sing N N 14  
C2S "C3'" "O3'"  sing N N 15  
C2S "C3'" "C2'"  sing N N 16  
C2S "C3'" "H3'"  sing N N 17  
C2S "O3'" "HO3'" sing N N 18  
C2S "C2'" "C1'"  sing N N 19  
C2S "C2'" "H2'1" sing N N 20  
C2S "C1'" N1     sing N N 21  
C2S "C1'" "H1'"  sing N N 22  
C2S N1    C2     sing N N 23  
C2S N1    C6     sing N N 24  
C2S C2    O2     doub N N 25  
C2S C2    N3     sing N N 26  
C2S N3    C4     doub N N 27  
C2S C4    N4     sing N N 28  
C2S C4    C5     sing N N 29  
C2S N4    H41    sing N N 30  
C2S N4    H42    sing N N 31  
C2S C5    C6     doub N N 32  
C2S C5    H5     sing N N 33  
C2S C6    H6     sing N N 34  
C2S "C2'" "H2'2" sing N N 35  
DA  OP3   P      sing N N 36  
DA  OP3   HOP3   sing N N 37  
DA  P     OP1    doub N N 38  
DA  P     OP2    sing N N 39  
DA  P     "O5'"  sing N N 40  
DA  OP2   HOP2   sing N N 41  
DA  "O5'" "C5'"  sing N N 42  
DA  "C5'" "C4'"  sing N N 43  
DA  "C5'" "H5'"  sing N N 44  
DA  "C5'" "H5''" sing N N 45  
DA  "C4'" "O4'"  sing N N 46  
DA  "C4'" "C3'"  sing N N 47  
DA  "C4'" "H4'"  sing N N 48  
DA  "O4'" "C1'"  sing N N 49  
DA  "C3'" "O3'"  sing N N 50  
DA  "C3'" "C2'"  sing N N 51  
DA  "C3'" "H3'"  sing N N 52  
DA  "O3'" "HO3'" sing N N 53  
DA  "C2'" "C1'"  sing N N 54  
DA  "C2'" "H2'"  sing N N 55  
DA  "C2'" "H2''" sing N N 56  
DA  "C1'" N9     sing N N 57  
DA  "C1'" "H1'"  sing N N 58  
DA  N9    C8     sing Y N 59  
DA  N9    C4     sing Y N 60  
DA  C8    N7     doub Y N 61  
DA  C8    H8     sing N N 62  
DA  N7    C5     sing Y N 63  
DA  C5    C6     sing Y N 64  
DA  C5    C4     doub Y N 65  
DA  C6    N6     sing N N 66  
DA  C6    N1     doub Y N 67  
DA  N6    H61    sing N N 68  
DA  N6    H62    sing N N 69  
DA  N1    C2     sing Y N 70  
DA  C2    N3     doub Y N 71  
DA  C2    H2     sing N N 72  
DA  N3    C4     sing Y N 73  
DC  OP3   P      sing N N 74  
DC  OP3   HOP3   sing N N 75  
DC  P     OP1    doub N N 76  
DC  P     OP2    sing N N 77  
DC  P     "O5'"  sing N N 78  
DC  OP2   HOP2   sing N N 79  
DC  "O5'" "C5'"  sing N N 80  
DC  "C5'" "C4'"  sing N N 81  
DC  "C5'" "H5'"  sing N N 82  
DC  "C5'" "H5''" sing N N 83  
DC  "C4'" "O4'"  sing N N 84  
DC  "C4'" "C3'"  sing N N 85  
DC  "C4'" "H4'"  sing N N 86  
DC  "O4'" "C1'"  sing N N 87  
DC  "C3'" "O3'"  sing N N 88  
DC  "C3'" "C2'"  sing N N 89  
DC  "C3'" "H3'"  sing N N 90  
DC  "O3'" "HO3'" sing N N 91  
DC  "C2'" "C1'"  sing N N 92  
DC  "C2'" "H2'"  sing N N 93  
DC  "C2'" "H2''" sing N N 94  
DC  "C1'" N1     sing N N 95  
DC  "C1'" "H1'"  sing N N 96  
DC  N1    C2     sing N N 97  
DC  N1    C6     sing N N 98  
DC  C2    O2     doub N N 99  
DC  C2    N3     sing N N 100 
DC  N3    C4     doub N N 101 
DC  C4    N4     sing N N 102 
DC  C4    C5     sing N N 103 
DC  N4    H41    sing N N 104 
DC  N4    H42    sing N N 105 
DC  C5    C6     doub N N 106 
DC  C5    H5     sing N N 107 
DC  C6    H6     sing N N 108 
DG  OP3   P      sing N N 109 
DG  OP3   HOP3   sing N N 110 
DG  P     OP1    doub N N 111 
DG  P     OP2    sing N N 112 
DG  P     "O5'"  sing N N 113 
DG  OP2   HOP2   sing N N 114 
DG  "O5'" "C5'"  sing N N 115 
DG  "C5'" "C4'"  sing N N 116 
DG  "C5'" "H5'"  sing N N 117 
DG  "C5'" "H5''" sing N N 118 
DG  "C4'" "O4'"  sing N N 119 
DG  "C4'" "C3'"  sing N N 120 
DG  "C4'" "H4'"  sing N N 121 
DG  "O4'" "C1'"  sing N N 122 
DG  "C3'" "O3'"  sing N N 123 
DG  "C3'" "C2'"  sing N N 124 
DG  "C3'" "H3'"  sing N N 125 
DG  "O3'" "HO3'" sing N N 126 
DG  "C2'" "C1'"  sing N N 127 
DG  "C2'" "H2'"  sing N N 128 
DG  "C2'" "H2''" sing N N 129 
DG  "C1'" N9     sing N N 130 
DG  "C1'" "H1'"  sing N N 131 
DG  N9    C8     sing Y N 132 
DG  N9    C4     sing Y N 133 
DG  C8    N7     doub Y N 134 
DG  C8    H8     sing N N 135 
DG  N7    C5     sing Y N 136 
DG  C5    C6     sing N N 137 
DG  C5    C4     doub Y N 138 
DG  C6    O6     doub N N 139 
DG  C6    N1     sing N N 140 
DG  N1    C2     sing N N 141 
DG  N1    H1     sing N N 142 
DG  C2    N2     sing N N 143 
DG  C2    N3     doub N N 144 
DG  N2    H21    sing N N 145 
DG  N2    H22    sing N N 146 
DG  N3    C4     sing N N 147 
DT  OP3   P      sing N N 148 
DT  OP3   HOP3   sing N N 149 
DT  P     OP1    doub N N 150 
DT  P     OP2    sing N N 151 
DT  P     "O5'"  sing N N 152 
DT  OP2   HOP2   sing N N 153 
DT  "O5'" "C5'"  sing N N 154 
DT  "C5'" "C4'"  sing N N 155 
DT  "C5'" "H5'"  sing N N 156 
DT  "C5'" "H5''" sing N N 157 
DT  "C4'" "O4'"  sing N N 158 
DT  "C4'" "C3'"  sing N N 159 
DT  "C4'" "H4'"  sing N N 160 
DT  "O4'" "C1'"  sing N N 161 
DT  "C3'" "O3'"  sing N N 162 
DT  "C3'" "C2'"  sing N N 163 
DT  "C3'" "H3'"  sing N N 164 
DT  "O3'" "HO3'" sing N N 165 
DT  "C2'" "C1'"  sing N N 166 
DT  "C2'" "H2'"  sing N N 167 
DT  "C2'" "H2''" sing N N 168 
DT  "C1'" N1     sing N N 169 
DT  "C1'" "H1'"  sing N N 170 
DT  N1    C2     sing N N 171 
DT  N1    C6     sing N N 172 
DT  C2    O2     doub N N 173 
DT  C2    N3     sing N N 174 
DT  N3    C4     sing N N 175 
DT  N3    H3     sing N N 176 
DT  C4    O4     doub N N 177 
DT  C4    C5     sing N N 178 
DT  C5    C7     sing N N 179 
DT  C5    C6     doub N N 180 
DT  C7    H71    sing N N 181 
DT  C7    H72    sing N N 182 
DT  C7    H73    sing N N 183 
DT  C6    H6     sing N N 184 
G2S OP3   P      sing N N 185 
G2S OP3   HOP3   sing N N 186 
G2S P     S1P    doub N N 187 
G2S P     S2P    sing N N 188 
G2S P     "O5'"  sing N N 189 
G2S S2P   HOP2   sing N N 190 
G2S "O5'" "C5'"  sing N N 191 
G2S "C5'" "C4'"  sing N N 192 
G2S "C5'" "H5'"  sing N N 193 
G2S "C5'" "H5''" sing N N 194 
G2S "C4'" "O4'"  sing N N 195 
G2S "C4'" "C3'"  sing N N 196 
G2S "C4'" "H4'"  sing N N 197 
G2S "O4'" "C1'"  sing N N 198 
G2S "C3'" "O3'"  sing N N 199 
G2S "C3'" "C2'"  sing N N 200 
G2S "C3'" "H3'"  sing N N 201 
G2S "O3'" "HO3'" sing N N 202 
G2S "C2'" "C1'"  sing N N 203 
G2S "C2'" "H2'1" sing N N 204 
G2S "C1'" N9     sing N N 205 
G2S "C1'" "H1'"  sing N N 206 
G2S N9    C8     sing Y N 207 
G2S N9    C4     sing Y N 208 
G2S C8    N7     doub Y N 209 
G2S C8    H8     sing N N 210 
G2S N7    C5     sing Y N 211 
G2S C5    C6     sing N N 212 
G2S C5    C4     doub Y N 213 
G2S C6    O6     doub N N 214 
G2S C6    N1     sing N N 215 
G2S N1    C2     sing N N 216 
G2S N1    H1     sing N N 217 
G2S C2    N2     sing N N 218 
G2S C2    N3     doub N N 219 
G2S N2    H21    sing N N 220 
G2S N2    H22    sing N N 221 
G2S N3    C4     sing N N 222 
G2S "C2'" "H2'2" sing N N 223 
T2S OP3   P      sing N N 224 
T2S OP3   HOP3   sing N N 225 
T2S P     S1P    doub N N 226 
T2S P     S2P    sing N N 227 
T2S P     "O5'"  sing N N 228 
T2S S2P   HOP2   sing N N 229 
T2S "O5'" "C5'"  sing N N 230 
T2S "C5'" "C4'"  sing N N 231 
T2S "C5'" "H5'"  sing N N 232 
T2S "C5'" "H5''" sing N N 233 
T2S "C4'" "O4'"  sing N N 234 
T2S "C4'" "C3'"  sing N N 235 
T2S "C4'" "H4'"  sing N N 236 
T2S "O4'" "C1'"  sing N N 237 
T2S "C3'" "O3'"  sing N N 238 
T2S "C3'" "C2'"  sing N N 239 
T2S "C3'" "H3'"  sing N N 240 
T2S "O3'" "HO3'" sing N N 241 
T2S "C2'" "C1'"  sing N N 242 
T2S "C2'" "H2'"  sing N N 243 
T2S "C2'" "H2''" sing N N 244 
T2S "C1'" N1     sing N N 245 
T2S "C1'" "H1'"  sing N N 246 
T2S N1    C2     sing N N 247 
T2S N1    C6     sing N N 248 
T2S C2    O2     doub N N 249 
T2S C2    N3     sing N N 250 
T2S N3    C4     sing N N 251 
T2S N3    H3     sing N N 252 
T2S C4    O4     doub N N 253 
T2S C4    C5     sing N N 254 
T2S C5    C5M    sing N N 255 
T2S C5    C6     doub N N 256 
T2S C5M   H71    sing N N 257 
T2S C5M   H72    sing N N 258 
T2S C5M   H73    sing N N 259 
T2S C6    H6     sing N N 260 
# 
loop_
_ndb_struct_conf_na.entry_id 
_ndb_struct_conf_na.feature 
1K8L 'double helix'        
1K8L 'b-form double helix' 
# 
loop_
_ndb_struct_na_base_pair.model_number 
_ndb_struct_na_base_pair.i_label_asym_id 
_ndb_struct_na_base_pair.i_label_comp_id 
_ndb_struct_na_base_pair.i_label_seq_id 
_ndb_struct_na_base_pair.i_symmetry 
_ndb_struct_na_base_pair.j_label_asym_id 
_ndb_struct_na_base_pair.j_label_comp_id 
_ndb_struct_na_base_pair.j_label_seq_id 
_ndb_struct_na_base_pair.j_symmetry 
_ndb_struct_na_base_pair.shear 
_ndb_struct_na_base_pair.stretch 
_ndb_struct_na_base_pair.stagger 
_ndb_struct_na_base_pair.buckle 
_ndb_struct_na_base_pair.propeller 
_ndb_struct_na_base_pair.opening 
_ndb_struct_na_base_pair.pair_number 
_ndb_struct_na_base_pair.pair_name 
_ndb_struct_na_base_pair.i_auth_asym_id 
_ndb_struct_na_base_pair.i_auth_seq_id 
_ndb_struct_na_base_pair.i_PDB_ins_code 
_ndb_struct_na_base_pair.j_auth_asym_id 
_ndb_struct_na_base_pair.j_auth_seq_id 
_ndb_struct_na_base_pair.j_PDB_ins_code 
_ndb_struct_na_base_pair.hbond_type_28 
_ndb_struct_na_base_pair.hbond_type_12 
1 A DC  1  1_555 B DG  14 1_555 0.459  -0.213 0.198  3.476  -9.454  0.320  1  A_DC1:DG28_B   A 1  ? B 28 ? 19 1 
1 A DC  2  1_555 B G2S 13 1_555 0.215  -0.199 -0.004 0.468  -11.881 -0.838 2  A_DC2:G2S27_B  A 2  ? B 27 ? 19 1 
1 A DA  3  1_555 B DT  12 1_555 0.210  -0.069 -0.151 4.025  -1.795  -4.832 3  A_DA3:DT26_B   A 3  ? B 26 ? 20 1 
1 A DG  4  1_555 B DC  11 1_555 -0.381 -0.208 0.097  8.173  -0.256  -0.672 4  A_DG4:DC25_B   A 4  ? B 25 ? 19 1 
1 A DG  5  1_555 B C2S 10 1_555 -0.492 -0.260 -0.177 -1.859 -6.693  -0.540 5  A_DG5:C2S24_B  A 5  ? B 24 ? 19 1 
1 A DA  6  1_555 B DT  9  1_555 0.163  -0.094 -0.159 -5.788 -7.764  -1.340 6  A_DA6:DT23_B   A 6  ? B 23 ? 20 1 
1 A DG  7  1_555 B C2S 8  1_555 -0.365 -0.218 -0.003 -2.788 -5.687  -1.133 7  A_DG7:C2S22_B  A 7  ? B 22 ? 19 1 
1 A DA  8  1_555 B DT  7  1_555 0.077  -0.114 -0.208 -0.340 -10.564 -0.130 8  A_DA8:DT21_B   A 8  ? B 21 ? 20 1 
1 A DT  9  1_555 B DA  6  1_555 -0.090 -0.120 -0.110 -5.511 -10.748 -0.441 9  A_DT9:DA20_B   A 9  ? B 20 ? 20 1 
1 A T2S 10 1_555 B DA  5  1_555 -0.102 -0.140 -0.452 -0.595 -10.870 -2.384 10 A_T2S10:DA19_B A 10 ? B 19 ? 20 1 
1 A C2S 11 1_555 B DG  4  1_555 0.398  -0.221 0.139  -5.916 -2.151  -0.676 11 A_C2S11:DG18_B A 11 ? B 18 ? 19 1 
1 A DC  12 1_555 B G2S 3  1_555 0.379  -0.223 0.218  -3.966 0.539   -0.624 12 A_DC12:G2S17_B A 12 ? B 17 ? 19 1 
1 A DA  13 1_555 B DT  2  1_555 0.193  -0.106 -0.123 -2.233 -6.055  -1.896 13 A_DA13:DT16_B  A 13 ? B 16 ? 20 1 
1 A DC  14 1_555 B DG  1  1_555 0.453  -0.227 0.265  -3.382 0.805   -0.164 14 A_DC14:DG15_B  A 14 ? B 15 ? 19 1 
# 
loop_
_ndb_struct_na_base_pair_step.model_number 
_ndb_struct_na_base_pair_step.i_label_asym_id_1 
_ndb_struct_na_base_pair_step.i_label_comp_id_1 
_ndb_struct_na_base_pair_step.i_label_seq_id_1 
_ndb_struct_na_base_pair_step.i_symmetry_1 
_ndb_struct_na_base_pair_step.j_label_asym_id_1 
_ndb_struct_na_base_pair_step.j_label_comp_id_1 
_ndb_struct_na_base_pair_step.j_label_seq_id_1 
_ndb_struct_na_base_pair_step.j_symmetry_1 
_ndb_struct_na_base_pair_step.i_label_asym_id_2 
_ndb_struct_na_base_pair_step.i_label_comp_id_2 
_ndb_struct_na_base_pair_step.i_label_seq_id_2 
_ndb_struct_na_base_pair_step.i_symmetry_2 
_ndb_struct_na_base_pair_step.j_label_asym_id_2 
_ndb_struct_na_base_pair_step.j_label_comp_id_2 
_ndb_struct_na_base_pair_step.j_label_seq_id_2 
_ndb_struct_na_base_pair_step.j_symmetry_2 
_ndb_struct_na_base_pair_step.shift 
_ndb_struct_na_base_pair_step.slide 
_ndb_struct_na_base_pair_step.rise 
_ndb_struct_na_base_pair_step.tilt 
_ndb_struct_na_base_pair_step.roll 
_ndb_struct_na_base_pair_step.twist 
_ndb_struct_na_base_pair_step.x_displacement 
_ndb_struct_na_base_pair_step.y_displacement 
_ndb_struct_na_base_pair_step.helical_rise 
_ndb_struct_na_base_pair_step.inclination 
_ndb_struct_na_base_pair_step.tip 
_ndb_struct_na_base_pair_step.helical_twist 
_ndb_struct_na_base_pair_step.step_number 
_ndb_struct_na_base_pair_step.step_name 
_ndb_struct_na_base_pair_step.i_auth_asym_id_1 
_ndb_struct_na_base_pair_step.i_auth_seq_id_1 
_ndb_struct_na_base_pair_step.i_PDB_ins_code_1 
_ndb_struct_na_base_pair_step.j_auth_asym_id_1 
_ndb_struct_na_base_pair_step.j_auth_seq_id_1 
_ndb_struct_na_base_pair_step.j_PDB_ins_code_1 
_ndb_struct_na_base_pair_step.i_auth_asym_id_2 
_ndb_struct_na_base_pair_step.i_auth_seq_id_2 
_ndb_struct_na_base_pair_step.i_PDB_ins_code_2 
_ndb_struct_na_base_pair_step.j_auth_asym_id_2 
_ndb_struct_na_base_pair_step.j_auth_seq_id_2 
_ndb_struct_na_base_pair_step.j_PDB_ins_code_2 
1 A DC  1  1_555 B DG  14 1_555 A DC  2  1_555 B G2S 13 1_555 -0.089 0.129  3.347 3.163  -2.333 41.415 0.433  0.468  3.320 -3.290 
-4.461 41.593 1  AA_DC1DC2:G2S27DG28_BB    A 1  ? B 28 ? A 2  ? B 27 ? 
1 A DC  2  1_555 B G2S 13 1_555 A DA  3  1_555 B DT  12 1_555 -0.934 -0.445 3.174 0.724  14.176 25.926 -3.704 1.979  2.564 28.995 
-1.481 29.499 2  AA_DC2DA3:DT26G2S27_BB    A 2  ? B 27 ? A 3  ? B 26 ? 
1 A DA  3  1_555 B DT  12 1_555 A DG  4  1_555 B DC  11 1_555 0.658  -1.430 3.167 -2.970 1.263  28.429 -3.165 -1.970 3.019 2.561  
6.023  28.608 3  AA_DA3DG4:DC25DT26_BB     A 3  ? B 26 ? A 4  ? B 25 ? 
1 A DG  4  1_555 B DC  11 1_555 A DG  5  1_555 B C2S 10 1_555 0.063  -1.282 3.494 1.954  3.701  37.323 -2.499 0.169  3.355 5.761  
-3.041 37.548 4  AA_DG4DG5:C2S24DC25_BB    A 4  ? B 25 ? A 5  ? B 24 ? 
1 A DG  5  1_555 B C2S 10 1_555 A DA  6  1_555 B DT  9  1_555 -0.531 -0.863 3.342 -1.376 4.508  38.276 -1.870 0.632  3.240 6.843  
2.089  38.555 5  AA_DG5DA6:DT23C2S24_BB    A 5  ? B 24 ? A 6  ? B 23 ? 
1 A DA  6  1_555 B DT  9  1_555 A DG  7  1_555 B C2S 8  1_555 0.647  -1.669 3.169 0.053  6.018  23.568 -5.678 -1.520 2.667 14.434 
-0.126 24.314 6  AA_DA6DG7:C2S22DT23_BB    A 6  ? B 23 ? A 7  ? B 22 ? 
1 A DG  7  1_555 B C2S 8  1_555 A DA  8  1_555 B DT  7  1_555 -0.234 -0.418 3.296 0.954  10.709 39.790 -1.745 0.435  3.082 15.396 
-1.371 41.160 7  AA_DG7DA8:DT21C2S22_BB    A 7  ? B 22 ? A 8  ? B 21 ? 
1 A DA  8  1_555 B DT  7  1_555 A DT  9  1_555 B DA  6  1_555 -0.197 -1.334 3.426 -0.297 2.418  25.990 -3.633 0.354  3.292 5.362  
0.658  26.102 8  AA_DA8DT9:DA20DT21_BB     A 8  ? B 21 ? A 9  ? B 20 ? 
1 A DT  9  1_555 B DA  6  1_555 A T2S 10 1_555 B DA  5  1_555 0.555  0.047  3.060 6.368  7.114  39.595 -0.682 -0.127 3.072 10.321 
-9.238 40.685 9  AA_DT9T2S10:DA19DA20_BB   A 9  ? B 20 ? A 10 ? B 19 ? 
1 A T2S 10 1_555 B DA  5  1_555 A C2S 11 1_555 B DG  4  1_555 0.364  -1.152 3.457 -3.707 5.935  31.409 -3.162 -1.332 3.130 10.796 
6.742  32.160 10 AA_T2S10C2S11:DG18DA19_BB A 10 ? B 19 ? A 11 ? B 18 ? 
1 A C2S 11 1_555 B DG  4  1_555 A DC  12 1_555 B G2S 3  1_555 -0.080 -0.941 3.259 -0.386 -0.429 39.634 -1.338 0.073  3.269 -0.633 
0.569  39.638 11 AA_C2S11DC12:G2S17DG18_BB A 11 ? B 18 ? A 12 ? B 17 ? 
1 A DC  12 1_555 B G2S 3  1_555 A DA  13 1_555 B DT  2  1_555 -0.699 -0.811 3.165 3.091  1.951  31.754 -1.808 1.801  3.032 3.550  
-5.626 31.959 12 AA_DC12DA13:DT16G2S17_BB  A 12 ? B 17 ? A 13 ? B 16 ? 
1 A DA  13 1_555 B DT  2  1_555 A DC  14 1_555 B DG  1  1_555 0.234  -0.812 3.412 -5.238 -2.896 40.418 -0.830 -0.939 3.405 -4.164 
7.531  40.840 13 AA_DA13DC14:DG15DT16_BB   A 13 ? B 16 ? A 14 ? B 15 ? 
# 
loop_
_pdbx_nmr_spectrometer.spectrometer_id 
_pdbx_nmr_spectrometer.type 
_pdbx_nmr_spectrometer.manufacturer 
_pdbx_nmr_spectrometer.model 
_pdbx_nmr_spectrometer.field_strength 
1 ? Varian UNITYPLUS 750 
2 ? Varian UNITYPLUS 600 
# 
_atom_sites.entry_id                    1K8L 
_atom_sites.fract_transf_matrix[1][1]   1.000000 
_atom_sites.fract_transf_matrix[1][2]   0.000000 
_atom_sites.fract_transf_matrix[1][3]   0.000000 
_atom_sites.fract_transf_matrix[2][1]   0.000000 
_atom_sites.fract_transf_matrix[2][2]   1.000000 
_atom_sites.fract_transf_matrix[2][3]   0.000000 
_atom_sites.fract_transf_matrix[3][1]   0.000000 
_atom_sites.fract_transf_matrix[3][2]   0.000000 
_atom_sites.fract_transf_matrix[3][3]   1.000000 
_atom_sites.fract_transf_vector[1]      0.00000 
_atom_sites.fract_transf_vector[2]      0.00000 
_atom_sites.fract_transf_vector[3]      0.00000 
# 
loop_
_atom_type.symbol 
C 
H 
N 
O 
P 
S 
# 
loop_
_atom_site.group_PDB 
_atom_site.id 
_atom_site.type_symbol 
_atom_site.label_atom_id 
_atom_site.label_alt_id 
_atom_site.label_comp_id 
_atom_site.label_asym_id 
_atom_site.label_entity_id 
_atom_site.label_seq_id 
_atom_site.pdbx_PDB_ins_code 
_atom_site.Cartn_x 
_atom_site.Cartn_y 
_atom_site.Cartn_z 
_atom_site.occupancy 
_atom_site.B_iso_or_equiv 
_atom_site.pdbx_formal_charge 
_atom_site.auth_seq_id 
_atom_site.auth_comp_id 
_atom_site.auth_asym_id 
_atom_site.auth_atom_id 
_atom_site.pdbx_PDB_model_num 
ATOM   1   O "O5'"  . DC  A 1 1  ? -14.275 -14.190 10.399  1.00 10.00 ? 1  DC  A "O5'"  1 
ATOM   2   C "C5'"  . DC  A 1 1  ? -13.719 -14.995 9.357   1.00 10.00 ? 1  DC  A "C5'"  1 
ATOM   3   C "C4'"  . DC  A 1 1  ? -12.188 -14.989 9.382   1.00 10.00 ? 1  DC  A "C4'"  1 
ATOM   4   O "O4'"  . DC  A 1 1  ? -11.577 -15.886 8.458   1.00 10.00 ? 1  DC  A "O4'"  1 
ATOM   5   C "C3'"  . DC  A 1 1  ? -11.641 -13.587 9.027   1.00 10.00 ? 1  DC  A "C3'"  1 
ATOM   6   O "O3'"  . DC  A 1 1  ? -10.742 -13.115 10.019  1.00 10.00 ? 1  DC  A "O3'"  1 
ATOM   7   C "C2'"  . DC  A 1 1  ? -10.864 -13.862 7.752   1.00 10.00 ? 1  DC  A "C2'"  1 
ATOM   8   C "C1'"  . DC  A 1 1  ? -10.358 -15.247 8.132   1.00 10.00 ? 1  DC  A "C1'"  1 
ATOM   9   N N1     . DC  A 1 1  ? -9.529  -15.949 7.112   1.00 10.00 ? 1  DC  A N1     1 
ATOM   10  C C2     . DC  A 1 1  ? -8.275  -16.433 7.510   1.00 10.00 ? 1  DC  A C2     1 
ATOM   11  O O2     . DC  A 1 1  ? -7.858  -16.288 8.657   1.00 10.00 ? 1  DC  A O2     1 
ATOM   12  N N3     . DC  A 1 1  ? -7.476  -17.074 6.627   1.00 10.00 ? 1  DC  A N3     1 
ATOM   13  C C4     . DC  A 1 1  ? -7.868  -17.205 5.374   1.00 10.00 ? 1  DC  A C4     1 
ATOM   14  N N4     . DC  A 1 1  ? -7.035  -17.836 4.583   1.00 10.00 ? 1  DC  A N4     1 
ATOM   15  C C5     . DC  A 1 1  ? -9.127  -16.714 4.905   1.00 10.00 ? 1  DC  A C5     1 
ATOM   16  C C6     . DC  A 1 1  ? -9.936  -16.098 5.807   1.00 10.00 ? 1  DC  A C6     1 
ATOM   17  H "H5'"  . DC  A 1 1  ? -14.065 -14.628 8.390   1.00 10.00 ? 1  DC  A "H5'"  1 
ATOM   18  H "H5''" . DC  A 1 1  ? -14.068 -16.021 9.481   1.00 10.00 ? 1  DC  A "H5''" 1 
ATOM   19  H "H4'"  . DC  A 1 1  ? -11.868 -15.287 10.380  1.00 10.00 ? 1  DC  A "H4'"  1 
ATOM   20  H "H3'"  . DC  A 1 1  ? -12.437 -12.862 8.853   1.00 10.00 ? 1  DC  A "H3'"  1 
ATOM   21  H "H2'"  . DC  A 1 1  ? -11.536 -13.902 6.894   1.00 10.00 ? 1  DC  A "H2'"  1 
ATOM   22  H "H2''" . DC  A 1 1  ? -10.078 -13.135 7.608   1.00 10.00 ? 1  DC  A "H2''" 1 
ATOM   23  H "H1'"  . DC  A 1 1  ? -9.761  -15.140 9.049   1.00 10.00 ? 1  DC  A "H1'"  1 
ATOM   24  H H41    . DC  A 1 1  ? -6.162  -18.150 5.018   1.00 10.00 ? 1  DC  A H41    1 
ATOM   25  H H42    . DC  A 1 1  ? -7.208  -17.935 3.603   1.00 10.00 ? 1  DC  A H42    1 
ATOM   26  H H5     . DC  A 1 1  ? -9.444  -16.837 3.881   1.00 10.00 ? 1  DC  A H5     1 
ATOM   27  H H6     . DC  A 1 1  ? -10.910 -15.727 5.516   1.00 10.00 ? 1  DC  A H6     1 
ATOM   28  H "HO5'" . DC  A 1 1  ? -13.598 -13.543 10.823  1.00 10.00 ? 1  DC  A "HO5'" 1 
ATOM   29  P P      . DC  A 1 2  ? -11.235 -12.945 11.537  1.00 10.00 ? 2  DC  A P      1 
ATOM   30  O OP1    . DC  A 1 2  ? -10.800 -14.152 12.269  1.00 10.00 ? 2  DC  A OP1    1 
ATOM   31  O OP2    . DC  A 1 2  ? -12.693 -12.672 11.440  1.00 10.00 ? 2  DC  A OP2    1 
ATOM   32  O "O5'"  . DC  A 1 2  ? -10.457 -11.646 12.111  1.00 10.00 ? 2  DC  A "O5'"  1 
ATOM   33  C "C5'"  . DC  A 1 2  ? -9.329  -11.774 12.976  1.00 10.00 ? 2  DC  A "C5'"  1 
ATOM   34  C "C4'"  . DC  A 1 2  ? -7.951  -11.860 12.296  1.00 10.00 ? 2  DC  A "C4'"  1 
ATOM   35  O "O4'"  . DC  A 1 2  ? -7.859  -12.750 11.195  1.00 10.00 ? 2  DC  A "O4'"  1 
ATOM   36  C "C3'"  . DC  A 1 2  ? -7.440  -10.525 11.765  1.00 10.00 ? 2  DC  A "C3'"  1 
ATOM   37  O "O3'"  . DC  A 1 2  ? -6.872  -9.751  12.810  1.00 10.00 ? 2  DC  A "O3'"  1 
ATOM   38  C "C2'"  . DC  A 1 2  ? -6.399  -10.967 10.737  1.00 10.00 ? 2  DC  A "C2'"  1 
ATOM   39  C "C1'"  . DC  A 1 2  ? -6.625  -12.470 10.556  1.00 10.00 ? 2  DC  A "C1'"  1 
ATOM   40  N N1     . DC  A 1 2  ? -6.633  -12.858 9.120   1.00 10.00 ? 2  DC  A N1     1 
ATOM   41  C C2     . DC  A 1 2  ? -5.559  -13.590 8.601   1.00 10.00 ? 2  DC  A C2     1 
ATOM   42  O O2     . DC  A 1 2  ? -4.596  -13.912 9.298   1.00 10.00 ? 2  DC  A O2     1 
ATOM   43  N N3     . DC  A 1 2  ? -5.551  -13.954 7.293   1.00 10.00 ? 2  DC  A N3     1 
ATOM   44  C C4     . DC  A 1 2  ? -6.528  -13.542 6.503   1.00 10.00 ? 2  DC  A C4     1 
ATOM   45  N N4     . DC  A 1 2  ? -6.479  -13.927 5.252   1.00 10.00 ? 2  DC  A N4     1 
ATOM   46  C C5     . DC  A 1 2  ? -7.603  -12.726 6.962   1.00 10.00 ? 2  DC  A C5     1 
ATOM   47  C C6     . DC  A 1 2  ? -7.628  -12.417 8.285   1.00 10.00 ? 2  DC  A C6     1 
ATOM   48  H "H5'"  . DC  A 1 2  ? -9.457  -12.650 13.613  1.00 10.00 ? 2  DC  A "H5'"  1 
ATOM   49  H "H5''" . DC  A 1 2  ? -9.313  -10.904 13.634  1.00 10.00 ? 2  DC  A "H5''" 1 
ATOM   50  H "H4'"  . DC  A 1 2  ? -7.239  -12.189 13.056  1.00 10.00 ? 2  DC  A "H4'"  1 
ATOM   51  H "H3'"  . DC  A 1 2  ? -8.254  -9.990  11.272  1.00 10.00 ? 2  DC  A "H3'"  1 
ATOM   52  H "H2'"  . DC  A 1 2  ? -6.557  -10.411 9.813   1.00 10.00 ? 2  DC  A "H2'"  1 
ATOM   53  H "H2''" . DC  A 1 2  ? -5.386  -10.814 11.102  1.00 10.00 ? 2  DC  A "H2''" 1 
ATOM   54  H "H1'"  . DC  A 1 2  ? -5.829  -13.008 11.080  1.00 10.00 ? 2  DC  A "H1'"  1 
ATOM   55  H H41    . DC  A 1 2  ? -5.701  -14.542 4.990   1.00 10.00 ? 2  DC  A H41    1 
ATOM   56  H H42    . DC  A 1 2  ? -7.183  -13.656 4.596   1.00 10.00 ? 2  DC  A H42    1 
ATOM   57  H H5     . DC  A 1 2  ? -8.374  -12.368 6.302   1.00 10.00 ? 2  DC  A H5     1 
ATOM   58  H H6     . DC  A 1 2  ? -8.429  -11.822 8.715   1.00 10.00 ? 2  DC  A H6     1 
ATOM   59  P P      . DA  A 1 3  ? -6.261  -8.275  12.554  1.00 10.00 ? 3  DA  A P      1 
ATOM   60  O OP1    . DA  A 1 3  ? -6.237  -7.561  13.849  1.00 10.00 ? 3  DA  A OP1    1 
ATOM   61  O OP2    . DA  A 1 3  ? -6.954  -7.685  11.390  1.00 10.00 ? 3  DA  A OP2    1 
ATOM   62  O "O5'"  . DA  A 1 3  ? -4.736  -8.589  12.126  1.00 10.00 ? 3  DA  A "O5'"  1 
ATOM   63  C "C5'"  . DA  A 1 3  ? -3.829  -9.176  13.047  1.00 10.00 ? 3  DA  A "C5'"  1 
ATOM   64  C "C4'"  . DA  A 1 3  ? -2.448  -9.439  12.430  1.00 10.00 ? 3  DA  A "C4'"  1 
ATOM   65  O "O4'"  . DA  A 1 3  ? -2.557  -10.373 11.361  1.00 10.00 ? 3  DA  A "O4'"  1 
ATOM   66  C "C3'"  . DA  A 1 3  ? -1.769  -8.173  11.893  1.00 10.00 ? 3  DA  A "C3'"  1 
ATOM   67  O "O3'"  . DA  A 1 3  ? -0.402  -8.206  12.277  1.00 10.00 ? 3  DA  A "O3'"  1 
ATOM   68  C "C2'"  . DA  A 1 3  ? -1.974  -8.314  10.389  1.00 10.00 ? 3  DA  A "C2'"  1 
ATOM   69  C "C1'"  . DA  A 1 3  ? -1.938  -9.831  10.207  1.00 10.00 ? 3  DA  A "C1'"  1 
ATOM   70  N N9     . DA  A 1 3  ? -2.684  -10.276 9.010   1.00 10.00 ? 3  DA  A N9     1 
ATOM   71  C C8     . DA  A 1 3  ? -3.979  -9.980  8.662   1.00 10.00 ? 3  DA  A C8     1 
ATOM   72  N N7     . DA  A 1 3  ? -4.381  -10.532 7.550   1.00 10.00 ? 3  DA  A N7     1 
ATOM   73  C C5     . DA  A 1 3  ? -3.239  -11.212 7.109   1.00 10.00 ? 3  DA  A C5     1 
ATOM   74  C C6     . DA  A 1 3  ? -2.923  -11.965 5.957   1.00 10.00 ? 3  DA  A C6     1 
ATOM   75  N N6     . DA  A 1 3  ? -3.772  -12.187 4.970   1.00 10.00 ? 3  DA  A N6     1 
ATOM   76  N N1     . DA  A 1 3  ? -1.701  -12.490 5.791   1.00 10.00 ? 3  DA  A N1     1 
ATOM   77  C C2     . DA  A 1 3  ? -0.804  -12.289 6.752   1.00 10.00 ? 3  DA  A C2     1 
ATOM   78  N N3     . DA  A 1 3  ? -0.956  -11.608 7.884   1.00 10.00 ? 3  DA  A N3     1 
ATOM   79  C C4     . DA  A 1 3  ? -2.206  -11.078 7.998   1.00 10.00 ? 3  DA  A C4     1 
ATOM   80  H "H5'"  . DA  A 1 3  ? -4.240  -10.124 13.397  1.00 10.00 ? 3  DA  A "H5'"  1 
ATOM   81  H "H5''" . DA  A 1 3  ? -3.714  -8.512  13.904  1.00 10.00 ? 3  DA  A "H5''" 1 
ATOM   82  H "H4'"  . DA  A 1 3  ? -1.809  -9.864  13.204  1.00 10.00 ? 3  DA  A "H4'"  1 
ATOM   83  H "H3'"  . DA  A 1 3  ? -2.251  -7.270  12.275  1.00 10.00 ? 3  DA  A "H3'"  1 
ATOM   84  H "H2'"  . DA  A 1 3  ? -2.953  -7.910  10.132  1.00 10.00 ? 3  DA  A "H2'"  1 
ATOM   85  H "H2''" . DA  A 1 3  ? -1.196  -7.815  9.814   1.00 10.00 ? 3  DA  A "H2''" 1 
ATOM   86  H "H1'"  . DA  A 1 3  ? -0.896  -10.162 10.151  1.00 10.00 ? 3  DA  A "H1'"  1 
ATOM   87  H H8     . DA  A 1 3  ? -4.610  -9.351  9.277   1.00 10.00 ? 3  DA  A H8     1 
ATOM   88  H H61    . DA  A 1 3  ? -3.457  -12.696 4.143   1.00 10.00 ? 3  DA  A H61    1 
ATOM   89  H H62    . DA  A 1 3  ? -4.690  -11.783 5.028   1.00 10.00 ? 3  DA  A H62    1 
ATOM   90  H H2     . DA  A 1 3  ? 0.171   -12.729 6.590   1.00 10.00 ? 3  DA  A H2     1 
ATOM   91  P P      . DG  A 1 4  ? 0.604   -6.972  12.006  1.00 10.00 ? 4  DG  A P      1 
ATOM   92  O OP1    . DG  A 1 4  ? 1.664   -7.015  13.037  1.00 10.00 ? 4  DG  A OP1    1 
ATOM   93  O OP2    . DG  A 1 4  ? -0.200  -5.745  11.819  1.00 10.00 ? 4  DG  A OP2    1 
ATOM   94  O "O5'"  . DG  A 1 4  ? 1.252   -7.386  10.592  1.00 10.00 ? 4  DG  A "O5'"  1 
ATOM   95  C "C5'"  . DG  A 1 4  ? 2.160   -8.473  10.508  1.00 10.00 ? 4  DG  A "C5'"  1 
ATOM   96  C "C4'"  . DG  A 1 4  ? 2.591   -8.767  9.068   1.00 10.00 ? 4  DG  A "C4'"  1 
ATOM   97  O "O4'"  . DG  A 1 4  ? 1.492   -9.259  8.313   1.00 10.00 ? 4  DG  A "O4'"  1 
ATOM   98  C "C3'"  . DG  A 1 4  ? 3.165   -7.553  8.320   1.00 10.00 ? 4  DG  A "C3'"  1 
ATOM   99  O "O3'"  . DG  A 1 4  ? 4.433   -7.919  7.793   1.00 10.00 ? 4  DG  A "O3'"  1 
ATOM   100 C "C2'"  . DG  A 1 4  ? 2.121   -7.323  7.230   1.00 10.00 ? 4  DG  A "C2'"  1 
ATOM   101 C "C1'"  . DG  A 1 4  ? 1.632   -8.747  7.003   1.00 10.00 ? 4  DG  A "C1'"  1 
ATOM   102 N N9     . DG  A 1 4  ? 0.353   -8.816  6.265   1.00 10.00 ? 4  DG  A N9     1 
ATOM   103 C C8     . DG  A 1 4  ? -0.861  -8.267  6.588   1.00 10.00 ? 4  DG  A C8     1 
ATOM   104 N N7     . DG  A 1 4  ? -1.805  -8.501  5.719   1.00 10.00 ? 4  DG  A N7     1 
ATOM   105 C C5     . DG  A 1 4  ? -1.164  -9.254  4.728   1.00 10.00 ? 4  DG  A C5     1 
ATOM   106 C C6     . DG  A 1 4  ? -1.644  -9.821  3.497   1.00 10.00 ? 4  DG  A C6     1 
ATOM   107 O O6     . DG  A 1 4  ? -2.770  -9.793  3.002   1.00 10.00 ? 4  DG  A O6     1 
ATOM   108 N N1     . DG  A 1 4  ? -0.665  -10.495 2.789   1.00 10.00 ? 4  DG  A N1     1 
ATOM   109 C C2     . DG  A 1 4  ? 0.624   -10.631 3.208   1.00 10.00 ? 4  DG  A C2     1 
ATOM   110 N N2     . DG  A 1 4  ? 1.459   -11.238 2.400   1.00 10.00 ? 4  DG  A N2     1 
ATOM   111 N N3     . DG  A 1 4  ? 1.101   -10.139 4.350   1.00 10.00 ? 4  DG  A N3     1 
ATOM   112 C C4     . DG  A 1 4  ? 0.158   -9.455  5.065   1.00 10.00 ? 4  DG  A C4     1 
ATOM   113 H "H5'"  . DG  A 1 4  ? 1.691   -9.367  10.921  1.00 10.00 ? 4  DG  A "H5'"  1 
ATOM   114 H "H5''" . DG  A 1 4  ? 3.044   -8.239  11.100  1.00 10.00 ? 4  DG  A "H5''" 1 
ATOM   115 H "H4'"  . DG  A 1 4  ? 3.359   -9.540  9.097   1.00 10.00 ? 4  DG  A "H4'"  1 
ATOM   116 H "H3'"  . DG  A 1 4  ? 3.253   -6.680  8.972   1.00 10.00 ? 4  DG  A "H3'"  1 
ATOM   117 H "H2'"  . DG  A 1 4  ? 1.318   -6.698  7.624   1.00 10.00 ? 4  DG  A "H2'"  1 
ATOM   118 H "H2''" . DG  A 1 4  ? 2.547   -6.884  6.330   1.00 10.00 ? 4  DG  A "H2''" 1 
ATOM   119 H "H1'"  . DG  A 1 4  ? 2.398   -9.310  6.462   1.00 10.00 ? 4  DG  A "H1'"  1 
ATOM   120 H H8     . DG  A 1 4  ? -1.016  -7.699  7.494   1.00 10.00 ? 4  DG  A H8     1 
ATOM   121 H H1     . DG  A 1 4  ? -0.944  -10.884 1.896   1.00 10.00 ? 4  DG  A H1     1 
ATOM   122 H H21    . DG  A 1 4  ? 1.164   -11.583 1.480   1.00 10.00 ? 4  DG  A H21    1 
ATOM   123 H H22    . DG  A 1 4  ? 2.411   -11.276 2.714   1.00 10.00 ? 4  DG  A H22    1 
ATOM   124 P P      . DG  A 1 5  ? 5.394   -6.878  7.016   1.00 10.00 ? 5  DG  A P      1 
ATOM   125 O OP1    . DG  A 1 5  ? 6.783   -7.121  7.460   1.00 10.00 ? 5  DG  A OP1    1 
ATOM   126 O OP2    . DG  A 1 5  ? 4.810   -5.523  7.121   1.00 10.00 ? 5  DG  A OP2    1 
ATOM   127 O "O5'"  . DG  A 1 5  ? 5.256   -7.371  5.487   1.00 10.00 ? 5  DG  A "O5'"  1 
ATOM   128 C "C5'"  . DG  A 1 5  ? 5.833   -8.600  5.068   1.00 10.00 ? 5  DG  A "C5'"  1 
ATOM   129 C "C4'"  . DG  A 1 5  ? 5.713   -8.843  3.557   1.00 10.00 ? 5  DG  A "C4'"  1 
ATOM   130 O "O4'"  . DG  A 1 5  ? 4.349   -9.045  3.203   1.00 10.00 ? 5  DG  A "O4'"  1 
ATOM   131 C "C3'"  . DG  A 1 5  ? 6.258   -7.689  2.702   1.00 10.00 ? 5  DG  A "C3'"  1 
ATOM   132 O "O3'"  . DG  A 1 5  ? 6.964   -8.240  1.596   1.00 10.00 ? 5  DG  A "O3'"  1 
ATOM   133 C "C2'"  . DG  A 1 5  ? 4.974   -6.984  2.287   1.00 10.00 ? 5  DG  A "C2'"  1 
ATOM   134 C "C1'"  . DG  A 1 5  ? 4.037   -8.177  2.129   1.00 10.00 ? 5  DG  A "C1'"  1 
ATOM   135 N N9     . DG  A 1 5  ? 2.614   -7.786  2.187   1.00 10.00 ? 5  DG  A N9     1 
ATOM   136 C C8     . DG  A 1 5  ? 1.958   -7.093  3.172   1.00 10.00 ? 5  DG  A C8     1 
ATOM   137 N N7     . DG  A 1 5  ? 0.694   -6.880  2.927   1.00 10.00 ? 5  DG  A N7     1 
ATOM   138 C C5     . DG  A 1 5  ? 0.496   -7.479  1.680   1.00 10.00 ? 5  DG  A C5     1 
ATOM   139 C C6     . DG  A 1 5  ? -0.676  -7.596  0.857   1.00 10.00 ? 5  DG  A C6     1 
ATOM   140 O O6     . DG  A 1 5  ? -1.818  -7.191  1.059   1.00 10.00 ? 5  DG  A O6     1 
ATOM   141 N N1     . DG  A 1 5  ? -0.441  -8.260  -0.332  1.00 10.00 ? 5  DG  A N1     1 
ATOM   142 C C2     . DG  A 1 5  ? 0.765   -8.774  -0.698  1.00 10.00 ? 5  DG  A C2     1 
ATOM   143 N N2     . DG  A 1 5  ? 0.852   -9.309  -1.892  1.00 10.00 ? 5  DG  A N2     1 
ATOM   144 N N3     . DG  A 1 5  ? 1.869   -8.701  0.043   1.00 10.00 ? 5  DG  A N3     1 
ATOM   145 C C4     . DG  A 1 5  ? 1.671   -8.038  1.222   1.00 10.00 ? 5  DG  A C4     1 
ATOM   146 H "H5'"  . DG  A 1 5  ? 5.351   -9.422  5.598   1.00 10.00 ? 5  DG  A "H5'"  1 
ATOM   147 H "H5''" . DG  A 1 5  ? 6.893   -8.596  5.330   1.00 10.00 ? 5  DG  A "H5''" 1 
ATOM   148 H "H4'"  . DG  A 1 5  ? 6.275   -9.745  3.312   1.00 10.00 ? 5  DG  A "H4'"  1 
ATOM   149 H "H3'"  . DG  A 1 5  ? 6.906   -7.028  3.281   1.00 10.00 ? 5  DG  A "H3'"  1 
ATOM   150 H "H2'"  . DG  A 1 5  ? 4.644   -6.330  3.093   1.00 10.00 ? 5  DG  A "H2'"  1 
ATOM   151 H "H2''" . DG  A 1 5  ? 5.087   -6.421  1.363   1.00 10.00 ? 5  DG  A "H2''" 1 
ATOM   152 H "H1'"  . DG  A 1 5  ? 4.248   -8.675  1.178   1.00 10.00 ? 5  DG  A "H1'"  1 
ATOM   153 H H8     . DG  A 1 5  ? 2.458   -6.763  4.072   1.00 10.00 ? 5  DG  A H8     1 
ATOM   154 H H1     . DG  A 1 5  ? -1.232  -8.326  -0.964  1.00 10.00 ? 5  DG  A H1     1 
ATOM   155 H H21    . DG  A 1 5  ? 0.053   -9.303  -2.535  1.00 10.00 ? 5  DG  A H21    1 
ATOM   156 H H22    . DG  A 1 5  ? 1.768   -9.612  -2.168  1.00 10.00 ? 5  DG  A H22    1 
ATOM   157 P P      . DA  A 1 6  ? 7.730   -7.330  0.502   1.00 10.00 ? 6  DA  A P      1 
ATOM   158 O OP1    . DA  A 1 6  ? 9.006   -7.999  0.164   1.00 10.00 ? 6  DA  A OP1    1 
ATOM   159 O OP2    . DA  A 1 6  ? 7.732   -5.926  0.967   1.00 10.00 ? 6  DA  A OP2    1 
ATOM   160 O "O5'"  . DA  A 1 6  ? 6.751   -7.435  -0.777  1.00 10.00 ? 6  DA  A "O5'"  1 
ATOM   161 C "C5'"  . DA  A 1 6  ? 6.631   -8.653  -1.499  1.00 10.00 ? 6  DA  A "C5'"  1 
ATOM   162 C "C4'"  . DA  A 1 6  ? 5.808   -8.521  -2.789  1.00 10.00 ? 6  DA  A "C4'"  1 
ATOM   163 O "O4'"  . DA  A 1 6  ? 4.448   -8.241  -2.478  1.00 10.00 ? 6  DA  A "O4'"  1 
ATOM   164 C "C3'"  . DA  A 1 6  ? 6.310   -7.423  -3.738  1.00 10.00 ? 6  DA  A "C3'"  1 
ATOM   165 O "O3'"  . DA  A 1 6  ? 6.200   -7.917  -5.067  1.00 10.00 ? 6  DA  A "O3'"  1 
ATOM   166 C "C2'"  . DA  A 1 6  ? 5.341   -6.286  -3.426  1.00 10.00 ? 6  DA  A "C2'"  1 
ATOM   167 C "C1'"  . DA  A 1 6  ? 4.055   -7.067  -3.168  1.00 10.00 ? 6  DA  A "C1'"  1 
ATOM   168 N N9     . DA  A 1 6  ? 3.091   -6.324  -2.331  1.00 10.00 ? 6  DA  A N9     1 
ATOM   169 C C8     . DA  A 1 6  ? 3.287   -5.795  -1.079  1.00 10.00 ? 6  DA  A C8     1 
ATOM   170 N N7     . DA  A 1 6  ? 2.220   -5.263  -0.547  1.00 10.00 ? 6  DA  A N7     1 
ATOM   171 C C5     . DA  A 1 6  ? 1.245   -5.462  -1.532  1.00 10.00 ? 6  DA  A C5     1 
ATOM   172 C C6     . DA  A 1 6  ? -0.136  -5.176  -1.630  1.00 10.00 ? 6  DA  A C6     1 
ATOM   173 N N6     . DA  A 1 6  ? -0.847  -4.600  -0.677  1.00 10.00 ? 6  DA  A N6     1 
ATOM   174 N N1     . DA  A 1 6  ? -0.822  -5.507  -2.731  1.00 10.00 ? 6  DA  A N1     1 
ATOM   175 C C2     . DA  A 1 6  ? -0.173  -6.116  -3.718  1.00 10.00 ? 6  DA  A C2     1 
ATOM   176 N N3     . DA  A 1 6  ? 1.113   -6.447  -3.767  1.00 10.00 ? 6  DA  A N3     1 
ATOM   177 C C4     . DA  A 1 6  ? 1.771   -6.094  -2.627  1.00 10.00 ? 6  DA  A C4     1 
ATOM   178 H "H5'"  . DA  A 1 6  ? 6.168   -9.404  -0.859  1.00 10.00 ? 6  DA  A "H5'"  1 
ATOM   179 H "H5''" . DA  A 1 6  ? 7.630   -9.001  -1.769  1.00 10.00 ? 6  DA  A "H5''" 1 
ATOM   180 H "H4'"  . DA  A 1 6  ? 5.855   -9.474  -3.315  1.00 10.00 ? 6  DA  A "H4'"  1 
ATOM   181 H "H3'"  . DA  A 1 6  ? 7.341   -7.139  -3.518  1.00 10.00 ? 6  DA  A "H3'"  1 
ATOM   182 H "H2'"  . DA  A 1 6  ? 5.673   -5.770  -2.525  1.00 10.00 ? 6  DA  A "H2'"  1 
ATOM   183 H "H2''" . DA  A 1 6  ? 5.233   -5.579  -4.245  1.00 10.00 ? 6  DA  A "H2''" 1 
ATOM   184 H "H1'"  . DA  A 1 6  ? 3.601   -7.334  -4.127  1.00 10.00 ? 6  DA  A "H1'"  1 
ATOM   185 H H8     . DA  A 1 6  ? 4.246   -5.837  -0.584  1.00 10.00 ? 6  DA  A H8     1 
ATOM   186 H H61    . DA  A 1 6  ? -1.852  -4.474  -0.811  1.00 10.00 ? 6  DA  A H61    1 
ATOM   187 H H62    . DA  A 1 6  ? -0.386  -4.326  0.173   1.00 10.00 ? 6  DA  A H62    1 
ATOM   188 H H2     . DA  A 1 6  ? -0.762  -6.369  -4.588  1.00 10.00 ? 6  DA  A H2     1 
ATOM   189 P P      . DG  A 1 7  ? 6.646   -7.062  -6.362  1.00 10.00 ? 7  DG  A P      1 
ATOM   190 O OP1    . DG  A 1 7  ? 6.984   -8.003  -7.451  1.00 10.00 ? 7  DG  A OP1    1 
ATOM   191 O OP2    . DG  A 1 7  ? 7.630   -6.044  -5.931  1.00 10.00 ? 7  DG  A OP2    1 
ATOM   192 O "O5'"  . DG  A 1 7  ? 5.261   -6.327  -6.741  1.00 10.00 ? 7  DG  A "O5'"  1 
ATOM   193 C "C5'"  . DG  A 1 7  ? 5.214   -4.962  -7.119  1.00 10.00 ? 7  DG  A "C5'"  1 
ATOM   194 C "C4'"  . DG  A 1 7  ? 3.753   -4.518  -7.220  1.00 10.00 ? 7  DG  A "C4'"  1 
ATOM   195 O "O4'"  . DG  A 1 7  ? 3.159   -4.412  -5.935  1.00 10.00 ? 7  DG  A "O4'"  1 
ATOM   196 C "C3'"  . DG  A 1 7  ? 3.594   -3.126  -7.838  1.00 10.00 ? 7  DG  A "C3'"  1 
ATOM   197 O "O3'"  . DG  A 1 7  ? 3.350   -3.207  -9.233  1.00 10.00 ? 7  DG  A "O3'"  1 
ATOM   198 C "C2'"  . DG  A 1 7  ? 2.409   -2.533  -7.072  1.00 10.00 ? 7  DG  A "C2'"  1 
ATOM   199 C "C1'"  . DG  A 1 7  ? 1.989   -3.645  -6.115  1.00 10.00 ? 7  DG  A "C1'"  1 
ATOM   200 N N9     . DG  A 1 7  ? 1.478   -3.101  -4.840  1.00 10.00 ? 7  DG  A N9     1 
ATOM   201 C C8     . DG  A 1 7  ? 2.165   -2.832  -3.685  1.00 10.00 ? 7  DG  A C8     1 
ATOM   202 N N7     . DG  A 1 7  ? 1.424   -2.358  -2.721  1.00 10.00 ? 7  DG  A N7     1 
ATOM   203 C C5     . DG  A 1 7  ? 0.143   -2.308  -3.280  1.00 10.00 ? 7  DG  A C5     1 
ATOM   204 C C6     . DG  A 1 7  ? -1.123  -1.912  -2.728  1.00 10.00 ? 7  DG  A C6     1 
ATOM   205 O O6     . DG  A 1 7  ? -1.401  -1.524  -1.596  1.00 10.00 ? 7  DG  A O6     1 
ATOM   206 N N1     . DG  A 1 7  ? -2.160  -1.986  -3.638  1.00 10.00 ? 7  DG  A N1     1 
ATOM   207 C C2     . DG  A 1 7  ? -2.023  -2.416  -4.921  1.00 10.00 ? 7  DG  A C2     1 
ATOM   208 N N2     . DG  A 1 7  ? -3.100  -2.407  -5.670  1.00 10.00 ? 7  DG  A N2     1 
ATOM   209 N N3     . DG  A 1 7  ? -0.875  -2.824  -5.461  1.00 10.00 ? 7  DG  A N3     1 
ATOM   210 C C4     . DG  A 1 7  ? 0.175   -2.744  -4.588  1.00 10.00 ? 7  DG  A C4     1 
ATOM   211 H "H5'"  . DG  A 1 7  ? 5.701   -4.841  -8.087  1.00 10.00 ? 7  DG  A "H5'"  1 
ATOM   212 H "H5''" . DG  A 1 7  ? 5.727   -4.347  -6.378  1.00 10.00 ? 7  DG  A "H5''" 1 
ATOM   213 H "H4'"  . DG  A 1 7  ? 3.200   -5.239  -7.823  1.00 10.00 ? 7  DG  A "H4'"  1 
ATOM   214 H "H3'"  . DG  A 1 7  ? 4.490   -2.534  -7.637  1.00 10.00 ? 7  DG  A "H3'"  1 
ATOM   215 H "H2'"  . DG  A 1 7  ? 2.748   -1.656  -6.521  1.00 10.00 ? 7  DG  A "H2'"  1 
ATOM   216 H "H2''" . DG  A 1 7  ? 1.577   -2.280  -7.729  1.00 10.00 ? 7  DG  A "H2''" 1 
ATOM   217 H "H1'"  . DG  A 1 7  ? 1.212   -4.256  -6.580  1.00 10.00 ? 7  DG  A "H1'"  1 
ATOM   218 H H8     . DG  A 1 7  ? 3.227   -3.013  -3.587  1.00 10.00 ? 7  DG  A H8     1 
ATOM   219 H H1     . DG  A 1 7  ? -3.068  -1.687  -3.301  1.00 10.00 ? 7  DG  A H1     1 
ATOM   220 H H21    . DG  A 1 7  ? -4.001  -2.074  -5.309  1.00 10.00 ? 7  DG  A H21    1 
ATOM   221 H H22    . DG  A 1 7  ? -2.976  -2.722  -6.614  1.00 10.00 ? 7  DG  A H22    1 
ATOM   222 P P      . DA  A 1 8  ? 3.432   -1.905  -10.188 1.00 10.00 ? 8  DA  A P      1 
ATOM   223 O OP1    . DA  A 1 8  ? 3.623   -2.368  -11.580 1.00 10.00 ? 8  DA  A OP1    1 
ATOM   224 O OP2    . DA  A 1 8  ? 4.392   -0.953  -9.588  1.00 10.00 ? 8  DA  A OP2    1 
ATOM   225 O "O5'"  . DA  A 1 8  ? 1.961   -1.255  -10.076 1.00 10.00 ? 8  DA  A "O5'"  1 
ATOM   226 C "C5'"  . DA  A 1 8  ? 0.836   -1.875  -10.682 1.00 10.00 ? 8  DA  A "C5'"  1 
ATOM   227 C "C4'"  . DA  A 1 8  ? -0.435  -1.021  -10.565 1.00 10.00 ? 8  DA  A "C4'"  1 
ATOM   228 O "O4'"  . DA  A 1 8  ? -0.832  -0.935  -9.203  1.00 10.00 ? 8  DA  A "O4'"  1 
ATOM   229 C "C3'"  . DA  A 1 8  ? -0.255  0.404   -11.106 1.00 10.00 ? 8  DA  A "C3'"  1 
ATOM   230 O "O3'"  . DA  A 1 8  ? -1.410  0.765   -11.849 1.00 10.00 ? 8  DA  A "O3'"  1 
ATOM   231 C "C2'"  . DA  A 1 8  ? -0.094  1.216   -9.825  1.00 10.00 ? 8  DA  A "C2'"  1 
ATOM   232 C "C1'"  . DA  A 1 8  ? -0.957  0.428   -8.840  1.00 10.00 ? 8  DA  A "C1'"  1 
ATOM   233 N N9     . DA  A 1 8  ? -0.516  0.579   -7.436  1.00 10.00 ? 8  DA  A N9     1 
ATOM   234 C C8     . DA  A 1 8  ? 0.745   0.414   -6.916  1.00 10.00 ? 8  DA  A C8     1 
ATOM   235 N N7     . DA  A 1 8  ? 0.825   0.592   -5.625  1.00 10.00 ? 8  DA  A N7     1 
ATOM   236 C C5     . DA  A 1 8  ? -0.492  0.900   -5.267  1.00 10.00 ? 8  DA  A C5     1 
ATOM   237 C C6     . DA  A 1 8  ? -1.140  1.213   -4.049  1.00 10.00 ? 8  DA  A C6     1 
ATOM   238 N N6     . DA  A 1 8  ? -0.536  1.274   -2.873  1.00 10.00 ? 8  DA  A N6     1 
ATOM   239 N N1     . DA  A 1 8  ? -2.454  1.462   -4.028  1.00 10.00 ? 8  DA  A N1     1 
ATOM   240 C C2     . DA  A 1 8  ? -3.128  1.409   -5.172  1.00 10.00 ? 8  DA  A C2     1 
ATOM   241 N N3     . DA  A 1 8  ? -2.654  1.143   -6.384  1.00 10.00 ? 8  DA  A N3     1 
ATOM   242 C C4     . DA  A 1 8  ? -1.316  0.888   -6.362  1.00 10.00 ? 8  DA  A C4     1 
ATOM   243 H "H5'"  . DA  A 1 8  ? 0.661   -2.844  -10.212 1.00 10.00 ? 8  DA  A "H5'"  1 
ATOM   244 H "H5''" . DA  A 1 8  ? 1.048   -2.036  -11.740 1.00 10.00 ? 8  DA  A "H5''" 1 
ATOM   245 H "H4'"  . DA  A 1 8  ? -1.227  -1.508  -11.133 1.00 10.00 ? 8  DA  A "H4'"  1 
ATOM   246 H "H3'"  . DA  A 1 8  ? 0.637   0.475   -11.732 1.00 10.00 ? 8  DA  A "H3'"  1 
ATOM   247 H "H2'"  . DA  A 1 8  ? 0.956   1.198   -9.531  1.00 10.00 ? 8  DA  A "H2'"  1 
ATOM   248 H "H2''" . DA  A 1 8  ? -0.437  2.242   -9.938  1.00 10.00 ? 8  DA  A "H2''" 1 
ATOM   249 H "H1'"  . DA  A 1 8  ? -2.000  0.742   -8.945  1.00 10.00 ? 8  DA  A "H1'"  1 
ATOM   250 H H8     . DA  A 1 8  ? 1.594   0.152   -7.535  1.00 10.00 ? 8  DA  A H8     1 
ATOM   251 H H61    . DA  A 1 8  ? -1.093  1.440   -2.032  1.00 10.00 ? 8  DA  A H61    1 
ATOM   252 H H62    . DA  A 1 8  ? 0.448   1.069   -2.822  1.00 10.00 ? 8  DA  A H62    1 
ATOM   253 H H2     . DA  A 1 8  ? -4.188  1.618   -5.109  1.00 10.00 ? 8  DA  A H2     1 
ATOM   254 P P      . DT  A 1 9  ? -1.475  2.115   -12.737 1.00 10.00 ? 9  DT  A P      1 
ATOM   255 O OP1    . DT  A 1 9  ? -2.426  1.887   -13.847 1.00 10.00 ? 9  DT  A OP1    1 
ATOM   256 O OP2    . DT  A 1 9  ? -0.094  2.556   -13.023 1.00 10.00 ? 9  DT  A OP2    1 
ATOM   257 O "O5'"  . DT  A 1 9  ? -2.140  3.158   -11.705 1.00 10.00 ? 9  DT  A "O5'"  1 
ATOM   258 C "C5'"  . DT  A 1 9  ? -3.528  3.104   -11.421 1.00 10.00 ? 9  DT  A "C5'"  1 
ATOM   259 C "C4'"  . DT  A 1 9  ? -3.909  4.007   -10.246 1.00 10.00 ? 9  DT  A "C4'"  1 
ATOM   260 O "O4'"  . DT  A 1 9  ? -3.266  3.575   -9.058  1.00 10.00 ? 9  DT  A "O4'"  1 
ATOM   261 C "C3'"  . DT  A 1 9  ? -3.539  5.485   -10.418 1.00 10.00 ? 9  DT  A "C3'"  1 
ATOM   262 O "O3'"  . DT  A 1 9  ? -4.626  6.236   -10.944 1.00 10.00 ? 9  DT  A "O3'"  1 
ATOM   263 C "C2'"  . DT  A 1 9  ? -3.176  5.902   -8.992  1.00 10.00 ? 9  DT  A "C2'"  1 
ATOM   264 C "C1'"  . DT  A 1 9  ? -3.377  4.647   -8.147  1.00 10.00 ? 9  DT  A "C1'"  1 
ATOM   265 N N1     . DT  A 1 9  ? -2.381  4.559   -7.050  1.00 10.00 ? 9  DT  A N1     1 
ATOM   266 C C2     . DT  A 1 9  ? -2.809  4.881   -5.760  1.00 10.00 ? 9  DT  A C2     1 
ATOM   267 O O2     . DT  A 1 9  ? -3.949  5.248   -5.493  1.00 10.00 ? 9  DT  A O2     1 
ATOM   268 N N3     . DT  A 1 9  ? -1.867  4.796   -4.762  1.00 10.00 ? 9  DT  A N3     1 
ATOM   269 C C4     . DT  A 1 9  ? -0.540  4.471   -4.921  1.00 10.00 ? 9  DT  A C4     1 
ATOM   270 O O4     . DT  A 1 9  ? 0.172   4.424   -3.921  1.00 10.00 ? 9  DT  A O4     1 
ATOM   271 C C5     . DT  A 1 9  ? -0.142  4.208   -6.304  1.00 10.00 ? 9  DT  A C5     1 
ATOM   272 C C7     . DT  A 1 9  ? 1.304   3.892   -6.639  1.00 10.00 ? 9  DT  A C7     1 
ATOM   273 C C6     . DT  A 1 9  ? -1.060  4.252   -7.307  1.00 10.00 ? 9  DT  A C6     1 
ATOM   274 H "H5'"  . DT  A 1 9  ? -3.804  2.078   -11.173 1.00 10.00 ? 9  DT  A "H5'"  1 
ATOM   275 H "H5''" . DT  A 1 9  ? -4.085  3.411   -12.308 1.00 10.00 ? 9  DT  A "H5''" 1 
ATOM   276 H "H4'"  . DT  A 1 9  ? -4.988  3.945   -10.099 1.00 10.00 ? 9  DT  A "H4'"  1 
ATOM   277 H "H3'"  . DT  A 1 9  ? -2.659  5.570   -11.061 1.00 10.00 ? 9  DT  A "H3'"  1 
ATOM   278 H "H2'"  . DT  A 1 9  ? -2.136  6.218   -8.982  1.00 10.00 ? 9  DT  A "H2'"  1 
ATOM   279 H "H2''" . DT  A 1 9  ? -3.822  6.690   -8.611  1.00 10.00 ? 9  DT  A "H2''" 1 
ATOM   280 H "H1'"  . DT  A 1 9  ? -4.389  4.656   -7.732  1.00 10.00 ? 9  DT  A "H1'"  1 
ATOM   281 H H3     . DT  A 1 9  ? -2.183  5.026   -3.825  1.00 10.00 ? 9  DT  A H3     1 
ATOM   282 H H71    . DT  A 1 9  ? 1.751   3.312   -5.830  1.00 10.00 ? 9  DT  A H71    1 
ATOM   283 H H72    . DT  A 1 9  ? 1.368   3.315   -7.561  1.00 10.00 ? 9  DT  A H72    1 
ATOM   284 H H73    . DT  A 1 9  ? 1.857   4.824   -6.753  1.00 10.00 ? 9  DT  A H73    1 
ATOM   285 H H6     . DT  A 1 9  ? -0.770  4.048   -8.329  1.00 10.00 ? 9  DT  A H6     1 
HETATM 286 P P      . T2S A 1 10 ? -4.523  7.829   -11.237 1.00 10.00 ? 10 T2S A P      1 
HETATM 287 S S1P    . T2S A 1 10 ? -5.746  8.344   -12.702 1.00 10.00 ? 10 T2S A S1P    1 
HETATM 288 S S2P    . T2S A 1 10 ? -2.677  8.340   -11.726 1.00 10.00 ? 10 T2S A S2P    1 
HETATM 289 O "O5'"  . T2S A 1 10 ? -4.939  8.583   -9.875  1.00 10.00 ? 10 T2S A "O5'"  1 
HETATM 290 C "C5'"  . T2S A 1 10 ? -6.243  8.455   -9.333  1.00 10.00 ? 10 T2S A "C5'"  1 
HETATM 291 C "C4'"  . T2S A 1 10 ? -6.341  9.103   -7.945  1.00 10.00 ? 10 T2S A "C4'"  1 
HETATM 292 O "O4'"  . T2S A 1 10 ? -5.411  8.465   -7.078  1.00 10.00 ? 10 T2S A "O4'"  1 
HETATM 293 C "C3'"  . T2S A 1 10 ? -6.049  10.610  -7.945  1.00 10.00 ? 10 T2S A "C3'"  1 
HETATM 294 O "O3'"  . T2S A 1 10 ? -7.011  11.265  -7.129  1.00 10.00 ? 10 T2S A "O3'"  1 
HETATM 295 C "C2'"  . T2S A 1 10 ? -4.642  10.669  -7.364  1.00 10.00 ? 10 T2S A "C2'"  1 
HETATM 296 C "C1'"  . T2S A 1 10 ? -4.631  9.452   -6.432  1.00 10.00 ? 10 T2S A "C1'"  1 
HETATM 297 N N1     . T2S A 1 10 ? -3.270  8.911   -6.158  1.00 10.00 ? 10 T2S A N1     1 
HETATM 298 C C2     . T2S A 1 10 ? -2.905  8.687   -4.823  1.00 10.00 ? 10 T2S A C2     1 
HETATM 299 O O2     . T2S A 1 10 ? -3.638  8.914   -3.867  1.00 10.00 ? 10 T2S A O2     1 
HETATM 300 N N3     . T2S A 1 10 ? -1.631  8.212   -4.602  1.00 10.00 ? 10 T2S A N3     1 
HETATM 301 C C4     . T2S A 1 10 ? -0.687  7.948   -5.570  1.00 10.00 ? 10 T2S A C4     1 
HETATM 302 O O4     . T2S A 1 10 ? 0.420   7.545   -5.229  1.00 10.00 ? 10 T2S A O4     1 
HETATM 303 C C5     . T2S A 1 10 ? -1.128  8.194   -6.939  1.00 10.00 ? 10 T2S A C5     1 
HETATM 304 C C5M    . T2S A 1 10 ? -0.171  7.955   -8.094  1.00 10.00 ? 10 T2S A C5M    1 
HETATM 305 C C6     . T2S A 1 10 ? -2.385  8.650   -7.187  1.00 10.00 ? 10 T2S A C6     1 
HETATM 306 H "H5'"  . T2S A 1 10 ? -6.491  7.397   -9.236  1.00 10.00 ? 10 T2S A "H5'"  1 
HETATM 307 H "H5''" . T2S A 1 10 ? -6.965  8.925   -10.004 1.00 10.00 ? 10 T2S A "H5''" 1 
HETATM 308 H "H4'"  . T2S A 1 10 ? -7.350  8.946   -7.562  1.00 10.00 ? 10 T2S A "H4'"  1 
HETATM 309 H "H3'"  . T2S A 1 10 ? -6.071  11.012  -8.961  1.00 10.00 ? 10 T2S A "H3'"  1 
HETATM 310 H "H2'"  . T2S A 1 10 ? -3.931  10.564  -8.181  1.00 10.00 ? 10 T2S A "H2'"  1 
HETATM 311 H "H2''" . T2S A 1 10 ? -4.448  11.591  -6.821  1.00 10.00 ? 10 T2S A "H2''" 1 
HETATM 312 H "H1'"  . T2S A 1 10 ? -5.125  9.732   -5.496  1.00 10.00 ? 10 T2S A "H1'"  1 
HETATM 313 H H3     . T2S A 1 10 ? -1.348  8.115   -3.629  1.00 10.00 ? 10 T2S A H3     1 
HETATM 314 H H71    . T2S A 1 10 ? 0.710   8.583   -7.970  1.00 10.00 ? 10 T2S A H71    1 
HETATM 315 H H72    . T2S A 1 10 ? 0.142   6.910   -8.096  1.00 10.00 ? 10 T2S A H72    1 
HETATM 316 H H73    . T2S A 1 10 ? -0.641  8.189   -9.051  1.00 10.00 ? 10 T2S A H73    1 
HETATM 317 H H6     . T2S A 1 10 ? -2.703  8.800   -8.212  1.00 10.00 ? 10 T2S A H6     1 
HETATM 318 P P      . C2S A 1 11 ? -7.048  12.872  -6.940  1.00 10.00 ? 11 C2S A P      1 
HETATM 319 S S1P    . C2S A 1 11 ? -8.902  13.483  -6.623  1.00 10.00 ? 11 C2S A S1P    1 
HETATM 320 S S2P    . C2S A 1 11 ? -6.364  13.787  -8.556  1.00 10.00 ? 11 C2S A S2P    1 
HETATM 321 O "O5'"  . C2S A 1 11 ? -6.115  13.198  -5.668  1.00 10.00 ? 11 C2S A "O5'"  1 
HETATM 322 C "C5'"  . C2S A 1 11 ? -6.529  12.841  -4.359  1.00 10.00 ? 11 C2S A "C5'"  1 
HETATM 323 C "C4'"  . C2S A 1 11 ? -5.429  13.076  -3.319  1.00 10.00 ? 11 C2S A "C4'"  1 
HETATM 324 O "O4'"  . C2S A 1 11 ? -4.342  12.187  -3.535  1.00 10.00 ? 11 C2S A "O4'"  1 
HETATM 325 C "C3'"  . C2S A 1 11 ? -4.860  14.506  -3.302  1.00 10.00 ? 11 C2S A "C3'"  1 
HETATM 326 O "O3'"  . C2S A 1 11 ? -4.987  15.029  -1.987  1.00 10.00 ? 11 C2S A "O3'"  1 
HETATM 327 C "C2'"  . C2S A 1 11 ? -3.401  14.272  -3.687  1.00 10.00 ? 11 C2S A "C2'"  1 
HETATM 328 C "C1'"  . C2S A 1 11 ? -3.179  12.871  -3.126  1.00 10.00 ? 11 C2S A "C1'"  1 
HETATM 329 N N1     . C2S A 1 11 ? -1.947  12.211  -3.637  1.00 10.00 ? 11 C2S A N1     1 
HETATM 330 C C2     . C2S A 1 11 ? -0.943  11.859  -2.729  1.00 10.00 ? 11 C2S A C2     1 
HETATM 331 O O2     . C2S A 1 11 ? -1.066  12.041  -1.520  1.00 10.00 ? 11 C2S A O2     1 
HETATM 332 N N3     . C2S A 1 11 ? 0.214   11.313  -3.177  1.00 10.00 ? 11 C2S A N3     1 
HETATM 333 C C4     . C2S A 1 11 ? 0.374   11.093  -4.469  1.00 10.00 ? 11 C2S A C4     1 
HETATM 334 N N4     . C2S A 1 11 ? 1.508   10.546  -4.824  1.00 10.00 ? 11 C2S A N4     1 
HETATM 335 C C5     . C2S A 1 11 ? -0.623  11.419  -5.438  1.00 10.00 ? 11 C2S A C5     1 
HETATM 336 C C6     . C2S A 1 11 ? -1.774  11.976  -4.980  1.00 10.00 ? 11 C2S A C6     1 
HETATM 337 H "H5'"  . C2S A 1 11 ? -6.803  11.786  -4.337  1.00 10.00 ? 11 C2S A "H5'"  1 
HETATM 338 H "H5''" . C2S A 1 11 ? -7.403  13.435  -4.086  1.00 10.00 ? 11 C2S A "H5''" 1 
HETATM 339 H "H4'"  . C2S A 1 11 ? -5.847  12.870  -2.332  1.00 10.00 ? 11 C2S A "H4'"  1 
HETATM 340 H "H3'"  . C2S A 1 11 ? -5.361  15.151  -4.027  1.00 10.00 ? 11 C2S A "H3'"  1 
HETATM 341 H "H2'1" . C2S A 1 11 ? -3.315  14.279  -4.774  1.00 10.00 ? 11 C2S A "H2'1" 1 
HETATM 342 H "H1'"  . C2S A 1 11 ? -3.157  12.931  -2.031  1.00 10.00 ? 11 C2S A "H1'"  1 
HETATM 343 H H41    . C2S A 1 11 ? 1.686   10.263  -5.766  1.00 10.00 ? 11 C2S A H41    1 
HETATM 344 H H42    . C2S A 1 11 ? 2.143   10.300  -4.058  1.00 10.00 ? 11 C2S A H42    1 
HETATM 345 H H5     . C2S A 1 11 ? -0.489  11.234  -6.492  1.00 10.00 ? 11 C2S A H5     1 
HETATM 346 H H6     . C2S A 1 11 ? -2.574  12.240  -5.658  1.00 10.00 ? 11 C2S A H6     1 
HETATM 347 H "H2'2" . C2S A 1 11 ? -2.728  15.003  -3.246  1.00 10.00 ? 11 C2S A "H2'2" 1 
ATOM   348 P P      . DC  A 1 12 ? -4.597  16.552  -1.606  1.00 10.00 ? 12 DC  A P      1 
ATOM   349 O OP1    . DC  A 1 12 ? -5.725  17.145  -0.858  1.00 10.00 ? 12 DC  A OP1    1 
ATOM   350 O OP2    . DC  A 1 12 ? -4.068  17.226  -2.812  1.00 10.00 ? 12 DC  A OP2    1 
ATOM   351 O "O5'"  . DC  A 1 12 ? -3.369  16.330  -0.586  1.00 10.00 ? 12 DC  A "O5'"  1 
ATOM   352 C "C5'"  . DC  A 1 12 ? -3.587  15.763  0.698   1.00 10.00 ? 12 DC  A "C5'"  1 
ATOM   353 C "C4'"  . DC  A 1 12 ? -2.309  15.701  1.548   1.00 10.00 ? 12 DC  A "C4'"  1 
ATOM   354 O "O4'"  . DC  A 1 12 ? -1.370  14.835  0.923   1.00 10.00 ? 12 DC  A "O4'"  1 
ATOM   355 C "C3'"  . DC  A 1 12 ? -1.643  17.067  1.754   1.00 10.00 ? 12 DC  A "C3'"  1 
ATOM   356 O "O3'"  . DC  A 1 12 ? -1.175  17.164  3.092   1.00 10.00 ? 12 DC  A "O3'"  1 
ATOM   357 C "C2'"  . DC  A 1 12 ? -0.508  17.018  0.740   1.00 10.00 ? 12 DC  A "C2'"  1 
ATOM   358 C "C1'"  . DC  A 1 12 ? -0.151  15.529  0.738   1.00 10.00 ? 12 DC  A "C1'"  1 
ATOM   359 N N1     . DC  A 1 12 ? 0.479   15.088  -0.536  1.00 10.00 ? 12 DC  A N1     1 
ATOM   360 C C2     . DC  A 1 12 ? 1.749   14.503  -0.508  1.00 10.00 ? 12 DC  A C2     1 
ATOM   361 O O2     . DC  A 1 12 ? 2.357   14.318  0.546   1.00 10.00 ? 12 DC  A O2     1 
ATOM   362 N N3     . DC  A 1 12 ? 2.348   14.125  -1.665  1.00 10.00 ? 12 DC  A N3     1 
ATOM   363 C C4     . DC  A 1 12 ? 1.719   14.311  -2.812  1.00 10.00 ? 12 DC  A C4     1 
ATOM   364 N N4     . DC  A 1 12 ? 2.362   13.940  -3.891  1.00 10.00 ? 12 DC  A N4     1 
ATOM   365 C C5     . DC  A 1 12 ? 0.415   14.886  -2.899  1.00 10.00 ? 12 DC  A C5     1 
ATOM   366 C C6     . DC  A 1 12 ? -0.177  15.252  -1.734  1.00 10.00 ? 12 DC  A C6     1 
ATOM   367 H "H5'"  . DC  A 1 12 ? -3.979  14.752  0.580   1.00 10.00 ? 12 DC  A "H5'"  1 
ATOM   368 H "H5''" . DC  A 1 12 ? -4.329  16.362  1.229   1.00 10.00 ? 12 DC  A "H5''" 1 
ATOM   369 H "H4'"  . DC  A 1 12 ? -2.569  15.294  2.525   1.00 10.00 ? 12 DC  A "H4'"  1 
ATOM   370 H "H3'"  . DC  A 1 12 ? -2.332  17.885  1.533   1.00 10.00 ? 12 DC  A "H3'"  1 
ATOM   371 H "H2'"  . DC  A 1 12 ? -0.888  17.344  -0.227  1.00 10.00 ? 12 DC  A "H2'"  1 
ATOM   372 H "H2''" . DC  A 1 12 ? 0.333   17.639  1.035   1.00 10.00 ? 12 DC  A "H2''" 1 
ATOM   373 H "H1'"  . DC  A 1 12 ? 0.506   15.329  1.591   1.00 10.00 ? 12 DC  A "H1'"  1 
ATOM   374 H H41    . DC  A 1 12 ? 3.266   13.482  -3.739  1.00 10.00 ? 12 DC  A H41    1 
ATOM   375 H H42    . DC  A 1 12 ? 1.938   14.002  -4.794  1.00 10.00 ? 12 DC  A H42    1 
ATOM   376 H H5     . DC  A 1 12 ? -0.100  15.023  -3.837  1.00 10.00 ? 12 DC  A H5     1 
ATOM   377 H H6     . DC  A 1 12 ? -1.174  15.677  -1.722  1.00 10.00 ? 12 DC  A H6     1 
ATOM   378 P P      . DA  A 1 13 ? -0.512  18.514  3.689   1.00 10.00 ? 13 DA  A P      1 
ATOM   379 O OP1    . DA  A 1 13 ? -1.047  18.731  5.050   1.00 10.00 ? 13 DA  A OP1    1 
ATOM   380 O OP2    . DA  A 1 13 ? -0.614  19.585  2.674   1.00 10.00 ? 13 DA  A OP2    1 
ATOM   381 O "O5'"  . DA  A 1 13 ? 1.040   18.099  3.816   1.00 10.00 ? 13 DA  A "O5'"  1 
ATOM   382 C "C5'"  . DA  A 1 13 ? 1.463   17.174  4.807   1.00 10.00 ? 13 DA  A "C5'"  1 
ATOM   383 C "C4'"  . DA  A 1 13 ? 2.982   16.954  4.809   1.00 10.00 ? 13 DA  A "C4'"  1 
ATOM   384 O "O4'"  . DA  A 1 13 ? 3.372   16.338  3.587   1.00 10.00 ? 13 DA  A "O4'"  1 
ATOM   385 C "C3'"  . DA  A 1 13 ? 3.799   18.244  4.972   1.00 10.00 ? 13 DA  A "C3'"  1 
ATOM   386 O "O3'"  . DA  A 1 13 ? 4.918   17.960  5.804   1.00 10.00 ? 13 DA  A "O3'"  1 
ATOM   387 C "C2'"  . DA  A 1 13 ? 4.180   18.536  3.525   1.00 10.00 ? 13 DA  A "C2'"  1 
ATOM   388 C "C1'"  . DA  A 1 13 ? 4.388   17.122  2.989   1.00 10.00 ? 13 DA  A "C1'"  1 
ATOM   389 N N9     . DA  A 1 13 ? 4.270   17.048  1.519   1.00 10.00 ? 13 DA  A N9     1 
ATOM   390 C C8     . DA  A 1 13 ? 3.282   17.557  0.711   1.00 10.00 ? 13 DA  A C8     1 
ATOM   391 N N7     . DA  A 1 13 ? 3.465   17.349  -0.566  1.00 10.00 ? 13 DA  A N7     1 
ATOM   392 C C5     . DA  A 1 13 ? 4.667   16.631  -0.595  1.00 10.00 ? 13 DA  A C5     1 
ATOM   393 C C6     . DA  A 1 13 ? 5.464   16.073  -1.620  1.00 10.00 ? 13 DA  A C6     1 
ATOM   394 N N6     . DA  A 1 13 ? 5.146   16.095  -2.904  1.00 10.00 ? 13 DA  A N6     1 
ATOM   395 N N1     . DA  A 1 13 ? 6.626   15.474  -1.329  1.00 10.00 ? 13 DA  A N1     1 
ATOM   396 C C2     . DA  A 1 13 ? 6.994   15.397  -0.055  1.00 10.00 ? 13 DA  A C2     1 
ATOM   397 N N3     . DA  A 1 13 ? 6.345   15.858  1.007   1.00 10.00 ? 13 DA  A N3     1 
ATOM   398 C C4     . DA  A 1 13 ? 5.172   16.460  0.666   1.00 10.00 ? 13 DA  A C4     1 
ATOM   399 H "H5'"  . DA  A 1 13 ? 0.969   16.216  4.637   1.00 10.00 ? 13 DA  A "H5'"  1 
ATOM   400 H "H5''" . DA  A 1 13 ? 1.164   17.547  5.789   1.00 10.00 ? 13 DA  A "H5''" 1 
ATOM   401 H "H4'"  . DA  A 1 13 ? 3.226   16.285  5.634   1.00 10.00 ? 13 DA  A "H4'"  1 
ATOM   402 H "H3'"  . DA  A 1 13 ? 3.202   19.053  5.395   1.00 10.00 ? 13 DA  A "H3'"  1 
ATOM   403 H "H2'"  . DA  A 1 13 ? 3.343   19.028  3.029   1.00 10.00 ? 13 DA  A "H2'"  1 
ATOM   404 H "H2''" . DA  A 1 13 ? 5.073   19.148  3.440   1.00 10.00 ? 13 DA  A "H2''" 1 
ATOM   405 H "H1'"  . DA  A 1 13 ? 5.368   16.753  3.308   1.00 10.00 ? 13 DA  A "H1'"  1 
ATOM   406 H H8     . DA  A 1 13 ? 2.432   18.088  1.115   1.00 10.00 ? 13 DA  A H8     1 
ATOM   407 H H61    . DA  A 1 13 ? 5.772   15.641  -3.574  1.00 10.00 ? 13 DA  A H61    1 
ATOM   408 H H62    . DA  A 1 13 ? 4.262   16.482  -3.178  1.00 10.00 ? 13 DA  A H62    1 
ATOM   409 H H2     . DA  A 1 13 ? 7.936   14.902  0.141   1.00 10.00 ? 13 DA  A H2     1 
ATOM   410 P P      . DC  A 1 14 ? 6.066   19.042  6.159   1.00 10.00 ? 14 DC  A P      1 
ATOM   411 O OP1    . DC  A 1 14 ? 6.453   18.870  7.575   1.00 10.00 ? 14 DC  A OP1    1 
ATOM   412 O OP2    . DC  A 1 14 ? 5.659   20.370  5.653   1.00 10.00 ? 14 DC  A OP2    1 
ATOM   413 O "O5'"  . DC  A 1 14 ? 7.282   18.513  5.244   1.00 10.00 ? 14 DC  A "O5'"  1 
ATOM   414 C "C5'"  . DC  A 1 14 ? 7.882   17.253  5.502   1.00 10.00 ? 14 DC  A "C5'"  1 
ATOM   415 C "C4'"  . DC  A 1 14 ? 9.095   16.989  4.603   1.00 10.00 ? 14 DC  A "C4'"  1 
ATOM   416 O "O4'"  . DC  A 1 14 ? 8.664   16.928  3.254   1.00 10.00 ? 14 DC  A "O4'"  1 
ATOM   417 C "C3'"  . DC  A 1 14 ? 10.169  18.085  4.707   1.00 10.00 ? 14 DC  A "C3'"  1 
ATOM   418 O "O3'"  . DC  A 1 14 ? 11.469  17.517  4.680   1.00 10.00 ? 14 DC  A "O3'"  1 
ATOM   419 C "C2'"  . DC  A 1 14 ? 9.932   18.899  3.443   1.00 10.00 ? 14 DC  A "C2'"  1 
ATOM   420 C "C1'"  . DC  A 1 14 ? 9.444   17.816  2.478   1.00 10.00 ? 14 DC  A "C1'"  1 
ATOM   421 N N1     . DC  A 1 14 ? 8.612   18.352  1.370   1.00 10.00 ? 14 DC  A N1     1 
ATOM   422 C C2     . DC  A 1 14 ? 9.021   18.148  0.048   1.00 10.00 ? 14 DC  A C2     1 
ATOM   423 O O2     . DC  A 1 14 ? 10.093  17.606  -0.222  1.00 10.00 ? 14 DC  A O2     1 
ATOM   424 N N3     . DC  A 1 14 ? 8.233   18.554  -0.978  1.00 10.00 ? 14 DC  A N3     1 
ATOM   425 C C4     . DC  A 1 14 ? 7.075   19.135  -0.714  1.00 10.00 ? 14 DC  A C4     1 
ATOM   426 N N4     . DC  A 1 14 ? 6.327   19.421  -1.749  1.00 10.00 ? 14 DC  A N4     1 
ATOM   427 C C5     . DC  A 1 14 ? 6.622   19.396  0.615   1.00 10.00 ? 14 DC  A C5     1 
ATOM   428 C C6     . DC  A 1 14 ? 7.420   18.983  1.632   1.00 10.00 ? 14 DC  A C6     1 
ATOM   429 H "H5'"  . DC  A 1 14 ? 7.145   16.464  5.342   1.00 10.00 ? 14 DC  A "H5'"  1 
ATOM   430 H "H5''" . DC  A 1 14 ? 8.204   17.216  6.545   1.00 10.00 ? 14 DC  A "H5''" 1 
ATOM   431 H "H4'"  . DC  A 1 14 ? 9.536   16.033  4.883   1.00 10.00 ? 14 DC  A "H4'"  1 
ATOM   432 H "H3'"  . DC  A 1 14 ? 10.026  18.692  5.604   1.00 10.00 ? 14 DC  A "H3'"  1 
ATOM   433 H "HO3'" . DC  A 1 14 ? 12.122  18.220  4.718   1.00 10.00 ? 14 DC  A "HO3'" 1 
ATOM   434 H "H2'"  . DC  A 1 14 ? 9.154   19.637  3.635   1.00 10.00 ? 14 DC  A "H2'"  1 
ATOM   435 H "H2''" . DC  A 1 14 ? 10.839  19.384  3.081   1.00 10.00 ? 14 DC  A "H2''" 1 
ATOM   436 H "H1'"  . DC  A 1 14 ? 10.308  17.268  2.090   1.00 10.00 ? 14 DC  A "H1'"  1 
ATOM   437 H H41    . DC  A 1 14 ? 6.701   19.144  -2.661  1.00 10.00 ? 14 DC  A H41    1 
ATOM   438 H H42    . DC  A 1 14 ? 5.389   19.751  -1.627  1.00 10.00 ? 14 DC  A H42    1 
ATOM   439 H H5     . DC  A 1 14 ? 5.677   19.870  0.823   1.00 10.00 ? 14 DC  A H5     1 
ATOM   440 H H6     . DC  A 1 14 ? 7.127   19.113  2.668   1.00 10.00 ? 14 DC  A H6     1 
ATOM   441 O "O5'"  . DG  B 2 1  ? 13.055  17.771  -11.292 1.00 10.00 ? 15 DG  B "O5'"  1 
ATOM   442 C "C5'"  . DG  B 2 1  ? 12.656  16.428  -11.096 1.00 10.00 ? 15 DG  B "C5'"  1 
ATOM   443 C "C4'"  . DG  B 2 1  ? 12.905  16.043  -9.636  1.00 10.00 ? 15 DG  B "C4'"  1 
ATOM   444 O "O4'"  . DG  B 2 1  ? 12.142  16.915  -8.805  1.00 10.00 ? 15 DG  B "O4'"  1 
ATOM   445 C "C3'"  . DG  B 2 1  ? 12.459  14.608  -9.325  1.00 10.00 ? 15 DG  B "C3'"  1 
ATOM   446 O "O3'"  . DG  B 2 1  ? 13.484  13.960  -8.593  1.00 10.00 ? 15 DG  B "O3'"  1 
ATOM   447 C "C2'"  . DG  B 2 1  ? 11.208  14.826  -8.481  1.00 10.00 ? 15 DG  B "C2'"  1 
ATOM   448 C "C1'"  . DG  B 2 1  ? 11.553  16.133  -7.784  1.00 10.00 ? 15 DG  B "C1'"  1 
ATOM   449 N N9     . DG  B 2 1  ? 10.361  16.802  -7.220  1.00 10.00 ? 15 DG  B N9     1 
ATOM   450 C C8     . DG  B 2 1  ? 9.290   17.353  -7.879  1.00 10.00 ? 15 DG  B C8     1 
ATOM   451 N N7     . DG  B 2 1  ? 8.397   17.889  -7.095  1.00 10.00 ? 15 DG  B N7     1 
ATOM   452 C C5     . DG  B 2 1  ? 8.908   17.678  -5.810  1.00 10.00 ? 15 DG  B C5     1 
ATOM   453 C C6     . DG  B 2 1  ? 8.416   18.049  -4.509  1.00 10.00 ? 15 DG  B C6     1 
ATOM   454 O O6     . DG  B 2 1  ? 7.393   18.659  -4.198  1.00 10.00 ? 15 DG  B O6     1 
ATOM   455 N N1     . DG  B 2 1  ? 9.257   17.667  -3.481  1.00 10.00 ? 15 DG  B N1     1 
ATOM   456 C C2     . DG  B 2 1  ? 10.435  17.006  -3.662  1.00 10.00 ? 15 DG  B C2     1 
ATOM   457 N N2     . DG  B 2 1  ? 11.126  16.699  -2.591  1.00 10.00 ? 15 DG  B N2     1 
ATOM   458 N N3     . DG  B 2 1  ? 10.920  16.641  -4.847  1.00 10.00 ? 15 DG  B N3     1 
ATOM   459 C C4     . DG  B 2 1  ? 10.114  17.011  -5.885  1.00 10.00 ? 15 DG  B C4     1 
ATOM   460 H "H5'"  . DG  B 2 1  ? 13.233  15.775  -11.753 1.00 10.00 ? 15 DG  B "H5'"  1 
ATOM   461 H "H5''" . DG  B 2 1  ? 11.594  16.324  -11.325 1.00 10.00 ? 15 DG  B "H5''" 1 
ATOM   462 H "H4'"  . DG  B 2 1  ? 13.968  16.144  -9.409  1.00 10.00 ? 15 DG  B "H4'"  1 
ATOM   463 H "H3'"  . DG  B 2 1  ? 12.231  14.045  -10.233 1.00 10.00 ? 15 DG  B "H3'"  1 
ATOM   464 H "H2'"  . DG  B 2 1  ? 10.343  14.948  -9.133  1.00 10.00 ? 15 DG  B "H2'"  1 
ATOM   465 H "H2''" . DG  B 2 1  ? 11.047  14.021  -7.767  1.00 10.00 ? 15 DG  B "H2''" 1 
ATOM   466 H "H1'"  . DG  B 2 1  ? 12.280  15.936  -6.991  1.00 10.00 ? 15 DG  B "H1'"  1 
ATOM   467 H H8     . DG  B 2 1  ? 9.205   17.348  -8.956  1.00 10.00 ? 15 DG  B H8     1 
ATOM   468 H H1     . DG  B 2 1  ? 8.955   17.910  -2.542  1.00 10.00 ? 15 DG  B H1     1 
ATOM   469 H H21    . DG  B 2 1  ? 10.782  16.940  -1.655  1.00 10.00 ? 15 DG  B H21    1 
ATOM   470 H H22    . DG  B 2 1  ? 11.936  16.125  -2.740  1.00 10.00 ? 15 DG  B H22    1 
ATOM   471 H "HO5'" . DG  B 2 1  ? 12.724  18.276  -10.540 1.00 10.00 ? 15 DG  B "HO5'" 1 
ATOM   472 P P      . DT  B 2 2  ? 13.413  12.390  -8.218  1.00 10.00 ? 16 DT  B P      1 
ATOM   473 O OP1    . DT  B 2 2  ? 14.742  11.799  -8.482  1.00 10.00 ? 16 DT  B OP1    1 
ATOM   474 O OP2    . DT  B 2 2  ? 12.203  11.816  -8.846  1.00 10.00 ? 16 DT  B OP2    1 
ATOM   475 O "O5'"  . DT  B 2 2  ? 13.178  12.439  -6.625  1.00 10.00 ? 16 DT  B "O5'"  1 
ATOM   476 C "C5'"  . DT  B 2 2  ? 14.199  12.914  -5.763  1.00 10.00 ? 16 DT  B "C5'"  1 
ATOM   477 C "C4'"  . DT  B 2 2  ? 13.854  12.742  -4.277  1.00 10.00 ? 16 DT  B "C4'"  1 
ATOM   478 O "O4'"  . DT  B 2 2  ? 12.724  13.541  -3.949  1.00 10.00 ? 16 DT  B "O4'"  1 
ATOM   479 C "C3'"  . DT  B 2 2  ? 13.554  11.289  -3.886  1.00 10.00 ? 16 DT  B "C3'"  1 
ATOM   480 O "O3'"  . DT  B 2 2  ? 14.178  11.032  -2.635  1.00 10.00 ? 16 DT  B "O3'"  1 
ATOM   481 C "C2'"  . DT  B 2 2  ? 12.030  11.282  -3.815  1.00 10.00 ? 16 DT  B "C2'"  1 
ATOM   482 C "C1'"  . DT  B 2 2  ? 11.729  12.716  -3.370  1.00 10.00 ? 16 DT  B "C1'"  1 
ATOM   483 N N1     . DT  B 2 2  ? 10.392  13.222  -3.783  1.00 10.00 ? 16 DT  B N1     1 
ATOM   484 C C2     . DT  B 2 2  ? 9.593   13.828  -2.807  1.00 10.00 ? 16 DT  B C2     1 
ATOM   485 O O2     . DT  B 2 2  ? 9.904   13.913  -1.623  1.00 10.00 ? 16 DT  B O2     1 
ATOM   486 N N3     . DT  B 2 2  ? 8.401   14.367  -3.232  1.00 10.00 ? 16 DT  B N3     1 
ATOM   487 C C4     . DT  B 2 2  ? 7.917   14.352  -4.520  1.00 10.00 ? 16 DT  B C4     1 
ATOM   488 O O4     . DT  B 2 2  ? 6.857   14.924  -4.754  1.00 10.00 ? 16 DT  B O4     1 
ATOM   489 C C5     . DT  B 2 2  ? 8.773   13.670  -5.485  1.00 10.00 ? 16 DT  B C5     1 
ATOM   490 C C7     . DT  B 2 2  ? 8.326   13.551  -6.930  1.00 10.00 ? 16 DT  B C7     1 
ATOM   491 C C6     . DT  B 2 2  ? 9.971   13.152  -5.100  1.00 10.00 ? 16 DT  B C6     1 
ATOM   492 H "H5'"  . DT  B 2 2  ? 14.374  13.971  -5.964  1.00 10.00 ? 16 DT  B "H5'"  1 
ATOM   493 H "H5''" . DT  B 2 2  ? 15.120  12.366  -5.968  1.00 10.00 ? 16 DT  B "H5''" 1 
ATOM   494 H "H4'"  . DT  B 2 2  ? 14.708  13.085  -3.693  1.00 10.00 ? 16 DT  B "H4'"  1 
ATOM   495 H "H3'"  . DT  B 2 2  ? 13.917  10.596  -4.648  1.00 10.00 ? 16 DT  B "H3'"  1 
ATOM   496 H "H2'"  . DT  B 2 2  ? 11.638  11.074  -4.809  1.00 10.00 ? 16 DT  B "H2'"  1 
ATOM   497 H "H2''" . DT  B 2 2  ? 11.647  10.552  -3.104  1.00 10.00 ? 16 DT  B "H2''" 1 
ATOM   498 H "H1'"  . DT  B 2 2  ? 11.830  12.755  -2.281  1.00 10.00 ? 16 DT  B "H1'"  1 
ATOM   499 H H3     . DT  B 2 2  ? 7.816   14.797  -2.524  1.00 10.00 ? 16 DT  B H3     1 
ATOM   500 H H71    . DT  B 2 2  ? 8.364   14.531  -7.403  1.00 10.00 ? 16 DT  B H71    1 
ATOM   501 H H72    . DT  B 2 2  ? 8.958   12.850  -7.477  1.00 10.00 ? 16 DT  B H72    1 
ATOM   502 H H73    . DT  B 2 2  ? 7.298   13.188  -6.957  1.00 10.00 ? 16 DT  B H73    1 
ATOM   503 H H6     . DT  B 2 2  ? 10.619  12.692  -5.836  1.00 10.00 ? 16 DT  B H6     1 
HETATM 504 P P      . G2S B 2 3  ? 14.152  9.580   -1.924  1.00 10.00 ? 17 G2S B P      1 
HETATM 505 S S1P    . G2S B 2 3  ? 15.777  9.335   -0.822  1.00 10.00 ? 17 G2S B S1P    1 
HETATM 506 S S2P    . G2S B 2 3  ? 14.087  8.133   -3.269  1.00 10.00 ? 17 G2S B S2P    1 
HETATM 507 O "O5'"  . G2S B 2 3  ? 12.834  9.567   -1.000  1.00 10.00 ? 17 G2S B "O5'"  1 
HETATM 508 C "C5'"  . G2S B 2 3  ? 12.775  10.362  0.172   1.00 10.00 ? 17 G2S B "C5'"  1 
HETATM 509 C "C4'"  . G2S B 2 3  ? 11.361  10.439  0.754   1.00 10.00 ? 17 G2S B "C4'"  1 
HETATM 510 O "O4'"  . G2S B 2 3  ? 10.495  11.123  -0.138  1.00 10.00 ? 17 G2S B "O4'"  1 
HETATM 511 C "C3'"  . G2S B 2 3  ? 10.717  9.081   1.077   1.00 10.00 ? 17 G2S B "C3'"  1 
HETATM 512 O "O3'"  . G2S B 2 3  ? 10.346  9.104   2.448   1.00 10.00 ? 17 G2S B "O3'"  1 
HETATM 513 C "C2'"  . G2S B 2 3  ? 9.511   9.063   0.135   1.00 10.00 ? 17 G2S B "C2'"  1 
HETATM 514 C "C1'"  . G2S B 2 3  ? 9.215   10.553  0.030   1.00 10.00 ? 17 G2S B "C1'"  1 
HETATM 515 N N9     . G2S B 2 3  ? 8.321   10.899  -1.094  1.00 10.00 ? 17 G2S B N9     1 
HETATM 516 C C8     . G2S B 2 3  ? 8.481   10.659  -2.436  1.00 10.00 ? 17 G2S B C8     1 
HETATM 517 N N7     . G2S B 2 3  ? 7.518   11.127  -3.183  1.00 10.00 ? 17 G2S B N7     1 
HETATM 518 C C5     . G2S B 2 3  ? 6.631   11.695  -2.261  1.00 10.00 ? 17 G2S B C5     1 
HETATM 519 C C6     . G2S B 2 3  ? 5.374   12.372  -2.434  1.00 10.00 ? 17 G2S B C6     1 
HETATM 520 O O6     . G2S B 2 3  ? 4.764   12.648  -3.465  1.00 10.00 ? 17 G2S B O6     1 
HETATM 521 N N1     . G2S B 2 3  ? 4.796   12.761  -1.239  1.00 10.00 ? 17 G2S B N1     1 
HETATM 522 C C2     . G2S B 2 3  ? 5.364   12.572  -0.017  1.00 10.00 ? 17 G2S B C2     1 
HETATM 523 N N2     . G2S B 2 3  ? 4.699   12.994  1.030   1.00 10.00 ? 17 G2S B N2     1 
HETATM 524 N N3     . G2S B 2 3  ? 6.541   11.983  0.182   1.00 10.00 ? 17 G2S B N3     1 
HETATM 525 C C4     . G2S B 2 3  ? 7.122   11.557  -0.980  1.00 10.00 ? 17 G2S B C4     1 
HETATM 526 H "H5'"  . G2S B 2 3  ? 13.102  11.377  -0.061  1.00 10.00 ? 17 G2S B "H5'"  1 
HETATM 527 H "H5''" . G2S B 2 3  ? 13.446  9.944   0.924   1.00 10.00 ? 17 G2S B "H5''" 1 
HETATM 528 H "H4'"  . G2S B 2 3  ? 11.412  11.013  1.681   1.00 10.00 ? 17 G2S B "H4'"  1 
HETATM 529 H "H3'"  . G2S B 2 3  ? 11.392  8.249   0.868   1.00 10.00 ? 17 G2S B "H3'"  1 
HETATM 530 H "H2'1" . G2S B 2 3  ? 9.814   8.662   -0.831  1.00 10.00 ? 17 G2S B "H2'1" 1 
HETATM 531 H "H1'"  . G2S B 2 3  ? 8.770   10.899  0.968   1.00 10.00 ? 17 G2S B "H1'"  1 
HETATM 532 H H8     . G2S B 2 3  ? 9.343   10.145  -2.833  1.00 10.00 ? 17 G2S B H8     1 
HETATM 533 H H1     . G2S B 2 3  ? 3.906   13.244  -1.307  1.00 10.00 ? 17 G2S B H1     1 
HETATM 534 H H21    . G2S B 2 3  ? 3.793   13.467  0.938   1.00 10.00 ? 17 G2S B H21    1 
HETATM 535 H H22    . G2S B 2 3  ? 5.130   12.820  1.920   1.00 10.00 ? 17 G2S B H22    1 
HETATM 536 H "H2'2" . G2S B 2 3  ? 8.669   8.505   0.539   1.00 10.00 ? 17 G2S B "H2'2" 1 
ATOM   537 P P      . DG  B 2 4  ? 9.670   7.846   3.206   1.00 10.00 ? 18 DG  B P      1 
ATOM   538 O OP1    . DG  B 2 4  ? 10.341  7.689   4.515   1.00 10.00 ? 18 DG  B OP1    1 
ATOM   539 O OP2    . DG  B 2 4  ? 9.594   6.706   2.269   1.00 10.00 ? 18 DG  B OP2    1 
ATOM   540 O "O5'"  . DG  B 2 4  ? 8.176   8.397   3.462   1.00 10.00 ? 18 DG  B "O5'"  1 
ATOM   541 C "C5'"  . DG  B 2 4  ? 7.953   9.475   4.361   1.00 10.00 ? 18 DG  B "C5'"  1 
ATOM   542 C "C4'"  . DG  B 2 4  ? 6.466   9.793   4.576   1.00 10.00 ? 18 DG  B "C4'"  1 
ATOM   543 O "O4'"  . DG  B 2 4  ? 5.889   10.263  3.365   1.00 10.00 ? 18 DG  B "O4'"  1 
ATOM   544 C "C3'"  . DG  B 2 4  ? 5.643   8.593   5.060   1.00 10.00 ? 18 DG  B "C3'"  1 
ATOM   545 O "O3'"  . DG  B 2 4  ? 4.715   9.054   6.032   1.00 10.00 ? 18 DG  B "O3'"  1 
ATOM   546 C "C2'"  . DG  B 2 4  ? 4.974   8.129   3.771   1.00 10.00 ? 18 DG  B "C2'"  1 
ATOM   547 C "C1'"  . DG  B 2 4  ? 4.760   9.462   3.060   1.00 10.00 ? 18 DG  B "C1'"  1 
ATOM   548 N N9     . DG  B 2 4  ? 4.650   9.316   1.595   1.00 10.00 ? 18 DG  B N9     1 
ATOM   549 C C8     . DG  B 2 4  ? 5.533   8.728   0.723   1.00 10.00 ? 18 DG  B C8     1 
ATOM   550 N N7     . DG  B 2 4  ? 5.177   8.801   -0.531  1.00 10.00 ? 18 DG  B N7     1 
ATOM   551 C C5     . DG  B 2 4  ? 3.963   9.497   -0.488  1.00 10.00 ? 18 DG  B C5     1 
ATOM   552 C C6     . DG  B 2 4  ? 3.075   9.932   -1.531  1.00 10.00 ? 18 DG  B C6     1 
ATOM   553 O O6     . DG  B 2 4  ? 3.167   9.788   -2.749  1.00 10.00 ? 18 DG  B O6     1 
ATOM   554 N N1     . DG  B 2 4  ? 1.970   10.614  -1.059  1.00 10.00 ? 18 DG  B N1     1 
ATOM   555 C C2     . DG  B 2 4  ? 1.729   10.861  0.258   1.00 10.00 ? 18 DG  B C2     1 
ATOM   556 N N2     . DG  B 2 4  ? 0.610   11.473  0.562   1.00 10.00 ? 18 DG  B N2     1 
ATOM   557 N N3     . DG  B 2 4  ? 2.526   10.478  1.253   1.00 10.00 ? 18 DG  B N3     1 
ATOM   558 C C4     . DG  B 2 4  ? 3.631   9.804   0.815   1.00 10.00 ? 18 DG  B C4     1 
ATOM   559 H "H5'"  . DG  B 2 4  ? 8.449   10.367  3.977   1.00 10.00 ? 18 DG  B "H5'"  1 
ATOM   560 H "H5''" . DG  B 2 4  ? 8.393   9.225   5.327   1.00 10.00 ? 18 DG  B "H5''" 1 
ATOM   561 H "H4'"  . DG  B 2 4  ? 6.396   10.580  5.326   1.00 10.00 ? 18 DG  B "H4'"  1 
ATOM   562 H "H3'"  . DG  B 2 4  ? 6.281   7.812   5.479   1.00 10.00 ? 18 DG  B "H3'"  1 
ATOM   563 H "H2'"  . DG  B 2 4  ? 5.666   7.496   3.216   1.00 10.00 ? 18 DG  B "H2'"  1 
ATOM   564 H "H2''" . DG  B 2 4  ? 4.036   7.605   3.948   1.00 10.00 ? 18 DG  B "H2''" 1 
ATOM   565 H "H1'"  . DG  B 2 4  ? 3.858   9.936   3.456   1.00 10.00 ? 18 DG  B "H1'"  1 
ATOM   566 H H8     . DG  B 2 4  ? 6.448   8.260   1.061   1.00 10.00 ? 18 DG  B H8     1 
ATOM   567 H H1     . DG  B 2 4  ? 1.299   10.919  -1.756  1.00 10.00 ? 18 DG  B H1     1 
ATOM   568 H H21    . DG  B 2 4  ? -0.075  11.723  -0.159  1.00 10.00 ? 18 DG  B H21    1 
ATOM   569 H H22    . DG  B 2 4  ? 0.432   11.594  1.541   1.00 10.00 ? 18 DG  B H22    1 
ATOM   570 P P      . DA  B 2 5  ? 3.738   8.057   6.841   1.00 10.00 ? 19 DA  B P      1 
ATOM   571 O OP1    . DA  B 2 5  ? 3.471   8.654   8.168   1.00 10.00 ? 19 DA  B OP1    1 
ATOM   572 O OP2    . DA  B 2 5  ? 4.281   6.685   6.742   1.00 10.00 ? 19 DA  B OP2    1 
ATOM   573 O "O5'"  . DA  B 2 5  ? 2.383   8.133   5.969   1.00 10.00 ? 19 DA  B "O5'"  1 
ATOM   574 C "C5'"  . DA  B 2 5  ? 1.553   9.283   6.009   1.00 10.00 ? 19 DA  B "C5'"  1 
ATOM   575 C "C4'"  . DA  B 2 5  ? 0.265   9.110   5.191   1.00 10.00 ? 19 DA  B "C4'"  1 
ATOM   576 O "O4'"  . DA  B 2 5  ? 0.553   9.142   3.798   1.00 10.00 ? 19 DA  B "O4'"  1 
ATOM   577 C "C3'"  . DA  B 2 5  ? -0.468  7.792   5.487   1.00 10.00 ? 19 DA  B "C3'"  1 
ATOM   578 O "O3'"  . DA  B 2 5  ? -1.859  8.057   5.596   1.00 10.00 ? 19 DA  B "O3'"  1 
ATOM   579 C "C2'"  . DA  B 2 5  ? -0.144  6.979   4.238   1.00 10.00 ? 19 DA  B "C2'"  1 
ATOM   580 C "C1'"  . DA  B 2 5  ? -0.164  8.087   3.189   1.00 10.00 ? 19 DA  B "C1'"  1 
ATOM   581 N N9     . DA  B 2 5  ? 0.460   7.708   1.903   1.00 10.00 ? 19 DA  B N9     1 
ATOM   582 C C8     . DA  B 2 5  ? 1.633   7.029   1.681   1.00 10.00 ? 19 DA  B C8     1 
ATOM   583 N N7     . DA  B 2 5  ? 1.918   6.840   0.421   1.00 10.00 ? 19 DA  B N7     1 
ATOM   584 C C5     . DA  B 2 5  ? 0.848   7.453   -0.239  1.00 10.00 ? 19 DA  B C5     1 
ATOM   585 C C6     . DA  B 2 5  ? 0.505   7.642   -1.596  1.00 10.00 ? 19 DA  B C6     1 
ATOM   586 N N6     . DA  B 2 5  ? 1.246   7.216   -2.605  1.00 10.00 ? 19 DA  B N6     1 
ATOM   587 N N1     . DA  B 2 5  ? -0.623  8.280   -1.932  1.00 10.00 ? 19 DA  B N1     1 
ATOM   588 C C2     . DA  B 2 5  ? -1.402  8.733   -0.954  1.00 10.00 ? 19 DA  B C2     1 
ATOM   589 N N3     . DA  B 2 5  ? -1.210  8.629   0.357   1.00 10.00 ? 19 DA  B N3     1 
ATOM   590 C C4     . DA  B 2 5  ? -0.051  7.974   0.654   1.00 10.00 ? 19 DA  B C4     1 
ATOM   591 H "H5'"  . DA  B 2 5  ? 2.104   10.144  5.631   1.00 10.00 ? 19 DA  B "H5'"  1 
ATOM   592 H "H5''" . DA  B 2 5  ? 1.276   9.476   7.047   1.00 10.00 ? 19 DA  B "H5''" 1 
ATOM   593 H "H4'"  . DA  B 2 5  ? -0.404  9.937   5.428   1.00 10.00 ? 19 DA  B "H4'"  1 
ATOM   594 H "H3'"  . DA  B 2 5  ? -0.090  7.312   6.391   1.00 10.00 ? 19 DA  B "H3'"  1 
ATOM   595 H "H2'"  . DA  B 2 5  ? 0.852   6.548   4.337   1.00 10.00 ? 19 DA  B "H2'"  1 
ATOM   596 H "H2''" . DA  B 2 5  ? -0.880  6.204   4.040   1.00 10.00 ? 19 DA  B "H2''" 1 
ATOM   597 H "H1'"  . DA  B 2 5  ? -1.199  8.398   3.015   1.00 10.00 ? 19 DA  B "H1'"  1 
ATOM   598 H H8     . DA  B 2 5  ? 2.270   6.687   2.485   1.00 10.00 ? 19 DA  B H8     1 
ATOM   599 H H61    . DA  B 2 5  ? 0.936   7.379   -3.562  1.00 10.00 ? 19 DA  B H61    1 
ATOM   600 H H62    . DA  B 2 5  ? 2.115   6.752   -2.403  1.00 10.00 ? 19 DA  B H62    1 
ATOM   601 H H2     . DA  B 2 5  ? -2.304  9.243   -1.263  1.00 10.00 ? 19 DA  B H2     1 
ATOM   602 P P      . DA  B 2 6  ? -2.897  6.988   6.218   1.00 10.00 ? 20 DA  B P      1 
ATOM   603 O OP1    . DA  B 2 6  ? -3.423  7.533   7.487   1.00 10.00 ? 20 DA  B OP1    1 
ATOM   604 O OP2    . DA  B 2 6  ? -2.286  5.644   6.179   1.00 10.00 ? 20 DA  B OP2    1 
ATOM   605 O "O5'"  . DA  B 2 6  ? -4.074  7.008   5.124   1.00 10.00 ? 20 DA  B "O5'"  1 
ATOM   606 C "C5'"  . DA  B 2 6  ? -4.928  8.130   4.977   1.00 10.00 ? 20 DA  B "C5'"  1 
ATOM   607 C "C4'"  . DA  B 2 6  ? -5.958  7.935   3.855   1.00 10.00 ? 20 DA  B "C4'"  1 
ATOM   608 O "O4'"  . DA  B 2 6  ? -5.293  7.875   2.600   1.00 10.00 ? 20 DA  B "O4'"  1 
ATOM   609 C "C3'"  . DA  B 2 6  ? -6.797  6.661   4.005   1.00 10.00 ? 20 DA  B "C3'"  1 
ATOM   610 O "O3'"  . DA  B 2 6  ? -8.115  6.924   3.544   1.00 10.00 ? 20 DA  B "O3'"  1 
ATOM   611 C "C2'"  . DA  B 2 6  ? -6.035  5.675   3.124   1.00 10.00 ? 20 DA  B "C2'"  1 
ATOM   612 C "C1'"  . DA  B 2 6  ? -5.448  6.582   2.038   1.00 10.00 ? 20 DA  B "C1'"  1 
ATOM   613 N N9     . DA  B 2 6  ? -4.133  6.115   1.540   1.00 10.00 ? 20 DA  B N9     1 
ATOM   614 C C8     . DA  B 2 6  ? -3.032  5.709   2.256   1.00 10.00 ? 20 DA  B C8     1 
ATOM   615 N N7     . DA  B 2 6  ? -2.029  5.307   1.522   1.00 10.00 ? 20 DA  B N7     1 
ATOM   616 C C5     . DA  B 2 6  ? -2.500  5.485   0.218   1.00 10.00 ? 20 DA  B C5     1 
ATOM   617 C C6     . DA  B 2 6  ? -1.961  5.256   -1.069  1.00 10.00 ? 20 DA  B C6     1 
ATOM   618 N N6     . DA  B 2 6  ? -0.760  4.747   -1.296  1.00 10.00 ? 20 DA  B N6     1 
ATOM   619 N N1     . DA  B 2 6  ? -2.675  5.544   -2.162  1.00 10.00 ? 20 DA  B N1     1 
ATOM   620 C C2     . DA  B 2 6  ? -3.898  6.043   -2.009  1.00 10.00 ? 20 DA  B C2     1 
ATOM   621 N N3     . DA  B 2 6  ? -4.539  6.284   -0.870  1.00 10.00 ? 20 DA  B N3     1 
ATOM   622 C C4     . DA  B 2 6  ? -3.774  5.991   0.219   1.00 10.00 ? 20 DA  B C4     1 
ATOM   623 H "H5'"  . DA  B 2 6  ? -4.326  9.012   4.753   1.00 10.00 ? 20 DA  B "H5'"  1 
ATOM   624 H "H5''" . DA  B 2 6  ? -5.455  8.298   5.918   1.00 10.00 ? 20 DA  B "H5''" 1 
ATOM   625 H "H4'"  . DA  B 2 6  ? -6.629  8.793   3.858   1.00 10.00 ? 20 DA  B "H4'"  1 
ATOM   626 H "H3'"  . DA  B 2 6  ? -6.818  6.326   5.045   1.00 10.00 ? 20 DA  B "H3'"  1 
ATOM   627 H "H2'"  . DA  B 2 6  ? -5.252  5.205   3.716   1.00 10.00 ? 20 DA  B "H2'"  1 
ATOM   628 H "H2''" . DA  B 2 6  ? -6.682  4.910   2.700   1.00 10.00 ? 20 DA  B "H2''" 1 
ATOM   629 H "H1'"  . DA  B 2 6  ? -6.157  6.641   1.207   1.00 10.00 ? 20 DA  B "H1'"  1 
ATOM   630 H H8     . DA  B 2 6  ? -3.006  5.712   3.339   1.00 10.00 ? 20 DA  B H8     1 
ATOM   631 H H61    . DA  B 2 6  ? -0.436  4.638   -2.259  1.00 10.00 ? 20 DA  B H61    1 
ATOM   632 H H62    . DA  B 2 6  ? -0.190  4.487   -0.509  1.00 10.00 ? 20 DA  B H62    1 
ATOM   633 H H2     . DA  B 2 6  ? -4.441  6.261   -2.918  1.00 10.00 ? 20 DA  B H2     1 
ATOM   634 P P      . DT  B 2 7  ? -9.326  5.872   3.739   1.00 10.00 ? 21 DT  B P      1 
ATOM   635 O OP1    . DT  B 2 7  ? -10.599 6.620   3.650   1.00 10.00 ? 21 DT  B OP1    1 
ATOM   636 O OP2    . DT  B 2 7  ? -9.034  5.042   4.927   1.00 10.00 ? 21 DT  B OP2    1 
ATOM   637 O "O5'"  . DT  B 2 7  ? -9.179  4.960   2.421   1.00 10.00 ? 21 DT  B "O5'"  1 
ATOM   638 C "C5'"  . DT  B 2 7  ? -9.541  5.467   1.148   1.00 10.00 ? 21 DT  B "C5'"  1 
ATOM   639 C "C4'"  . DT  B 2 7  ? -9.018  4.592   0.007   1.00 10.00 ? 21 DT  B "C4'"  1 
ATOM   640 O "O4'"  . DT  B 2 7  ? -7.600  4.572   -0.021  1.00 10.00 ? 21 DT  B "O4'"  1 
ATOM   641 C "C3'"  . DT  B 2 7  ? -9.448  3.123   0.063   1.00 10.00 ? 21 DT  B "C3'"  1 
ATOM   642 O "O3'"  . DT  B 2 7  ? -10.657 2.910   -0.654  1.00 10.00 ? 21 DT  B "O3'"  1 
ATOM   643 C "C2'"  . DT  B 2 7  ? -8.258  2.409   -0.581  1.00 10.00 ? 21 DT  B "C2'"  1 
ATOM   644 C "C1'"  . DT  B 2 7  ? -7.256  3.519   -0.895  1.00 10.00 ? 21 DT  B "C1'"  1 
ATOM   645 N N1     . DT  B 2 7  ? -5.851  3.063   -0.734  1.00 10.00 ? 21 DT  B N1     1 
ATOM   646 C C2     . DT  B 2 7  ? -5.137  2.749   -1.893  1.00 10.00 ? 21 DT  B C2     1 
ATOM   647 O O2     . DT  B 2 7  ? -5.613  2.804   -3.022  1.00 10.00 ? 21 DT  B O2     1 
ATOM   648 N N3     . DT  B 2 7  ? -3.838  2.337   -1.720  1.00 10.00 ? 21 DT  B N3     1 
ATOM   649 C C4     . DT  B 2 7  ? -3.191  2.163   -0.517  1.00 10.00 ? 21 DT  B C4     1 
ATOM   650 O O4     . DT  B 2 7  ? -2.020  1.793   -0.532  1.00 10.00 ? 21 DT  B O4     1 
ATOM   651 C C5     . DT  B 2 7  ? -4.015  2.445   0.659   1.00 10.00 ? 21 DT  B C5     1 
ATOM   652 C C7     . DT  B 2 7  ? -3.455  2.246   2.055   1.00 10.00 ? 21 DT  B C7     1 
ATOM   653 C C6     . DT  B 2 7  ? -5.296  2.882   0.516   1.00 10.00 ? 21 DT  B C6     1 
ATOM   654 H "H5'"  . DT  B 2 7  ? -9.128  6.469   1.030   1.00 10.00 ? 21 DT  B "H5'"  1 
ATOM   655 H "H5''" . DT  B 2 7  ? -10.629 5.528   1.088   1.00 10.00 ? 21 DT  B "H5''" 1 
ATOM   656 H "H4'"  . DT  B 2 7  ? -9.375  5.012   -0.934  1.00 10.00 ? 21 DT  B "H4'"  1 
ATOM   657 H "H3'"  . DT  B 2 7  ? -9.547  2.813   1.106   1.00 10.00 ? 21 DT  B "H3'"  1 
ATOM   658 H "H2'"  . DT  B 2 7  ? -7.848  1.696   0.134   1.00 10.00 ? 21 DT  B "H2'"  1 
ATOM   659 H "H2''" . DT  B 2 7  ? -8.531  1.912   -1.510  1.00 10.00 ? 21 DT  B "H2''" 1 
ATOM   660 H "H1'"  . DT  B 2 7  ? -7.413  3.856   -1.924  1.00 10.00 ? 21 DT  B "H1'"  1 
ATOM   661 H H3     . DT  B 2 7  ? -3.327  2.087   -2.561  1.00 10.00 ? 21 DT  B H3     1 
ATOM   662 H H71    . DT  B 2 7  ? -2.387  2.472   2.060   1.00 10.00 ? 21 DT  B H71    1 
ATOM   663 H H72    . DT  B 2 7  ? -3.951  2.906   2.766   1.00 10.00 ? 21 DT  B H72    1 
ATOM   664 H H73    . DT  B 2 7  ? -3.599  1.210   2.363   1.00 10.00 ? 21 DT  B H73    1 
ATOM   665 H H6     . DT  B 2 7  ? -5.901  3.099   1.386   1.00 10.00 ? 21 DT  B H6     1 
HETATM 666 P P      . C2S B 2 8  ? -11.385 1.461   -0.713  1.00 10.00 ? 22 C2S B P      1 
HETATM 667 S S1P    . C2S B 2 8  ? -13.324 1.680   -1.038  1.00 10.00 ? 22 C2S B S1P    1 
HETATM 668 S S2P    . C2S B 2 8  ? -11.139 0.479   0.984   1.00 10.00 ? 22 C2S B S2P    1 
HETATM 669 O "O5'"  . C2S B 2 8  ? -10.708 0.633   -1.919  1.00 10.00 ? 22 C2S B "O5'"  1 
HETATM 670 C "C5'"  . C2S B 2 8  ? -10.883 1.028   -3.271  1.00 10.00 ? 22 C2S B "C5'"  1 
HETATM 671 C "C4'"  . C2S B 2 8  ? -10.072 0.148   -4.230  1.00 10.00 ? 22 C2S B "C4'"  1 
HETATM 672 O "O4'"  . C2S B 2 8  ? -8.690  0.294   -3.938  1.00 10.00 ? 22 C2S B "O4'"  1 
HETATM 673 C "C3'"  . C2S B 2 8  ? -10.429 -1.342  -4.148  1.00 10.00 ? 22 C2S B "C3'"  1 
HETATM 674 O "O3'"  . C2S B 2 8  ? -10.598 -1.853  -5.462  1.00 10.00 ? 22 C2S B "O3'"  1 
HETATM 675 C "C2'"  . C2S B 2 8  ? -9.216  -1.939  -3.441  1.00 10.00 ? 22 C2S B "C2'"  1 
HETATM 676 C "C1'"  . C2S B 2 8  ? -8.096  -0.988  -3.869  1.00 10.00 ? 22 C2S B "C1'"  1 
HETATM 677 N N1     . C2S B 2 8  ? -6.963  -0.942  -2.903  1.00 10.00 ? 22 C2S B N1     1 
HETATM 678 C C2     . C2S B 2 8  ? -5.668  -1.232  -3.348  1.00 10.00 ? 22 C2S B C2     1 
HETATM 679 O O2     . C2S B 2 8  ? -5.430  -1.531  -4.516  1.00 10.00 ? 22 C2S B O2     1 
HETATM 680 N N3     . C2S B 2 8  ? -4.632  -1.218  -2.472  1.00 10.00 ? 22 C2S B N3     1 
HETATM 681 C C4     . C2S B 2 8  ? -4.856  -0.927  -1.202  1.00 10.00 ? 22 C2S B C4     1 
HETATM 682 N N4     . C2S B 2 8  ? -3.821  -0.954  -0.403  1.00 10.00 ? 22 C2S B N4     1 
HETATM 683 C C5     . C2S B 2 8  ? -6.151  -0.602  -0.700  1.00 10.00 ? 22 C2S B C5     1 
HETATM 684 C C6     . C2S B 2 8  ? -7.180  -0.618  -1.584  1.00 10.00 ? 22 C2S B C6     1 
HETATM 685 H "H5'"  . C2S B 2 8  ? -10.560 2.063   -3.390  1.00 10.00 ? 22 C2S B "H5'"  1 
HETATM 686 H "H5''" . C2S B 2 8  ? -11.940 0.958   -3.534  1.00 10.00 ? 22 C2S B "H5''" 1 
HETATM 687 H "H4'"  . C2S B 2 8  ? -10.255 0.488   -5.250  1.00 10.00 ? 22 C2S B "H4'"  1 
HETATM 688 H "H3'"  . C2S B 2 8  ? -11.337 -1.499  -3.563  1.00 10.00 ? 22 C2S B "H3'"  1 
HETATM 689 H "H2'1" . C2S B 2 8  ? -9.392  -1.901  -2.367  1.00 10.00 ? 22 C2S B "H2'1" 1 
HETATM 690 H "H1'"  . C2S B 2 8  ? -7.751  -1.279  -4.867  1.00 10.00 ? 22 C2S B "H1'"  1 
HETATM 691 H H41    . C2S B 2 8  ? -3.903  -0.771  0.575   1.00 10.00 ? 22 C2S B H41    1 
HETATM 692 H H42    . C2S B 2 8  ? -2.920  -1.182  -0.837  1.00 10.00 ? 22 C2S B H42    1 
HETATM 693 H H5     . C2S B 2 8  ? -6.326  -0.356  0.336   1.00 10.00 ? 22 C2S B H5     1 
HETATM 694 H H6     . C2S B 2 8  ? -8.189  -0.378  -1.264  1.00 10.00 ? 22 C2S B H6     1 
HETATM 695 H "H2'2" . C2S B 2 8  ? -9.018  -2.963  -3.752  1.00 10.00 ? 22 C2S B "H2'2" 1 
ATOM   696 P P      . DT  B 2 9  ? -11.148 -3.347  -5.740  1.00 10.00 ? 23 DT  B P      1 
ATOM   697 O OP1    . DT  B 2 9  ? -11.915 -3.324  -7.004  1.00 10.00 ? 23 DT  B OP1    1 
ATOM   698 O OP2    . DT  B 2 9  ? -11.774 -3.854  -4.501  1.00 10.00 ? 23 DT  B OP2    1 
ATOM   699 O "O5'"  . DT  B 2 9  ? -9.783  -4.166  -5.988  1.00 10.00 ? 23 DT  B "O5'"  1 
ATOM   700 C "C5'"  . DT  B 2 9  ? -9.054  -4.003  -7.194  1.00 10.00 ? 23 DT  B "C5'"  1 
ATOM   701 C "C4'"  . DT  B 2 9  ? -7.790  -4.868  -7.223  1.00 10.00 ? 23 DT  B "C4'"  1 
ATOM   702 O "O4'"  . DT  B 2 9  ? -6.857  -4.404  -6.257  1.00 10.00 ? 23 DT  B "O4'"  1 
ATOM   703 C "C3'"  . DT  B 2 9  ? -8.052  -6.359  -6.950  1.00 10.00 ? 23 DT  B "C3'"  1 
ATOM   704 O "O3'"  . DT  B 2 9  ? -7.579  -7.124  -8.052  1.00 10.00 ? 23 DT  B "O3'"  1 
ATOM   705 C "C2'"  . DT  B 2 9  ? -7.249  -6.607  -5.675  1.00 10.00 ? 23 DT  B "C2'"  1 
ATOM   706 C "C1'"  . DT  B 2 9  ? -6.169  -5.530  -5.761  1.00 10.00 ? 23 DT  B "C1'"  1 
ATOM   707 N N1     . DT  B 2 9  ? -5.530  -5.206  -4.456  1.00 10.00 ? 23 DT  B N1     1 
ATOM   708 C C2     . DT  B 2 9  ? -4.143  -5.352  -4.346  1.00 10.00 ? 23 DT  B C2     1 
ATOM   709 O O2     . DT  B 2 9  ? -3.428  -5.775  -5.249  1.00 10.00 ? 23 DT  B O2     1 
ATOM   710 N N3     . DT  B 2 9  ? -3.582  -5.015  -3.136  1.00 10.00 ? 23 DT  B N3     1 
ATOM   711 C C4     . DT  B 2 9  ? -4.259  -4.574  -2.020  1.00 10.00 ? 23 DT  B C4     1 
ATOM   712 O O4     . DT  B 2 9  ? -3.613  -4.314  -1.009  1.00 10.00 ? 23 DT  B O4     1 
ATOM   713 C C5     . DT  B 2 9  ? -5.709  -4.491  -2.184  1.00 10.00 ? 23 DT  B C5     1 
ATOM   714 C C7     . DT  B 2 9  ? -6.596  -4.093  -1.018  1.00 10.00 ? 23 DT  B C7     1 
ATOM   715 C C6     . DT  B 2 9  ? -6.287  -4.789  -3.377  1.00 10.00 ? 23 DT  B C6     1 
ATOM   716 H "H5'"  . DT  B 2 9  ? -8.769  -2.956  -7.306  1.00 10.00 ? 23 DT  B "H5'"  1 
ATOM   717 H "H5''" . DT  B 2 9  ? -9.690  -4.285  -8.033  1.00 10.00 ? 23 DT  B "H5''" 1 
ATOM   718 H "H4'"  . DT  B 2 9  ? -7.336  -4.777  -8.210  1.00 10.00 ? 23 DT  B "H4'"  1 
ATOM   719 H "H3'"  . DT  B 2 9  ? -9.116  -6.544  -6.779  1.00 10.00 ? 23 DT  B "H3'"  1 
ATOM   720 H "H2'"  . DT  B 2 9  ? -7.900  -6.447  -4.816  1.00 10.00 ? 23 DT  B "H2'"  1 
ATOM   721 H "H2''" . DT  B 2 9  ? -6.817  -7.602  -5.645  1.00 10.00 ? 23 DT  B "H2''" 1 
ATOM   722 H "H1'"  . DT  B 2 9  ? -5.414  -5.845  -6.488  1.00 10.00 ? 23 DT  B "H1'"  1 
ATOM   723 H H3     . DT  B 2 9  ? -2.580  -5.151  -3.042  1.00 10.00 ? 23 DT  B H3     1 
ATOM   724 H H71    . DT  B 2 9  ? -7.434  -3.490  -1.368  1.00 10.00 ? 23 DT  B H71    1 
ATOM   725 H H72    . DT  B 2 9  ? -6.981  -4.991  -0.534  1.00 10.00 ? 23 DT  B H72    1 
ATOM   726 H H73    . DT  B 2 9  ? -6.025  -3.518  -0.290  1.00 10.00 ? 23 DT  B H73    1 
ATOM   727 H H6     . DT  B 2 9  ? -7.357  -4.697  -3.499  1.00 10.00 ? 23 DT  B H6     1 
HETATM 728 P P      . C2S B 2 10 ? -7.739  -8.734  -8.136  1.00 10.00 ? 24 C2S B P      1 
HETATM 729 S S1P    . C2S B 2 10 ? -8.010  -9.300  -10.012 1.00 10.00 ? 24 C2S B S1P    1 
HETATM 730 S S2P    . C2S B 2 10 ? -9.288  -9.351  -7.071  1.00 10.00 ? 24 C2S B S2P    1 
HETATM 731 O "O5'"  . C2S B 2 10 ? -6.376  -9.359  -7.549  1.00 10.00 ? 24 C2S B "O5'"  1 
HETATM 732 C "C5'"  . C2S B 2 10 ? -5.159  -9.250  -8.270  1.00 10.00 ? 24 C2S B "C5'"  1 
HETATM 733 C "C4'"  . C2S B 2 10 ? -3.960  -9.759  -7.462  1.00 10.00 ? 24 C2S B "C4'"  1 
HETATM 734 O "O4'"  . C2S B 2 10 ? -3.780  -8.934  -6.319  1.00 10.00 ? 24 C2S B "O4'"  1 
HETATM 735 C "C3'"  . C2S B 2 10 ? -4.093  -11.212 -6.976  1.00 10.00 ? 24 C2S B "C3'"  1 
HETATM 736 O "O3'"  . C2S B 2 10 ? -2.904  -11.915 -7.309  1.00 10.00 ? 24 C2S B "O3'"  1 
HETATM 737 C "C2'"  . C2S B 2 10 ? -4.254  -11.031 -5.471  1.00 10.00 ? 24 C2S B "C2'"  1 
HETATM 738 C "C1'"  . C2S B 2 10 ? -3.415  -9.774  -5.246  1.00 10.00 ? 24 C2S B "C1'"  1 
HETATM 739 N N1     . C2S B 2 10 ? -3.675  -9.098  -3.947  1.00 10.00 ? 24 C2S B N1     1 
HETATM 740 C C2     . C2S B 2 10 ? -2.600  -8.849  -3.085  1.00 10.00 ? 24 C2S B C2     1 
HETATM 741 O O2     . C2S B 2 10 ? -1.447  -9.162  -3.375  1.00 10.00 ? 24 C2S B O2     1 
HETATM 742 N N3     . C2S B 2 10 ? -2.823  -8.284  -1.874  1.00 10.00 ? 24 C2S B N3     1 
HETATM 743 C C4     . C2S B 2 10 ? -4.051  -7.956  -1.521  1.00 10.00 ? 24 C2S B C4     1 
HETATM 744 N N4     . C2S B 2 10 ? -4.190  -7.434  -0.329  1.00 10.00 ? 24 C2S B N4     1 
HETATM 745 C C5     . C2S B 2 10 ? -5.181  -8.167  -2.366  1.00 10.00 ? 24 C2S B C5     1 
HETATM 746 C C6     . C2S B 2 10 ? -4.949  -8.740  -3.574  1.00 10.00 ? 24 C2S B C6     1 
HETATM 747 H "H5'"  . C2S B 2 10 ? -4.981  -8.204  -8.526  1.00 10.00 ? 24 C2S B "H5'"  1 
HETATM 748 H "H5''" . C2S B 2 10 ? -5.234  -9.827  -9.194  1.00 10.00 ? 24 C2S B "H5''" 1 
HETATM 749 H "H4'"  . C2S B 2 10 ? -3.069  -9.689  -8.087  1.00 10.00 ? 24 C2S B "H4'"  1 
HETATM 750 H "H3'"  . C2S B 2 10 ? -4.966  -11.704 -7.410  1.00 10.00 ? 24 C2S B "H3'"  1 
HETATM 751 H "H2'1" . C2S B 2 10 ? -5.306  -10.859 -5.250  1.00 10.00 ? 24 C2S B "H2'1" 1 
HETATM 752 H "H1'"  . C2S B 2 10 ? -2.355  -10.039 -5.340  1.00 10.00 ? 24 C2S B "H1'"  1 
HETATM 753 H H41    . C2S B 2 10 ? -5.069  -7.110  0.019   1.00 10.00 ? 24 C2S B H41    1 
HETATM 754 H H42    . C2S B 2 10 ? -3.318  -7.317  0.198   1.00 10.00 ? 24 C2S B H42    1 
HETATM 755 H H5     . C2S B 2 10 ? -6.182  -7.890  -2.077  1.00 10.00 ? 24 C2S B H5     1 
HETATM 756 H H6     . C2S B 2 10 ? -5.762  -8.925  -4.263  1.00 10.00 ? 24 C2S B H6     1 
HETATM 757 H "H2'2" . C2S B 2 10 ? -3.882  -11.882 -4.904  1.00 10.00 ? 24 C2S B "H2'2" 1 
ATOM   758 P P      . DC  B 2 11 ? -2.710  -13.493 -7.012  1.00 10.00 ? 25 DC  B P      1 
ATOM   759 O OP1    . DC  B 2 11 ? -2.080  -14.108 -8.199  1.00 10.00 ? 25 DC  B OP1    1 
ATOM   760 O OP2    . DC  B 2 11 ? -3.979  -14.035 -6.480  1.00 10.00 ? 25 DC  B OP2    1 
ATOM   761 O "O5'"  . DC  B 2 11 ? -1.631  -13.473 -5.812  1.00 10.00 ? 25 DC  B "O5'"  1 
ATOM   762 C "C5'"  . DC  B 2 11 ? -0.280  -13.111 -6.063  1.00 10.00 ? 25 DC  B "C5'"  1 
ATOM   763 C "C4'"  . DC  B 2 11 ? 0.623   -13.277 -4.832  1.00 10.00 ? 25 DC  B "C4'"  1 
ATOM   764 O "O4'"  . DC  B 2 11 ? 0.233   -12.351 -3.828  1.00 10.00 ? 25 DC  B "O4'"  1 
ATOM   765 C "C3'"  . DC  B 2 11 ? 0.581   -14.688 -4.231  1.00 10.00 ? 25 DC  B "C3'"  1 
ATOM   766 O "O3'"  . DC  B 2 11 ? 1.903   -15.112 -3.935  1.00 10.00 ? 25 DC  B "O3'"  1 
ATOM   767 C "C2'"  . DC  B 2 11 ? -0.256  -14.478 -2.975  1.00 10.00 ? 25 DC  B "C2'"  1 
ATOM   768 C "C1'"  . DC  B 2 11 ? 0.099   -13.040 -2.600  1.00 10.00 ? 25 DC  B "C1'"  1 
ATOM   769 N N1     . DC  B 2 11 ? -0.959  -12.389 -1.786  1.00 10.00 ? 25 DC  B N1     1 
ATOM   770 C C2     . DC  B 2 11 ? -0.665  -11.965 -0.485  1.00 10.00 ? 25 DC  B C2     1 
ATOM   771 O O2     . DC  B 2 11 ? 0.449   -12.115 0.012   1.00 10.00 ? 25 DC  B O2     1 
ATOM   772 N N3     . DC  B 2 11 ? -1.629  -11.390 0.274   1.00 10.00 ? 25 DC  B N3     1 
ATOM   773 C C4     . DC  B 2 11 ? -2.845  -11.239 -0.223  1.00 10.00 ? 25 DC  B C4     1 
ATOM   774 N N4     . DC  B 2 11 ? -3.724  -10.673 0.564   1.00 10.00 ? 25 DC  B N4     1 
ATOM   775 C C5     . DC  B 2 11 ? -3.202  -11.657 -1.541  1.00 10.00 ? 25 DC  B C5     1 
ATOM   776 C C6     . DC  B 2 11 ? -2.224  -12.219 -2.296  1.00 10.00 ? 25 DC  B C6     1 
ATOM   777 H "H5'"  . DC  B 2 11 ? -0.242  -12.071 -6.392  1.00 10.00 ? 25 DC  B "H5'"  1 
ATOM   778 H "H5''" . DC  B 2 11 ? 0.112   -13.740 -6.863  1.00 10.00 ? 25 DC  B "H5''" 1 
ATOM   779 H "H4'"  . DC  B 2 11 ? 1.650   -13.061 -5.129  1.00 10.00 ? 25 DC  B "H4'"  1 
ATOM   780 H "H3'"  . DC  B 2 11 ? 0.098   -15.396 -4.909  1.00 10.00 ? 25 DC  B "H3'"  1 
ATOM   781 H "H2'"  . DC  B 2 11 ? -1.309  -14.574 -3.240  1.00 10.00 ? 25 DC  B "H2'"  1 
ATOM   782 H "H2''" . DC  B 2 11 ? -0.001  -15.180 -2.183  1.00 10.00 ? 25 DC  B "H2''" 1 
ATOM   783 H "H1'"  . DC  B 2 11 ? 1.061   -13.039 -2.076  1.00 10.00 ? 25 DC  B "H1'"  1 
ATOM   784 H H41    . DC  B 2 11 ? -3.374  -10.372 1.479   1.00 10.00 ? 25 DC  B H41    1 
ATOM   785 H H42    . DC  B 2 11 ? -4.653  -10.480 0.254   1.00 10.00 ? 25 DC  B H42    1 
ATOM   786 H H5     . DC  B 2 11 ? -4.194  -11.527 -1.943  1.00 10.00 ? 25 DC  B H5     1 
ATOM   787 H H6     . DC  B 2 11 ? -2.410  -12.540 -3.316  1.00 10.00 ? 25 DC  B H6     1 
ATOM   788 P P      . DT  B 2 12 ? 2.232   -16.593 -3.376  1.00 10.00 ? 26 DT  B P      1 
ATOM   789 O OP1    . DT  B 2 12 ? 3.512   -17.033 -3.969  1.00 10.00 ? 26 DT  B OP1    1 
ATOM   790 O OP2    . DT  B 2 12 ? 1.021   -17.432 -3.519  1.00 10.00 ? 26 DT  B OP2    1 
ATOM   791 O "O5'"  . DT  B 2 12 ? 2.465   -16.312 -1.807  1.00 10.00 ? 26 DT  B "O5'"  1 
ATOM   792 C "C5'"  . DT  B 2 12 ? 3.616   -15.608 -1.364  1.00 10.00 ? 26 DT  B "C5'"  1 
ATOM   793 C "C4'"  . DT  B 2 12 ? 3.709   -15.547 0.165   1.00 10.00 ? 26 DT  B "C4'"  1 
ATOM   794 O "O4'"  . DT  B 2 12 ? 2.653   -14.754 0.682   1.00 10.00 ? 26 DT  B "O4'"  1 
ATOM   795 C "C3'"  . DT  B 2 12 ? 3.642   -16.929 0.833   1.00 10.00 ? 26 DT  B "C3'"  1 
ATOM   796 O "O3'"  . DT  B 2 12 ? 4.741   -17.061 1.725   1.00 10.00 ? 26 DT  B "O3'"  1 
ATOM   797 C "C2'"  . DT  B 2 12 ? 2.298   -16.882 1.559   1.00 10.00 ? 26 DT  B "C2'"  1 
ATOM   798 C "C1'"  . DT  B 2 12 ? 2.145   -15.387 1.838   1.00 10.00 ? 26 DT  B "C1'"  1 
ATOM   799 N N1     . DT  B 2 12 ? 0.740   -14.953 2.056   1.00 10.00 ? 26 DT  B N1     1 
ATOM   800 C C2     . DT  B 2 12 ? 0.427   -14.284 3.247   1.00 10.00 ? 26 DT  B C2     1 
ATOM   801 O O2     . DT  B 2 12 ? 1.231   -14.100 4.155   1.00 10.00 ? 26 DT  B O2     1 
ATOM   802 N N3     . DT  B 2 12 ? -0.865  -13.825 3.377   1.00 10.00 ? 26 DT  B N3     1 
ATOM   803 C C4     . DT  B 2 12 ? -1.876  -13.986 2.452   1.00 10.00 ? 26 DT  B C4     1 
ATOM   804 O O4     . DT  B 2 12 ? -2.979  -13.509 2.696   1.00 10.00 ? 26 DT  B O4     1 
ATOM   805 C C5     . DT  B 2 12 ? -1.496  -14.728 1.252   1.00 10.00 ? 26 DT  B C5     1 
ATOM   806 C C7     . DT  B 2 12 ? -2.530  -15.021 0.179   1.00 10.00 ? 26 DT  B C7     1 
ATOM   807 C C6     . DT  B 2 12 ? -0.221  -15.169 1.088   1.00 10.00 ? 26 DT  B C6     1 
ATOM   808 H "H5'"  . DT  B 2 12 ? 3.593   -14.592 -1.761  1.00 10.00 ? 26 DT  B "H5'"  1 
ATOM   809 H "H5''" . DT  B 2 12 ? 4.507   -16.111 -1.744  1.00 10.00 ? 26 DT  B "H5''" 1 
ATOM   810 H "H4'"  . DT  B 2 12 ? 4.657   -15.081 0.433   1.00 10.00 ? 26 DT  B "H4'"  1 
ATOM   811 H "H3'"  . DT  B 2 12 ? 3.653   -17.721 0.081   1.00 10.00 ? 26 DT  B "H3'"  1 
ATOM   812 H "H2'"  . DT  B 2 12 ? 1.524   -17.240 0.880   1.00 10.00 ? 26 DT  B "H2'"  1 
ATOM   813 H "H2''" . DT  B 2 12 ? 2.292   -17.463 2.480   1.00 10.00 ? 26 DT  B "H2''" 1 
ATOM   814 H "H1'"  . DT  B 2 12 ? 2.769   -15.125 2.698   1.00 10.00 ? 26 DT  B "H1'"  1 
ATOM   815 H H3     . DT  B 2 12 ? -1.092  -13.333 4.236   1.00 10.00 ? 26 DT  B H3     1 
ATOM   816 H H71    . DT  B 2 12 ? -3.069  -15.930 0.445   1.00 10.00 ? 26 DT  B H71    1 
ATOM   817 H H72    . DT  B 2 12 ? -3.239  -14.195 0.112   1.00 10.00 ? 26 DT  B H72    1 
ATOM   818 H H73    . DT  B 2 12 ? -2.052  -15.157 -0.790  1.00 10.00 ? 26 DT  B H73    1 
ATOM   819 H H6     . DT  B 2 12 ? 0.062   -15.686 0.181   1.00 10.00 ? 26 DT  B H6     1 
HETATM 820 P P      . G2S B 2 13 ? 5.151   -18.475 2.392   1.00 10.00 ? 27 G2S B P      1 
HETATM 821 S S1P    . G2S B 2 13 ? 7.047   -18.447 2.953   1.00 10.00 ? 27 G2S B S1P    1 
HETATM 822 S S2P    . G2S B 2 13 ? 4.931   -19.958 1.102   1.00 10.00 ? 27 G2S B S2P    1 
HETATM 823 O "O5'"  . G2S B 2 13 ? 4.184   -18.689 3.659   1.00 10.00 ? 27 G2S B "O5'"  1 
HETATM 824 C "C5'"  . G2S B 2 13 ? 4.425   -18.030 4.893   1.00 10.00 ? 27 G2S B "C5'"  1 
HETATM 825 C "C4'"  . G2S B 2 13 ? 3.224   -18.152 5.837   1.00 10.00 ? 27 G2S B "C4'"  1 
HETATM 826 O "O4'"  . G2S B 2 13 ? 2.164   -17.311 5.385   1.00 10.00 ? 27 G2S B "O4'"  1 
HETATM 827 C "C3'"  . G2S B 2 13 ? 2.662   -19.586 5.926   1.00 10.00 ? 27 G2S B "C3'"  1 
HETATM 828 O "O3'"  . G2S B 2 13 ? 2.344   -19.961 7.257   1.00 10.00 ? 27 G2S B "O3'"  1 
HETATM 829 C "C2'"  . G2S B 2 13 ? 1.348   -19.447 5.168   1.00 10.00 ? 27 G2S B "C2'"  1 
HETATM 830 C "C1'"  . G2S B 2 13 ? 0.974   -18.035 5.609   1.00 10.00 ? 27 G2S B "C1'"  1 
HETATM 831 N N9     . G2S B 2 13 ? -0.213  -17.465 4.932   1.00 10.00 ? 27 G2S B N9     1 
HETATM 832 C C8     . G2S B 2 13 ? -0.733  -17.746 3.692   1.00 10.00 ? 27 G2S B C8     1 
HETATM 833 N N7     . G2S B 2 13 ? -1.917  -17.243 3.480   1.00 10.00 ? 27 G2S B N7     1 
HETATM 834 C C5     . G2S B 2 13 ? -2.220  -16.584 4.676   1.00 10.00 ? 27 G2S B C5     1 
HETATM 835 C C6     . G2S B 2 13 ? -3.394  -15.874 5.109   1.00 10.00 ? 27 G2S B C6     1 
HETATM 836 O O6     . G2S B 2 13 ? -4.454  -15.663 4.522   1.00 10.00 ? 27 G2S B O6     1 
HETATM 837 N N1     . G2S B 2 13 ? -3.287  -15.379 6.394   1.00 10.00 ? 27 G2S B N1     1 
HETATM 838 C C2     . G2S B 2 13 ? -2.185  -15.516 7.178   1.00 10.00 ? 27 G2S B C2     1 
HETATM 839 N N2     . G2S B 2 13 ? -2.240  -15.004 8.385   1.00 10.00 ? 27 G2S B N2     1 
HETATM 840 N N3     . G2S B 2 13 ? -1.090  -16.183 6.824   1.00 10.00 ? 27 G2S B N3     1 
HETATM 841 C C4     . G2S B 2 13 ? -1.163  -16.691 5.556   1.00 10.00 ? 27 G2S B C4     1 
HETATM 842 H "H5'"  . G2S B 2 13 ? 4.624   -16.972 4.717   1.00 10.00 ? 27 G2S B "H5'"  1 
HETATM 843 H "H5''" . G2S B 2 13 ? 5.297   -18.478 5.373   1.00 10.00 ? 27 G2S B "H5''" 1 
HETATM 844 H "H4'"  . G2S B 2 13 ? 3.533   -17.827 6.831   1.00 10.00 ? 27 G2S B "H4'"  1 
HETATM 845 H "H3'"  . G2S B 2 13 ? 3.319   -20.322 5.456   1.00 10.00 ? 27 G2S B "H3'"  1 
HETATM 846 H "H2'1" . G2S B 2 13 ? 1.533   -19.486 4.094   1.00 10.00 ? 27 G2S B "H2'1" 1 
HETATM 847 H "H1'"  . G2S B 2 13 ? 0.773   -18.040 6.683   1.00 10.00 ? 27 G2S B "H1'"  1 
HETATM 848 H H8     . G2S B 2 13 ? -0.210  -18.343 2.958   1.00 10.00 ? 27 G2S B H8     1 
HETATM 849 H H1     . G2S B 2 13 ? -4.079  -14.858 6.749   1.00 10.00 ? 27 G2S B H1     1 
HETATM 850 H H21    . G2S B 2 13 ? -3.090  -14.556 8.745   1.00 10.00 ? 27 G2S B H21    1 
HETATM 851 H H22    . G2S B 2 13 ? -1.424  -15.144 8.950   1.00 10.00 ? 27 G2S B H22    1 
HETATM 852 H "H2'2" . G2S B 2 13 ? 0.613   -20.191 5.475   1.00 10.00 ? 27 G2S B "H2'2" 1 
ATOM   853 P P      . DG  B 2 14 ? 3.468   -20.450 8.301   1.00 10.00 ? 28 DG  B P      1 
ATOM   854 O OP1    . DG  B 2 14 ? 4.707   -19.677 8.069   1.00 10.00 ? 28 DG  B OP1    1 
ATOM   855 O OP2    . DG  B 2 14 ? 3.490   -21.927 8.300   1.00 10.00 ? 28 DG  B OP2    1 
ATOM   856 O "O5'"  . DG  B 2 14 ? 2.806   -19.947 9.678   1.00 10.00 ? 28 DG  B "O5'"  1 
ATOM   857 C "C5'"  . DG  B 2 14 ? 2.885   -18.592 10.090  1.00 10.00 ? 28 DG  B "C5'"  1 
ATOM   858 C "C4'"  . DG  B 2 14 ? 1.596   -18.150 10.797  1.00 10.00 ? 28 DG  B "C4'"  1 
ATOM   859 O "O4'"  . DG  B 2 14 ? 0.597   -17.925 9.811   1.00 10.00 ? 28 DG  B "O4'"  1 
ATOM   860 C "C3'"  . DG  B 2 14 ? 1.047   -19.199 11.781  1.00 10.00 ? 28 DG  B "C3'"  1 
ATOM   861 O "O3'"  . DG  B 2 14 ? 0.528   -18.572 12.944  1.00 10.00 ? 28 DG  B "O3'"  1 
ATOM   862 C "C2'"  . DG  B 2 14 ? -0.087  -19.830 10.979  1.00 10.00 ? 28 DG  B "C2'"  1 
ATOM   863 C "C1'"  . DG  B 2 14 ? -0.574  -18.617 10.193  1.00 10.00 ? 28 DG  B "C1'"  1 
ATOM   864 N N9     . DG  B 2 14 ? -1.374  -18.970 9.003   1.00 10.00 ? 28 DG  B N9     1 
ATOM   865 C C8     . DG  B 2 14 ? -1.013  -19.702 7.899   1.00 10.00 ? 28 DG  B C8     1 
ATOM   866 N N7     . DG  B 2 14 ? -1.931  -19.755 6.971   1.00 10.00 ? 28 DG  B N7     1 
ATOM   867 C C5     . DG  B 2 14 ? -2.990  -19.010 7.504   1.00 10.00 ? 28 DG  B C5     1 
ATOM   868 C C6     . DG  B 2 14 ? -4.282  -18.658 6.973   1.00 10.00 ? 28 DG  B C6     1 
ATOM   869 O O6     . DG  B 2 14 ? -4.785  -18.909 5.878   1.00 10.00 ? 28 DG  B O6     1 
ATOM   870 N N1     . DG  B 2 14 ? -5.046  -17.915 7.854   1.00 10.00 ? 28 DG  B N1     1 
ATOM   871 C C2     . DG  B 2 14 ? -4.633  -17.538 9.095   1.00 10.00 ? 28 DG  B C2     1 
ATOM   872 N N2     . DG  B 2 14 ? -5.472  -16.845 9.824   1.00 10.00 ? 28 DG  B N2     1 
ATOM   873 N N3     . DG  B 2 14 ? -3.444  -17.832 9.617   1.00 10.00 ? 28 DG  B N3     1 
ATOM   874 C C4     . DG  B 2 14 ? -2.663  -18.562 8.767   1.00 10.00 ? 28 DG  B C4     1 
ATOM   875 H "H5'"  . DG  B 2 14 ? 3.041   -17.942 9.227   1.00 10.00 ? 28 DG  B "H5'"  1 
ATOM   876 H "H5''" . DG  B 2 14 ? 3.733   -18.480 10.765  1.00 10.00 ? 28 DG  B "H5''" 1 
ATOM   877 H "H4'"  . DG  B 2 14 ? 1.788   -17.219 11.332  1.00 10.00 ? 28 DG  B "H4'"  1 
ATOM   878 H "H3'"  . DG  B 2 14 ? 1.809   -19.936 12.042  1.00 10.00 ? 28 DG  B "H3'"  1 
ATOM   879 H "HO3'" . DG  B 2 14 ? 0.161   -19.242 13.527  1.00 10.00 ? 28 DG  B "HO3'" 1 
ATOM   880 H "H2'"  . DG  B 2 14 ? 0.316   -20.588 10.304  1.00 10.00 ? 28 DG  B "H2'"  1 
ATOM   881 H "H2''" . DG  B 2 14 ? -0.869  -20.248 11.613  1.00 10.00 ? 28 DG  B "H2''" 1 
ATOM   882 H "H1'"  . DG  B 2 14 ? -1.165  -17.977 10.852  1.00 10.00 ? 28 DG  B "H1'"  1 
ATOM   883 H H8     . DG  B 2 14 ? -0.039  -20.168 7.811   1.00 10.00 ? 28 DG  B H8     1 
ATOM   884 H H1     . DG  B 2 14 ? -5.947  -17.600 7.509   1.00 10.00 ? 28 DG  B H1     1 
ATOM   885 H H21    . DG  B 2 14 ? -6.392  -16.582 9.452   1.00 10.00 ? 28 DG  B H21    1 
ATOM   886 H H22    . DG  B 2 14 ? -5.116  -16.483 10.687  1.00 10.00 ? 28 DG  B H22    1 
# 
